data_8TCZ
#
_entry.id   8TCZ
#
_cell.length_a   110.147
_cell.length_b   179.293
_cell.length_c   87.865
_cell.angle_alpha   90.00
_cell.angle_beta   106.81
_cell.angle_gamma   90.00
#
_symmetry.space_group_name_H-M   'C 1 2 1'
#
loop_
_entity.id
_entity.type
_entity.pdbx_description
1 polymer 'Pyrroline-5-carboxylate reductase 1, mitochondrial'
2 non-polymer 'SULFATE ION'
3 non-polymer '(1S,2S)-2-(pyridin-2-yl)cyclopropane-1-carboxylic acid'
4 water water
#
_entity_poly.entity_id   1
_entity_poly.type   'polypeptide(L)'
_entity_poly.pdbx_seq_one_letter_code
;MHHHHHHSSGVDLGTENLYFQSMSVGFIGAGQLAFALAKGFTAAGVLAAHKIMASSPDMDLATVSALRKMGVKLTPHNKE
TVQHSDVLFLAVKPHIIPFILDEIGADIEDRHIVVSCAAGVTISSIEKKLSAFRPAPRVIRCMTNTPVVVREGATVYATG
THAQVEDGRLMEQLLSSVGFCTEVEEDLIDAVTGLSGSGPAYAFTALDALADGGVKMGLPRRLAVRLGAQALLGAAKMLL
HSEQHPGQLKDNVSSPGGATIHALHVLESGGFRSLLINAVEASCIRTRELQSMADQEQVSPAAIKKTILDKVKLDS
;
_entity_poly.pdbx_strand_id   A,B,C,D,E
#
loop_
_chem_comp.id
_chem_comp.type
_chem_comp.name
_chem_comp.formula
SO4 non-polymer 'SULFATE ION' 'O4 S -2'
ZRI non-polymer '(1S,2S)-2-(pyridin-2-yl)cyclopropane-1-carboxylic acid' 'C9 H9 N O2'
#
# COMPACT_ATOMS: atom_id res chain seq x y z
N GLU A 16 -26.37 20.33 -12.21
CA GLU A 16 -27.62 21.11 -12.25
C GLU A 16 -27.62 22.09 -13.44
N ASN A 17 -26.84 23.17 -13.32
CA ASN A 17 -26.59 24.02 -14.48
C ASN A 17 -25.83 23.27 -15.57
N LEU A 18 -24.95 22.34 -15.18
CA LEU A 18 -24.22 21.55 -16.16
C LEU A 18 -25.12 20.51 -16.82
N TYR A 19 -25.98 19.85 -16.03
CA TYR A 19 -26.94 18.90 -16.59
C TYR A 19 -27.74 19.53 -17.72
N PHE A 20 -28.30 20.74 -17.48
CA PHE A 20 -29.07 21.42 -18.51
C PHE A 20 -28.20 21.96 -19.64
N GLN A 21 -26.87 21.96 -19.48
CA GLN A 21 -26.00 22.20 -20.64
C GLN A 21 -26.09 21.06 -21.65
N SER A 22 -26.50 19.86 -21.21
CA SER A 22 -26.76 18.73 -22.11
C SER A 22 -25.49 18.33 -22.87
N MET A 23 -24.38 18.28 -22.15
CA MET A 23 -23.09 18.04 -22.78
C MET A 23 -22.98 16.59 -23.24
N SER A 24 -22.33 16.41 -24.38
CA SER A 24 -21.96 15.09 -24.84
C SER A 24 -20.51 14.85 -24.46
N VAL A 25 -20.22 13.71 -23.86
CA VAL A 25 -18.87 13.43 -23.37
C VAL A 25 -18.38 12.14 -24.02
N GLY A 26 -17.12 12.16 -24.43
CA GLY A 26 -16.49 10.99 -25.00
C GLY A 26 -15.24 10.62 -24.21
N PHE A 27 -14.98 9.31 -24.14
CA PHE A 27 -13.76 8.76 -23.59
C PHE A 27 -13.09 7.92 -24.66
N ILE A 28 -11.86 8.27 -25.02
CA ILE A 28 -11.02 7.37 -25.78
C ILE A 28 -10.22 6.54 -24.78
N GLY A 29 -10.44 5.22 -24.81
CA GLY A 29 -10.05 4.40 -23.68
C GLY A 29 -11.30 4.12 -22.88
N ALA A 30 -11.49 2.87 -22.48
CA ALA A 30 -12.63 2.44 -21.68
C ALA A 30 -12.14 1.61 -20.51
N GLY A 31 -10.99 1.99 -19.94
CA GLY A 31 -10.40 1.31 -18.80
C GLY A 31 -10.94 1.79 -17.47
N GLN A 32 -10.11 1.66 -16.43
CA GLN A 32 -10.56 1.92 -15.06
C GLN A 32 -10.91 3.38 -14.84
N LEU A 33 -10.10 4.30 -15.38
CA LEU A 33 -10.36 5.70 -15.13
C LEU A 33 -11.59 6.19 -15.90
N ALA A 34 -11.77 5.70 -17.13
CA ALA A 34 -12.97 6.05 -17.89
C ALA A 34 -14.23 5.56 -17.18
N PHE A 35 -14.16 4.35 -16.61
CA PHE A 35 -15.32 3.86 -15.86
C PHE A 35 -15.53 4.69 -14.61
N ALA A 36 -14.46 4.96 -13.85
CA ALA A 36 -14.59 5.73 -12.62
C ALA A 36 -15.19 7.11 -12.88
N LEU A 37 -14.69 7.80 -13.92
CA LEU A 37 -15.22 9.12 -14.24
C LEU A 37 -16.68 9.05 -14.70
N ALA A 38 -16.98 8.15 -15.64
CA ALA A 38 -18.37 8.01 -16.09
C ALA A 38 -19.29 7.68 -14.93
N LYS A 39 -18.89 6.75 -14.07
CA LYS A 39 -19.70 6.42 -12.91
C LYS A 39 -19.90 7.65 -12.02
N GLY A 40 -18.82 8.41 -11.78
CA GLY A 40 -18.93 9.57 -10.91
C GLY A 40 -19.82 10.65 -11.49
N PHE A 41 -19.66 10.93 -12.79
CA PHE A 41 -20.46 11.98 -13.42
C PHE A 41 -21.94 11.62 -13.40
N THR A 42 -22.27 10.35 -13.61
CA THR A 42 -23.67 9.95 -13.61
C THR A 42 -24.25 9.96 -12.20
N ALA A 43 -23.48 9.48 -11.22
CA ALA A 43 -23.93 9.58 -9.83
C ALA A 43 -24.15 11.02 -9.42
N ALA A 44 -23.30 11.94 -9.88
CA ALA A 44 -23.47 13.35 -9.58
C ALA A 44 -24.67 13.97 -10.27
N GLY A 45 -25.28 13.27 -11.21
CA GLY A 45 -26.36 13.88 -11.98
C GLY A 45 -25.94 14.94 -12.97
N VAL A 46 -24.63 15.15 -13.19
CA VAL A 46 -24.25 16.19 -14.15
C VAL A 46 -24.33 15.71 -15.60
N LEU A 47 -24.38 14.40 -15.82
CA LEU A 47 -24.36 13.83 -17.17
C LEU A 47 -25.31 12.66 -17.20
N ALA A 48 -26.03 12.52 -18.30
CA ALA A 48 -26.75 11.29 -18.57
C ALA A 48 -25.78 10.22 -19.06
N ALA A 49 -25.94 8.99 -18.57
CA ALA A 49 -25.06 7.89 -18.97
C ALA A 49 -25.05 7.70 -20.48
N HIS A 50 -26.23 7.73 -21.13
CA HIS A 50 -26.31 7.56 -22.57
C HIS A 50 -25.81 8.77 -23.35
N LYS A 51 -25.48 9.87 -22.67
CA LYS A 51 -24.79 10.99 -23.32
C LYS A 51 -23.28 10.83 -23.29
N ILE A 52 -22.78 9.72 -22.76
CA ILE A 52 -21.36 9.39 -22.76
C ILE A 52 -21.10 8.32 -23.81
N MET A 53 -20.03 8.49 -24.58
CA MET A 53 -19.59 7.44 -25.50
C MET A 53 -18.13 7.11 -25.21
N ALA A 54 -17.81 5.82 -25.18
CA ALA A 54 -16.45 5.39 -24.90
C ALA A 54 -16.02 4.38 -25.95
N SER A 55 -14.74 4.44 -26.34
CA SER A 55 -14.21 3.51 -27.32
C SER A 55 -13.01 2.77 -26.75
N SER A 56 -12.89 1.49 -27.11
CA SER A 56 -11.73 0.66 -26.81
C SER A 56 -11.46 -0.28 -27.97
N PRO A 57 -10.19 -0.57 -28.25
CA PRO A 57 -9.89 -1.66 -29.19
C PRO A 57 -10.17 -3.04 -28.61
N ASP A 58 -10.27 -3.17 -27.29
CA ASP A 58 -10.63 -4.42 -26.63
C ASP A 58 -11.98 -4.23 -25.96
N MET A 59 -13.01 -4.88 -26.49
CA MET A 59 -14.33 -4.85 -25.89
C MET A 59 -14.52 -5.97 -24.86
N ASP A 60 -13.47 -6.73 -24.55
CA ASP A 60 -13.54 -7.83 -23.59
C ASP A 60 -13.14 -7.40 -22.18
N LEU A 61 -12.87 -6.12 -21.96
CA LEU A 61 -12.52 -5.66 -20.62
C LEU A 61 -13.74 -5.67 -19.71
N ALA A 62 -13.50 -5.95 -18.43
CA ALA A 62 -14.57 -5.87 -17.43
C ALA A 62 -15.09 -4.45 -17.29
N THR A 63 -14.21 -3.46 -17.46
CA THR A 63 -14.66 -2.07 -17.40
C THR A 63 -15.61 -1.75 -18.54
N VAL A 64 -15.42 -2.36 -19.71
CA VAL A 64 -16.31 -2.15 -20.83
C VAL A 64 -17.69 -2.73 -20.53
N SER A 65 -17.74 -3.90 -19.88
CA SER A 65 -19.03 -4.51 -19.57
C SER A 65 -19.78 -3.71 -18.50
N ALA A 66 -19.05 -3.21 -17.51
CA ALA A 66 -19.66 -2.31 -16.52
C ALA A 66 -20.15 -1.03 -17.20
N LEU A 67 -19.37 -0.48 -18.14
CA LEU A 67 -19.83 0.71 -18.84
C LEU A 67 -21.11 0.43 -19.60
N ARG A 68 -21.17 -0.70 -20.30
CA ARG A 68 -22.40 -1.11 -20.98
C ARG A 68 -23.58 -1.11 -20.03
N LYS A 69 -23.43 -1.74 -18.86
CA LYS A 69 -24.56 -1.87 -17.95
C LYS A 69 -25.07 -0.51 -17.50
N MET A 70 -24.15 0.43 -17.28
CA MET A 70 -24.54 1.79 -16.89
C MET A 70 -25.37 2.51 -17.94
N GLY A 71 -25.32 2.10 -19.20
CA GLY A 71 -25.94 2.84 -20.28
C GLY A 71 -24.99 3.66 -21.13
N VAL A 72 -23.68 3.62 -20.85
CA VAL A 72 -22.71 4.32 -21.69
C VAL A 72 -22.70 3.69 -23.09
N LYS A 73 -22.57 4.54 -24.11
CA LYS A 73 -22.45 4.05 -25.47
C LYS A 73 -21.02 3.55 -25.71
N LEU A 74 -20.90 2.37 -26.35
CA LEU A 74 -19.60 1.80 -26.62
C LEU A 74 -19.43 1.59 -28.11
N THR A 75 -18.24 1.91 -28.61
CA THR A 75 -17.91 1.72 -30.01
C THR A 75 -16.44 1.33 -30.09
N PRO A 76 -16.07 0.53 -31.09
CA PRO A 76 -14.64 0.28 -31.32
C PRO A 76 -13.94 1.38 -32.11
N HIS A 77 -14.67 2.40 -32.56
CA HIS A 77 -14.15 3.41 -33.48
C HIS A 77 -13.92 4.73 -32.74
N ASN A 78 -12.66 5.12 -32.61
CA ASN A 78 -12.34 6.37 -31.92
C ASN A 78 -12.95 7.59 -32.61
N LYS A 79 -13.12 7.51 -33.94
CA LYS A 79 -13.69 8.62 -34.69
C LYS A 79 -15.15 8.84 -34.31
N GLU A 80 -15.90 7.75 -34.09
CA GLU A 80 -17.27 7.87 -33.59
C GLU A 80 -17.31 8.55 -32.23
N THR A 81 -16.41 8.17 -31.31
CA THR A 81 -16.33 8.86 -30.03
C THR A 81 -16.07 10.36 -30.24
N VAL A 82 -15.11 10.70 -31.10
CA VAL A 82 -14.79 12.11 -31.35
C VAL A 82 -16.00 12.85 -31.90
N GLN A 83 -16.68 12.26 -32.89
CA GLN A 83 -17.79 12.97 -33.53
C GLN A 83 -18.94 13.17 -32.54
N HIS A 84 -19.15 12.21 -31.63
CA HIS A 84 -20.17 12.33 -30.59
C HIS A 84 -19.86 13.45 -29.60
N SER A 85 -18.58 13.65 -29.28
CA SER A 85 -18.19 14.42 -28.10
C SER A 85 -18.23 15.91 -28.30
N ASP A 86 -18.56 16.63 -27.22
CA ASP A 86 -18.23 18.03 -27.00
C ASP A 86 -16.94 18.15 -26.20
N VAL A 87 -16.88 17.47 -25.06
CA VAL A 87 -15.68 17.35 -24.24
C VAL A 87 -15.15 15.93 -24.44
N LEU A 88 -13.92 15.81 -24.87
CA LEU A 88 -13.33 14.52 -25.20
C LEU A 88 -12.20 14.22 -24.22
N PHE A 89 -12.35 13.16 -23.42
CA PHE A 89 -11.32 12.73 -22.49
C PHE A 89 -10.40 11.71 -23.17
N LEU A 90 -9.09 11.95 -23.08
CA LEU A 90 -8.11 10.95 -23.52
C LEU A 90 -7.69 10.18 -22.27
N ALA A 91 -8.19 8.94 -22.15
CA ALA A 91 -7.88 8.10 -21.01
C ALA A 91 -7.23 6.80 -21.44
N VAL A 92 -6.11 6.90 -22.14
CA VAL A 92 -5.35 5.75 -22.59
C VAL A 92 -3.97 5.85 -21.96
N LYS A 93 -3.20 4.77 -22.10
CA LYS A 93 -1.85 4.78 -21.56
C LYS A 93 -1.06 5.89 -22.24
N PRO A 94 -0.05 6.45 -21.55
CA PRO A 94 0.68 7.59 -22.13
C PRO A 94 1.35 7.32 -23.46
N HIS A 95 1.75 6.07 -23.75
CA HIS A 95 2.44 5.82 -25.00
C HIS A 95 1.50 5.59 -26.18
N ILE A 96 0.19 5.47 -25.92
CA ILE A 96 -0.79 5.35 -27.00
C ILE A 96 -1.18 6.73 -27.54
N ILE A 97 -1.06 7.78 -26.70
CA ILE A 97 -1.56 9.11 -27.07
C ILE A 97 -1.09 9.56 -28.45
N PRO A 98 0.21 9.46 -28.80
CA PRO A 98 0.61 9.93 -30.14
C PRO A 98 -0.05 9.15 -31.29
N PHE A 99 -0.17 7.84 -31.15
CA PHE A 99 -0.92 7.08 -32.14
C PHE A 99 -2.38 7.54 -32.20
N ILE A 100 -2.96 7.86 -31.05
CA ILE A 100 -4.35 8.32 -31.02
C ILE A 100 -4.48 9.67 -31.73
N LEU A 101 -3.56 10.60 -31.47
CA LEU A 101 -3.68 11.92 -32.09
C LEU A 101 -3.45 11.85 -33.60
N ASP A 102 -2.58 10.96 -34.06
CA ASP A 102 -2.45 10.73 -35.49
C ASP A 102 -3.76 10.26 -36.10
N GLU A 103 -4.45 9.34 -35.42
CA GLU A 103 -5.62 8.70 -36.00
C GLU A 103 -6.80 9.66 -36.08
N ILE A 104 -7.11 10.35 -34.98
CA ILE A 104 -8.33 11.16 -34.93
C ILE A 104 -8.04 12.65 -34.99
N GLY A 105 -6.78 13.03 -35.22
CA GLY A 105 -6.44 14.45 -35.27
C GLY A 105 -7.22 15.22 -36.30
N ALA A 106 -7.45 14.61 -37.47
CA ALA A 106 -8.21 15.30 -38.50
C ALA A 106 -9.66 15.54 -38.09
N ASP A 107 -10.17 14.76 -37.13
CA ASP A 107 -11.57 14.88 -36.72
C ASP A 107 -11.78 15.80 -35.52
N ILE A 108 -10.72 16.31 -34.91
CA ILE A 108 -10.90 17.31 -33.86
C ILE A 108 -11.43 18.59 -34.49
N GLU A 109 -12.50 19.13 -33.94
CA GLU A 109 -13.10 20.33 -34.49
C GLU A 109 -12.89 21.51 -33.55
N ASP A 110 -13.18 22.69 -34.07
CA ASP A 110 -13.05 23.89 -33.25
C ASP A 110 -13.90 23.81 -31.99
N ARG A 111 -15.06 23.16 -32.05
CA ARG A 111 -15.93 23.07 -30.88
C ARG A 111 -15.41 22.13 -29.78
N HIS A 112 -14.39 21.32 -30.04
CA HIS A 112 -14.00 20.32 -29.05
C HIS A 112 -13.17 20.93 -27.93
N ILE A 113 -13.37 20.41 -26.72
CA ILE A 113 -12.39 20.54 -25.65
C ILE A 113 -11.77 19.17 -25.45
N VAL A 114 -10.45 19.10 -25.59
CA VAL A 114 -9.70 17.87 -25.45
C VAL A 114 -9.08 17.87 -24.06
N VAL A 115 -9.48 16.91 -23.23
CA VAL A 115 -8.99 16.78 -21.86
C VAL A 115 -8.11 15.54 -21.81
N SER A 116 -6.80 15.73 -21.70
CA SER A 116 -5.91 14.59 -21.60
C SER A 116 -5.76 14.13 -20.14
N CYS A 117 -6.01 12.85 -19.90
CA CYS A 117 -5.80 12.29 -18.58
C CYS A 117 -4.52 11.47 -18.48
N ALA A 118 -3.86 11.19 -19.60
CA ALA A 118 -2.67 10.36 -19.58
C ALA A 118 -1.61 10.97 -18.67
N ALA A 119 -1.09 10.16 -17.75
CA ALA A 119 -0.01 10.65 -16.90
C ALA A 119 1.18 11.07 -17.75
N GLY A 120 1.76 12.20 -17.38
CA GLY A 120 3.01 12.66 -17.94
C GLY A 120 2.93 13.36 -19.28
N VAL A 121 1.86 13.16 -20.04
CA VAL A 121 1.77 13.68 -21.41
C VAL A 121 1.54 15.18 -21.37
N THR A 122 2.44 15.93 -21.97
CA THR A 122 2.39 17.37 -21.84
C THR A 122 1.39 17.99 -22.80
N ILE A 123 0.90 19.17 -22.42
CA ILE A 123 0.03 19.94 -23.30
C ILE A 123 0.75 20.25 -24.61
N SER A 124 2.04 20.58 -24.53
CA SER A 124 2.80 20.93 -25.72
C SER A 124 2.81 19.80 -26.76
N SER A 125 3.01 18.56 -26.32
CA SER A 125 3.05 17.46 -27.27
C SER A 125 1.69 17.21 -27.90
N ILE A 126 0.61 17.39 -27.14
CA ILE A 126 -0.73 17.24 -27.72
C ILE A 126 -1.00 18.36 -28.71
N GLU A 127 -0.70 19.60 -28.32
CA GLU A 127 -0.93 20.73 -29.22
C GLU A 127 -0.06 20.61 -30.47
N LYS A 128 1.18 20.12 -30.34
CA LYS A 128 2.03 19.94 -31.52
C LYS A 128 1.37 19.01 -32.54
N LYS A 129 0.84 17.88 -32.08
CA LYS A 129 0.16 16.94 -32.98
C LYS A 129 -1.10 17.55 -33.57
N LEU A 130 -2.02 18.02 -32.72
CA LEU A 130 -3.34 18.46 -33.21
C LEU A 130 -3.26 19.73 -34.05
N SER A 131 -2.30 20.61 -33.77
CA SER A 131 -2.19 21.86 -34.51
C SER A 131 -1.84 21.65 -35.98
N ALA A 132 -1.29 20.48 -36.35
CA ALA A 132 -1.12 20.20 -37.77
C ALA A 132 -2.45 20.10 -38.51
N PHE A 133 -3.59 19.99 -37.79
CA PHE A 133 -4.90 19.86 -38.43
C PHE A 133 -5.72 21.14 -38.27
N ARG A 134 -6.25 21.39 -37.09
CA ARG A 134 -6.86 22.71 -36.94
C ARG A 134 -5.89 23.63 -36.21
N PRO A 135 -5.94 24.93 -36.47
CA PRO A 135 -4.91 25.83 -35.90
C PRO A 135 -4.95 26.00 -34.38
N ALA A 136 -6.09 25.89 -33.72
CA ALA A 136 -6.17 26.28 -32.31
C ALA A 136 -6.91 25.22 -31.49
N PRO A 137 -6.37 24.00 -31.40
CA PRO A 137 -7.01 22.97 -30.56
C PRO A 137 -7.09 23.42 -29.11
N ARG A 138 -8.26 23.25 -28.50
CA ARG A 138 -8.50 23.61 -27.11
C ARG A 138 -8.16 22.42 -26.25
N VAL A 139 -7.06 22.50 -25.51
CA VAL A 139 -6.51 21.36 -24.79
C VAL A 139 -6.44 21.67 -23.31
N ILE A 140 -6.81 20.70 -22.49
CA ILE A 140 -6.68 20.78 -21.05
C ILE A 140 -6.04 19.49 -20.56
N ARG A 141 -5.04 19.61 -19.69
CA ARG A 141 -4.41 18.46 -19.08
C ARG A 141 -4.88 18.32 -17.64
N CYS A 142 -5.23 17.12 -17.24
CA CYS A 142 -5.77 16.90 -15.91
C CYS A 142 -5.10 15.67 -15.28
N MET A 143 -5.04 15.67 -13.95
CA MET A 143 -4.61 14.51 -13.18
C MET A 143 -5.70 14.26 -12.14
N THR A 144 -6.36 13.11 -12.23
CA THR A 144 -7.47 12.82 -11.34
C THR A 144 -7.13 11.48 -10.69
N ASN A 145 -8.13 10.82 -10.08
CA ASN A 145 -7.87 9.51 -9.47
C ASN A 145 -9.19 8.75 -9.35
N THR A 146 -9.08 7.49 -8.97
CA THR A 146 -10.23 6.62 -9.08
C THR A 146 -11.32 6.93 -8.06
N PRO A 147 -11.04 7.57 -6.89
CA PRO A 147 -12.17 7.93 -6.00
C PRO A 147 -13.21 8.92 -6.57
N VAL A 148 -13.03 9.43 -7.80
CA VAL A 148 -14.15 10.13 -8.45
C VAL A 148 -15.35 9.20 -8.51
N VAL A 149 -15.12 7.87 -8.53
CA VAL A 149 -16.23 6.92 -8.60
C VAL A 149 -17.16 7.08 -7.39
N VAL A 150 -16.66 7.57 -6.26
CA VAL A 150 -17.52 7.87 -5.11
C VAL A 150 -17.61 9.37 -4.86
N ARG A 151 -17.37 10.17 -5.91
CA ARG A 151 -17.42 11.63 -5.85
C ARG A 151 -16.52 12.19 -4.74
N GLU A 152 -15.36 11.56 -4.55
CA GLU A 152 -14.37 12.10 -3.64
C GLU A 152 -13.00 12.11 -4.28
N GLY A 153 -12.96 12.40 -5.57
CA GLY A 153 -11.70 12.47 -6.26
C GLY A 153 -10.86 13.67 -5.87
N ALA A 154 -9.60 13.62 -6.30
CA ALA A 154 -8.65 14.73 -6.20
C ALA A 154 -8.20 15.05 -7.61
N THR A 155 -8.51 16.26 -8.09
CA THR A 155 -8.27 16.60 -9.48
C THR A 155 -7.53 17.93 -9.59
N VAL A 156 -6.47 17.97 -10.40
CA VAL A 156 -5.91 19.24 -10.84
C VAL A 156 -5.96 19.26 -12.38
N TYR A 157 -6.01 20.47 -12.93
CA TYR A 157 -5.94 20.63 -14.38
C TYR A 157 -5.13 21.87 -14.73
N ALA A 158 -4.51 21.84 -15.91
CA ALA A 158 -3.83 23.01 -16.47
C ALA A 158 -4.40 23.28 -17.86
N THR A 159 -4.61 24.55 -18.15
CA THR A 159 -5.22 24.95 -19.42
C THR A 159 -4.13 25.16 -20.46
N GLY A 160 -4.44 24.77 -21.71
CA GLY A 160 -3.50 24.87 -22.79
C GLY A 160 -3.54 26.23 -23.46
N THR A 161 -2.69 26.38 -24.49
CA THR A 161 -2.52 27.65 -25.19
C THR A 161 -3.85 28.24 -25.68
N HIS A 162 -4.73 27.42 -26.24
CA HIS A 162 -5.93 27.94 -26.88
C HIS A 162 -7.18 27.69 -26.07
N ALA A 163 -7.07 27.09 -24.88
CA ALA A 163 -8.25 26.88 -24.05
C ALA A 163 -8.86 28.23 -23.65
N GLN A 164 -10.16 28.38 -23.86
CA GLN A 164 -10.80 29.62 -23.47
C GLN A 164 -10.91 29.69 -21.94
N VAL A 165 -11.02 30.92 -21.44
CA VAL A 165 -11.25 31.10 -20.00
C VAL A 165 -12.51 30.34 -19.59
N GLU A 166 -13.52 30.33 -20.47
CA GLU A 166 -14.72 29.55 -20.18
C GLU A 166 -14.42 28.05 -20.17
N ASP A 167 -13.40 27.60 -20.91
CA ASP A 167 -13.07 26.17 -20.93
C ASP A 167 -12.54 25.71 -19.58
N GLY A 168 -11.66 26.49 -18.97
CA GLY A 168 -11.16 26.14 -17.63
C GLY A 168 -12.25 26.12 -16.59
N ARG A 169 -13.19 27.09 -16.65
CA ARG A 169 -14.31 27.14 -15.72
C ARG A 169 -15.26 25.96 -15.91
N LEU A 170 -15.56 25.61 -17.17
CA LEU A 170 -16.39 24.44 -17.42
C LEU A 170 -15.73 23.18 -16.87
N MET A 171 -14.44 23.02 -17.09
CA MET A 171 -13.68 21.88 -16.56
CA MET A 171 -13.79 21.83 -16.56
C MET A 171 -13.78 21.83 -15.05
N GLU A 172 -13.54 22.96 -14.40
CA GLU A 172 -13.58 22.96 -12.94
C GLU A 172 -14.97 22.62 -12.44
N GLN A 173 -16.02 23.17 -13.07
CA GLN A 173 -17.39 22.84 -12.69
C GLN A 173 -17.63 21.34 -12.81
N LEU A 174 -17.25 20.76 -13.95
CA LEU A 174 -17.48 19.34 -14.18
C LEU A 174 -16.70 18.49 -13.19
N LEU A 175 -15.41 18.76 -13.02
CA LEU A 175 -14.60 17.87 -12.20
C LEU A 175 -14.90 18.05 -10.72
N SER A 176 -15.34 19.25 -10.31
CA SER A 176 -15.74 19.47 -8.92
C SER A 176 -16.98 18.67 -8.56
N SER A 177 -17.74 18.20 -9.55
CA SER A 177 -18.92 17.42 -9.20
C SER A 177 -18.56 16.04 -8.69
N VAL A 178 -17.29 15.62 -8.84
CA VAL A 178 -16.88 14.29 -8.41
C VAL A 178 -15.70 14.35 -7.44
N GLY A 179 -15.42 15.53 -6.87
CA GLY A 179 -14.40 15.65 -5.84
C GLY A 179 -13.74 17.01 -5.82
N PHE A 180 -12.62 17.09 -5.11
CA PHE A 180 -11.85 18.33 -5.10
C PHE A 180 -11.25 18.59 -6.49
N CYS A 181 -11.22 19.85 -6.90
CA CYS A 181 -10.68 20.21 -8.20
C CYS A 181 -10.08 21.62 -8.14
N THR A 182 -8.90 21.80 -8.70
CA THR A 182 -8.33 23.14 -8.73
C THR A 182 -7.37 23.25 -9.90
N GLU A 183 -7.17 24.48 -10.35
CA GLU A 183 -6.25 24.75 -11.44
C GLU A 183 -4.83 24.89 -10.89
N VAL A 184 -3.86 24.34 -11.63
CA VAL A 184 -2.44 24.45 -11.33
C VAL A 184 -1.69 24.79 -12.60
N GLU A 185 -0.48 25.31 -12.43
CA GLU A 185 0.46 25.33 -13.54
C GLU A 185 0.81 23.89 -13.94
N GLU A 186 1.05 23.68 -15.24
CA GLU A 186 1.27 22.33 -15.70
C GLU A 186 2.51 21.70 -15.06
N ASP A 187 3.51 22.50 -14.68
CA ASP A 187 4.72 21.86 -14.17
C ASP A 187 4.56 21.25 -12.78
N LEU A 188 3.40 21.39 -12.13
CA LEU A 188 3.13 20.68 -10.89
C LEU A 188 2.49 19.32 -11.10
N ILE A 189 2.06 18.98 -12.32
CA ILE A 189 1.14 17.86 -12.47
C ILE A 189 1.86 16.51 -12.31
N ASP A 190 3.13 16.43 -12.70
CA ASP A 190 3.89 15.22 -12.42
C ASP A 190 3.94 14.93 -10.91
N ALA A 191 4.10 15.98 -10.10
CA ALA A 191 4.17 15.78 -8.65
C ALA A 191 2.80 15.41 -8.08
N VAL A 192 1.73 16.05 -8.57
CA VAL A 192 0.38 15.68 -8.16
C VAL A 192 0.14 14.20 -8.45
N THR A 193 0.59 13.73 -9.62
CA THR A 193 0.47 12.31 -9.98
C THR A 193 1.08 11.43 -8.90
N GLY A 194 2.26 11.79 -8.41
CA GLY A 194 2.92 10.97 -7.41
C GLY A 194 2.23 11.00 -6.07
N LEU A 195 1.45 12.05 -5.80
CA LEU A 195 0.78 12.24 -4.51
C LEU A 195 -0.65 11.70 -4.57
N SER A 196 -1.55 12.41 -5.26
CA SER A 196 -2.96 12.00 -5.26
C SER A 196 -3.34 11.11 -6.43
N GLY A 197 -2.65 11.16 -7.57
CA GLY A 197 -2.91 10.18 -8.60
C GLY A 197 -2.64 8.75 -8.15
N SER A 198 -1.40 8.49 -7.70
CA SER A 198 -1.06 7.19 -7.13
C SER A 198 -1.53 7.00 -5.70
N GLY A 199 -1.88 8.08 -4.99
CA GLY A 199 -2.20 7.99 -3.57
C GLY A 199 -3.22 6.96 -3.15
N PRO A 200 -4.33 6.79 -3.88
CA PRO A 200 -5.31 5.79 -3.43
C PRO A 200 -4.70 4.39 -3.31
N ALA A 201 -3.73 4.06 -4.17
CA ALA A 201 -3.08 2.75 -4.07
C ALA A 201 -2.21 2.63 -2.81
N TYR A 202 -1.53 3.71 -2.40
CA TYR A 202 -0.83 3.70 -1.11
C TYR A 202 -1.80 3.40 0.03
N ALA A 203 -2.99 4.01 -0.03
CA ALA A 203 -4.01 3.83 1.01
C ALA A 203 -4.59 2.43 1.01
N PHE A 204 -4.82 1.86 -0.19
CA PHE A 204 -5.31 0.49 -0.26
C PHE A 204 -4.31 -0.48 0.35
N THR A 205 -3.02 -0.29 0.05
CA THR A 205 -1.96 -1.06 0.70
C THR A 205 -1.97 -0.87 2.21
N ALA A 206 -2.08 0.38 2.67
CA ALA A 206 -2.11 0.64 4.11
C ALA A 206 -3.31 -0.03 4.78
N LEU A 207 -4.47 0.00 4.13
CA LEU A 207 -5.69 -0.57 4.71
C LEU A 207 -5.62 -2.09 4.77
N ASP A 208 -5.10 -2.71 3.71
CA ASP A 208 -4.90 -4.15 3.76
C ASP A 208 -3.94 -4.53 4.90
N ALA A 209 -2.89 -3.73 5.13
CA ALA A 209 -1.92 -4.06 6.17
C ALA A 209 -2.51 -3.84 7.56
N LEU A 210 -3.16 -2.70 7.76
CA LEU A 210 -3.82 -2.40 9.03
C LEU A 210 -4.81 -3.49 9.38
N ALA A 211 -5.60 -3.95 8.41
CA ALA A 211 -6.49 -5.07 8.63
C ALA A 211 -5.74 -6.32 9.07
N ASP A 212 -4.63 -6.64 8.40
CA ASP A 212 -3.80 -7.78 8.83
C ASP A 212 -3.41 -7.63 10.28
N GLY A 213 -3.02 -6.42 10.68
CA GLY A 213 -2.65 -6.17 12.06
C GLY A 213 -3.83 -6.34 13.00
N GLY A 214 -5.01 -5.88 12.59
CA GLY A 214 -6.20 -6.14 13.39
C GLY A 214 -6.45 -7.64 13.55
N VAL A 215 -6.35 -8.39 12.45
CA VAL A 215 -6.56 -9.83 12.50
C VAL A 215 -5.51 -10.49 13.37
N LYS A 216 -4.26 -10.04 13.28
CA LYS A 216 -3.23 -10.63 14.13
C LYS A 216 -3.56 -10.46 15.59
N MET A 217 -4.14 -9.31 15.96
CA MET A 217 -4.47 -9.06 17.36
C MET A 217 -5.85 -9.57 17.76
N GLY A 218 -6.55 -10.32 16.90
CA GLY A 218 -7.75 -11.03 17.28
C GLY A 218 -9.04 -10.55 16.67
N LEU A 219 -9.02 -9.55 15.75
CA LEU A 219 -10.27 -9.07 15.15
C LEU A 219 -10.65 -9.94 13.95
N PRO A 220 -11.95 -10.21 13.77
CA PRO A 220 -12.43 -10.70 12.46
C PRO A 220 -12.01 -9.78 11.33
N ARG A 221 -11.62 -10.39 10.21
CA ARG A 221 -11.20 -9.65 9.02
C ARG A 221 -12.24 -8.60 8.60
N ARG A 222 -13.52 -9.01 8.47
CA ARG A 222 -14.55 -8.06 8.05
C ARG A 222 -14.55 -6.81 8.93
N LEU A 223 -14.50 -7.01 10.25
CA LEU A 223 -14.53 -5.88 11.16
C LEU A 223 -13.24 -5.07 11.08
N ALA A 224 -12.09 -5.75 10.99
CA ALA A 224 -10.83 -5.03 10.90
C ALA A 224 -10.76 -4.16 9.63
N VAL A 225 -11.24 -4.67 8.49
CA VAL A 225 -11.26 -3.86 7.26
C VAL A 225 -12.13 -2.62 7.45
N ARG A 226 -13.35 -2.81 7.96
CA ARG A 226 -14.31 -1.72 8.22
C ARG A 226 -13.71 -0.66 9.14
N LEU A 227 -13.11 -1.09 10.26
CA LEU A 227 -12.59 -0.13 11.24
C LEU A 227 -11.40 0.64 10.69
N GLY A 228 -10.50 -0.06 10.01
CA GLY A 228 -9.35 0.62 9.42
C GLY A 228 -9.78 1.68 8.43
N ALA A 229 -10.70 1.32 7.52
CA ALA A 229 -11.15 2.27 6.50
C ALA A 229 -11.85 3.46 7.15
N GLN A 230 -12.75 3.19 8.11
CA GLN A 230 -13.44 4.27 8.80
C GLN A 230 -12.45 5.20 9.50
N ALA A 231 -11.40 4.64 10.11
CA ALA A 231 -10.37 5.44 10.77
C ALA A 231 -9.65 6.37 9.79
N LEU A 232 -9.20 5.83 8.67
CA LEU A 232 -8.52 6.65 7.68
C LEU A 232 -9.47 7.72 7.10
N LEU A 233 -10.73 7.35 6.83
CA LEU A 233 -11.70 8.34 6.32
C LEU A 233 -11.91 9.46 7.34
N GLY A 234 -12.19 9.09 8.59
CA GLY A 234 -12.42 10.10 9.60
C GLY A 234 -11.21 10.99 9.83
N ALA A 235 -10.02 10.41 9.83
CA ALA A 235 -8.81 11.20 10.05
C ALA A 235 -8.57 12.18 8.90
N ALA A 236 -8.72 11.73 7.65
CA ALA A 236 -8.58 12.63 6.51
C ALA A 236 -9.61 13.75 6.57
N LYS A 237 -10.86 13.41 6.86
CA LYS A 237 -11.89 14.44 6.99
C LYS A 237 -11.56 15.43 8.10
N MET A 238 -11.22 14.92 9.28
CA MET A 238 -10.74 15.76 10.38
C MET A 238 -9.71 16.78 9.88
N LEU A 239 -8.69 16.31 9.15
CA LEU A 239 -7.64 17.20 8.66
C LEU A 239 -8.19 18.23 7.66
N LEU A 240 -9.01 17.79 6.70
CA LEU A 240 -9.58 18.73 5.74
C LEU A 240 -10.43 19.80 6.41
N HIS A 241 -11.12 19.46 7.50
CA HIS A 241 -11.96 20.42 8.20
C HIS A 241 -11.21 21.19 9.28
N SER A 242 -10.01 20.74 9.65
CA SER A 242 -9.18 21.44 10.62
C SER A 242 -8.34 22.52 9.93
N GLU A 243 -8.07 23.60 10.66
CA GLU A 243 -7.07 24.56 10.21
C GLU A 243 -5.68 24.21 10.75
N GLN A 244 -5.46 22.98 11.18
CA GLN A 244 -4.30 22.63 11.97
C GLN A 244 -3.33 21.72 11.20
N HIS A 245 -2.09 21.79 11.62
CA HIS A 245 -1.04 20.97 11.03
C HIS A 245 -1.28 19.50 11.36
N PRO A 246 -1.05 18.58 10.42
CA PRO A 246 -1.20 17.15 10.75
C PRO A 246 -0.39 16.71 11.97
N GLY A 247 0.80 17.28 12.17
CA GLY A 247 1.56 17.01 13.38
C GLY A 247 0.85 17.48 14.64
N GLN A 248 0.13 18.60 14.55
CA GLN A 248 -0.66 19.05 15.71
C GLN A 248 -1.79 18.08 16.01
N LEU A 249 -2.48 17.57 14.97
CA LEU A 249 -3.53 16.59 15.22
C LEU A 249 -2.95 15.30 15.82
N LYS A 250 -1.79 14.88 15.34
CA LYS A 250 -1.07 13.74 15.93
C LYS A 250 -0.78 14.01 17.40
N ASP A 251 -0.24 15.19 17.71
CA ASP A 251 0.01 15.56 19.10
C ASP A 251 -1.28 15.51 19.93
N ASN A 252 -2.37 16.05 19.38
CA ASN A 252 -3.60 16.16 20.15
C ASN A 252 -4.14 14.80 20.56
N VAL A 253 -3.92 13.77 19.75
CA VAL A 253 -4.53 12.48 20.04
C VAL A 253 -3.60 11.48 20.74
N SER A 254 -2.30 11.80 20.92
CA SER A 254 -1.35 10.89 21.57
C SER A 254 -1.17 11.26 23.04
N SER A 255 -1.85 10.53 23.93
CA SER A 255 -1.72 10.79 25.36
C SER A 255 -0.39 10.28 25.93
N PRO A 256 0.13 10.93 26.96
CA PRO A 256 1.42 10.55 27.53
C PRO A 256 1.45 9.08 27.94
N GLY A 257 2.50 8.38 27.55
CA GLY A 257 2.67 6.98 27.91
C GLY A 257 1.69 6.03 27.26
N GLY A 258 0.85 6.52 26.34
CA GLY A 258 -0.29 5.76 25.86
C GLY A 258 0.00 4.83 24.70
N ALA A 259 -1.06 4.12 24.31
CA ALA A 259 -0.91 3.09 23.29
C ALA A 259 -0.58 3.71 21.92
N THR A 260 -1.16 4.86 21.63
CA THR A 260 -0.92 5.50 20.35
C THR A 260 0.54 5.92 20.18
N ILE A 261 1.10 6.58 21.20
CA ILE A 261 2.49 7.03 21.11
C ILE A 261 3.44 5.83 21.04
N HIS A 262 3.10 4.72 21.70
CA HIS A 262 3.91 3.52 21.52
C HIS A 262 3.87 3.06 20.07
N ALA A 263 2.70 3.07 19.44
CA ALA A 263 2.62 2.60 18.05
C ALA A 263 3.34 3.55 17.12
N LEU A 264 3.28 4.86 17.39
CA LEU A 264 4.00 5.82 16.56
C LEU A 264 5.50 5.60 16.62
N HIS A 265 6.02 5.16 17.77
CA HIS A 265 7.45 4.86 17.84
C HIS A 265 7.81 3.74 16.88
N VAL A 266 7.02 2.65 16.85
CA VAL A 266 7.46 1.57 15.97
C VAL A 266 7.31 1.96 14.50
N LEU A 267 6.37 2.85 14.15
CA LEU A 267 6.36 3.38 12.78
C LEU A 267 7.62 4.18 12.50
N GLU A 268 8.01 5.06 13.45
CA GLU A 268 9.23 5.83 13.26
C GLU A 268 10.44 4.93 13.15
N SER A 269 10.48 3.82 13.90
CA SER A 269 11.71 3.02 13.85
C SER A 269 11.86 2.30 12.52
N GLY A 270 10.78 2.06 11.80
CA GLY A 270 10.95 1.51 10.47
C GLY A 270 11.13 2.54 9.36
N GLY A 271 11.21 3.84 9.68
CA GLY A 271 11.27 4.85 8.63
C GLY A 271 9.97 5.00 7.85
N PHE A 272 8.83 4.81 8.52
CA PHE A 272 7.49 4.94 7.90
C PHE A 272 7.37 6.20 7.04
N ARG A 273 7.75 7.35 7.60
CA ARG A 273 7.63 8.60 6.86
C ARG A 273 8.42 8.55 5.56
N SER A 274 9.68 8.08 5.62
CA SER A 274 10.51 8.07 4.42
C SER A 274 9.95 7.15 3.33
N LEU A 275 9.20 6.11 3.69
CA LEU A 275 8.69 5.24 2.63
C LEU A 275 7.63 5.96 1.80
N LEU A 276 6.77 6.74 2.46
CA LEU A 276 5.76 7.51 1.74
C LEU A 276 6.40 8.62 0.91
N ILE A 277 7.44 9.28 1.44
CA ILE A 277 8.18 10.24 0.62
C ILE A 277 8.80 9.51 -0.59
N ASN A 278 9.44 8.35 -0.35
CA ASN A 278 10.03 7.57 -1.43
C ASN A 278 8.99 7.25 -2.50
N ALA A 279 7.76 6.93 -2.07
CA ALA A 279 6.69 6.56 -3.01
C ALA A 279 6.27 7.73 -3.91
N VAL A 280 5.88 8.86 -3.29
CA VAL A 280 5.59 10.07 -4.07
C VAL A 280 6.72 10.34 -5.06
N GLU A 281 7.95 10.31 -4.58
CA GLU A 281 9.08 10.62 -5.45
C GLU A 281 9.16 9.64 -6.62
N ALA A 282 9.03 8.33 -6.34
CA ALA A 282 9.21 7.33 -7.38
C ALA A 282 8.12 7.42 -8.44
N SER A 283 6.88 7.68 -8.02
CA SER A 283 5.79 7.80 -8.97
C SER A 283 5.96 9.05 -9.83
N CYS A 284 6.33 10.19 -9.21
CA CYS A 284 6.63 11.40 -9.97
C CYS A 284 7.77 11.17 -10.97
N ILE A 285 8.87 10.56 -10.52
CA ILE A 285 10.00 10.35 -11.43
C ILE A 285 9.61 9.40 -12.56
N ARG A 286 8.90 8.32 -12.25
CA ARG A 286 8.40 7.43 -13.30
C ARG A 286 7.53 8.20 -14.28
N THR A 287 6.63 9.06 -13.77
CA THR A 287 5.78 9.85 -14.64
C THR A 287 6.59 10.69 -15.61
N ARG A 288 7.71 11.26 -15.16
CA ARG A 288 8.56 12.06 -16.04
C ARG A 288 9.25 11.18 -17.10
N GLU A 289 9.62 9.95 -16.74
CA GLU A 289 10.20 9.02 -17.73
C GLU A 289 9.18 8.57 -18.76
N LEU A 290 7.90 8.49 -18.39
CA LEU A 290 6.90 8.11 -19.38
C LEU A 290 6.72 9.19 -20.44
N GLN A 291 6.95 10.47 -20.08
CA GLN A 291 6.91 11.54 -21.07
C GLN A 291 8.19 11.60 -21.90
N SER A 292 9.35 11.46 -21.25
CA SER A 292 10.61 11.52 -21.98
C SER A 292 10.76 10.37 -22.96
N MET A 293 10.26 9.18 -22.59
CA MET A 293 10.24 8.07 -23.54
C MET A 293 9.31 8.35 -24.71
N ALA A 294 8.28 9.16 -24.49
CA ALA A 294 7.46 9.63 -25.61
C ALA A 294 8.25 10.57 -26.51
N ASP A 295 8.75 11.68 -25.96
CA ASP A 295 9.54 12.64 -26.72
C ASP A 295 11.00 12.20 -26.85
N ASN B 17 -32.96 12.47 11.97
CA ASN B 17 -34.13 12.91 12.71
C ASN B 17 -34.16 12.36 14.14
N LEU B 18 -32.98 12.00 14.66
CA LEU B 18 -32.84 11.51 16.02
C LEU B 18 -32.79 12.67 17.00
N TYR B 19 -33.39 12.48 18.18
CA TYR B 19 -33.23 13.43 19.26
C TYR B 19 -33.65 12.77 20.58
N PHE B 20 -32.76 12.84 21.57
CA PHE B 20 -32.99 12.25 22.90
C PHE B 20 -33.45 13.37 23.83
N GLN B 21 -34.77 13.54 23.93
CA GLN B 21 -35.31 14.65 24.72
C GLN B 21 -35.14 14.42 26.21
N SER B 22 -35.33 13.19 26.68
CA SER B 22 -35.27 12.91 28.11
C SER B 22 -33.87 12.53 28.59
N MET B 23 -32.83 12.76 27.77
CA MET B 23 -31.48 12.32 28.10
C MET B 23 -30.60 13.51 28.41
N SER B 24 -29.89 13.44 29.54
CA SER B 24 -28.88 14.41 29.90
C SER B 24 -27.52 13.72 29.98
N VAL B 25 -26.53 14.25 29.26
CA VAL B 25 -25.22 13.62 29.14
C VAL B 25 -24.19 14.39 29.95
N GLY B 26 -23.34 13.67 30.67
CA GLY B 26 -22.22 14.28 31.36
C GLY B 26 -20.90 13.66 30.95
N PHE B 27 -19.87 14.49 30.91
CA PHE B 27 -18.50 14.03 30.70
C PHE B 27 -17.68 14.27 31.96
N ILE B 28 -17.11 13.19 32.50
CA ILE B 28 -16.04 13.33 33.48
C ILE B 28 -14.74 13.40 32.68
N GLY B 29 -14.10 14.56 32.70
CA GLY B 29 -13.01 14.90 31.81
C GLY B 29 -13.49 15.88 30.75
N ALA B 30 -12.59 16.77 30.34
CA ALA B 30 -12.92 17.81 29.36
C ALA B 30 -11.74 18.02 28.42
N GLY B 31 -11.10 16.92 28.04
CA GLY B 31 -9.99 16.94 27.10
C GLY B 31 -10.45 16.68 25.69
N GLN B 32 -9.52 16.18 24.87
CA GLN B 32 -9.76 15.98 23.45
C GLN B 32 -11.03 15.18 23.18
N LEU B 33 -11.18 14.04 23.86
CA LEU B 33 -12.26 13.10 23.51
C LEU B 33 -13.62 13.63 23.92
N ALA B 34 -13.73 14.28 25.09
CA ALA B 34 -15.01 14.81 25.51
C ALA B 34 -15.47 15.94 24.58
N PHE B 35 -14.56 16.84 24.20
CA PHE B 35 -14.90 17.88 23.23
C PHE B 35 -15.36 17.27 21.90
N ALA B 36 -14.57 16.34 21.35
CA ALA B 36 -14.92 15.71 20.07
C ALA B 36 -16.32 15.10 20.11
N LEU B 37 -16.64 14.33 21.15
CA LEU B 37 -17.96 13.73 21.27
C LEU B 37 -19.05 14.79 21.41
N ALA B 38 -18.86 15.76 22.31
CA ALA B 38 -19.86 16.82 22.48
C ALA B 38 -20.06 17.62 21.20
N LYS B 39 -18.96 17.97 20.53
CA LYS B 39 -19.06 18.64 19.25
C LYS B 39 -19.79 17.78 18.23
N GLY B 40 -19.46 16.49 18.16
CA GLY B 40 -20.15 15.59 17.25
C GLY B 40 -21.62 15.45 17.58
N PHE B 41 -21.94 15.25 18.87
CA PHE B 41 -23.35 15.08 19.27
C PHE B 41 -24.18 16.32 18.94
N THR B 42 -23.61 17.51 19.13
CA THR B 42 -24.38 18.72 18.90
C THR B 42 -24.52 19.04 17.41
N ALA B 43 -23.47 18.76 16.63
CA ALA B 43 -23.59 18.90 15.19
C ALA B 43 -24.60 17.91 14.62
N ALA B 44 -24.67 16.71 15.19
CA ALA B 44 -25.64 15.76 14.65
C ALA B 44 -27.07 16.13 15.00
N GLY B 45 -27.28 17.15 15.84
CA GLY B 45 -28.59 17.54 16.28
C GLY B 45 -29.19 16.69 17.37
N VAL B 46 -28.52 15.61 17.79
CA VAL B 46 -29.14 14.65 18.71
C VAL B 46 -29.14 15.14 20.16
N LEU B 47 -28.35 16.16 20.48
CA LEU B 47 -28.28 16.69 21.83
C LEU B 47 -28.06 18.19 21.73
N ALA B 48 -28.85 18.95 22.48
CA ALA B 48 -28.57 20.35 22.67
C ALA B 48 -27.40 20.52 23.62
N ALA B 49 -26.51 21.46 23.29
CA ALA B 49 -25.31 21.65 24.10
C ALA B 49 -25.65 21.97 25.56
N HIS B 50 -26.73 22.72 25.79
CA HIS B 50 -27.06 23.10 27.17
C HIS B 50 -27.52 21.92 28.01
N LYS B 51 -27.85 20.79 27.41
CA LYS B 51 -28.15 19.56 28.13
C LYS B 51 -26.91 18.69 28.35
N ILE B 52 -25.72 19.20 28.03
CA ILE B 52 -24.46 18.50 28.23
C ILE B 52 -23.66 19.25 29.30
N MET B 53 -23.13 18.51 30.26
CA MET B 53 -22.27 19.06 31.29
C MET B 53 -20.93 18.32 31.28
N ALA B 54 -19.85 19.06 31.49
CA ALA B 54 -18.51 18.47 31.57
C ALA B 54 -17.77 19.03 32.78
N SER B 55 -16.88 18.20 33.33
CA SER B 55 -16.09 18.57 34.49
C SER B 55 -14.62 18.31 34.22
N SER B 56 -13.77 19.12 34.82
CA SER B 56 -12.32 18.98 34.65
C SER B 56 -11.65 19.66 35.83
N PRO B 57 -10.59 19.07 36.40
CA PRO B 57 -9.86 19.75 37.48
C PRO B 57 -9.09 20.96 37.00
N ASP B 58 -8.91 21.12 35.69
CA ASP B 58 -8.18 22.23 35.10
C ASP B 58 -9.15 23.00 34.21
N MET B 59 -9.81 24.01 34.79
CA MET B 59 -10.82 24.76 34.06
C MET B 59 -10.17 25.82 33.16
N ASP B 60 -8.86 25.66 32.90
CA ASP B 60 -8.13 26.55 32.01
C ASP B 60 -7.56 25.77 30.83
N LEU B 61 -8.24 24.70 30.42
CA LEU B 61 -7.80 23.92 29.27
C LEU B 61 -8.23 24.59 27.96
N ALA B 62 -7.51 24.27 26.89
CA ALA B 62 -7.89 24.77 25.57
C ALA B 62 -9.24 24.19 25.13
N THR B 63 -9.42 22.89 25.33
CA THR B 63 -10.70 22.26 25.00
C THR B 63 -11.82 22.75 25.91
N VAL B 64 -11.49 23.17 27.13
CA VAL B 64 -12.52 23.67 28.04
C VAL B 64 -13.07 25.01 27.55
N SER B 65 -12.20 25.90 27.09
CA SER B 65 -12.67 27.16 26.53
C SER B 65 -13.51 26.92 25.27
N ALA B 66 -13.18 25.88 24.51
CA ALA B 66 -13.94 25.53 23.30
C ALA B 66 -15.34 25.01 23.66
N LEU B 67 -15.43 24.12 24.66
CA LEU B 67 -16.73 23.64 25.12
C LEU B 67 -17.63 24.75 25.62
N ARG B 68 -17.06 25.78 26.26
CA ARG B 68 -17.90 26.85 26.79
C ARG B 68 -18.55 27.65 25.66
N LYS B 69 -17.87 27.77 24.52
CA LYS B 69 -18.45 28.48 23.38
C LYS B 69 -19.64 27.74 22.81
N MET B 70 -19.57 26.40 22.74
CA MET B 70 -20.68 25.61 22.24
C MET B 70 -21.92 25.75 23.09
N GLY B 71 -21.80 26.19 24.34
CA GLY B 71 -22.91 26.23 25.27
C GLY B 71 -22.93 25.09 26.27
N VAL B 72 -21.89 24.27 26.31
CA VAL B 72 -21.85 23.14 27.22
C VAL B 72 -21.65 23.65 28.64
N LYS B 73 -22.46 23.14 29.58
CA LYS B 73 -22.28 23.50 30.98
C LYS B 73 -20.98 22.90 31.50
N LEU B 74 -20.16 23.75 32.12
CA LEU B 74 -18.89 23.34 32.69
C LEU B 74 -18.93 23.50 34.20
N THR B 75 -18.17 22.66 34.90
CA THR B 75 -18.12 22.71 36.36
C THR B 75 -16.81 22.10 36.81
N PRO B 76 -16.22 22.59 37.90
CA PRO B 76 -15.03 21.91 38.42
C PRO B 76 -15.33 20.61 39.15
N HIS B 77 -16.57 20.35 39.53
CA HIS B 77 -16.89 19.29 40.49
C HIS B 77 -17.51 18.09 39.79
N ASN B 78 -16.86 16.93 39.93
CA ASN B 78 -17.34 15.70 39.31
C ASN B 78 -18.69 15.25 39.88
N LYS B 79 -18.98 15.54 41.15
CA LYS B 79 -20.27 15.16 41.69
C LYS B 79 -21.40 15.92 40.99
N GLU B 80 -21.16 17.18 40.60
CA GLU B 80 -22.18 17.93 39.85
C GLU B 80 -22.48 17.27 38.51
N THR B 81 -21.45 16.89 37.76
CA THR B 81 -21.69 16.15 36.52
C THR B 81 -22.57 14.94 36.76
N VAL B 82 -22.24 14.14 37.78
CA VAL B 82 -23.01 12.92 38.07
C VAL B 82 -24.45 13.27 38.43
N GLN B 83 -24.64 14.30 39.27
CA GLN B 83 -25.98 14.62 39.74
C GLN B 83 -26.87 15.18 38.64
N HIS B 84 -26.27 15.83 37.63
CA HIS B 84 -27.01 16.37 36.49
C HIS B 84 -27.25 15.36 35.39
N SER B 85 -26.54 14.24 35.36
CA SER B 85 -26.50 13.46 34.14
C SER B 85 -27.23 12.13 34.29
N ASP B 86 -27.64 11.60 33.13
CA ASP B 86 -28.15 10.25 32.97
C ASP B 86 -27.06 9.35 32.37
N VAL B 87 -26.57 9.73 31.20
CA VAL B 87 -25.48 9.03 30.54
C VAL B 87 -24.19 9.73 30.93
N LEU B 88 -23.26 8.99 31.51
CA LEU B 88 -22.07 9.58 32.10
C LEU B 88 -20.85 9.00 31.39
N PHE B 89 -20.17 9.82 30.60
CA PHE B 89 -18.95 9.41 29.89
C PHE B 89 -17.75 9.63 30.79
N LEU B 90 -16.95 8.58 30.97
CA LEU B 90 -15.66 8.70 31.66
C LEU B 90 -14.58 8.94 30.62
N ALA B 91 -14.22 10.21 30.41
CA ALA B 91 -13.26 10.58 29.38
C ALA B 91 -12.00 11.12 30.04
N VAL B 92 -11.31 10.25 30.78
CA VAL B 92 -10.10 10.60 31.51
C VAL B 92 -9.06 9.52 31.27
N LYS B 93 -7.82 9.85 31.66
CA LYS B 93 -6.70 8.94 31.60
C LYS B 93 -7.01 7.66 32.39
N PRO B 94 -6.50 6.51 31.93
CA PRO B 94 -6.84 5.22 32.58
C PRO B 94 -6.49 5.18 34.06
N HIS B 95 -5.38 5.76 34.47
CA HIS B 95 -5.00 5.69 35.88
C HIS B 95 -5.78 6.68 36.75
N ILE B 96 -6.55 7.59 36.14
CA ILE B 96 -7.41 8.48 36.90
C ILE B 96 -8.71 7.77 37.29
N ILE B 97 -9.12 6.79 36.48
CA ILE B 97 -10.42 6.14 36.67
C ILE B 97 -10.67 5.65 38.10
N PRO B 98 -9.76 4.91 38.75
CA PRO B 98 -10.08 4.43 40.10
C PRO B 98 -10.31 5.55 41.10
N PHE B 99 -9.61 6.68 40.98
CA PHE B 99 -9.84 7.78 41.90
C PHE B 99 -11.17 8.48 41.61
N ILE B 100 -11.53 8.58 40.33
CA ILE B 100 -12.85 9.07 39.95
C ILE B 100 -13.94 8.21 40.58
N LEU B 101 -13.85 6.90 40.38
CA LEU B 101 -14.91 6.01 40.88
C LEU B 101 -15.01 6.10 42.40
N ASP B 102 -13.87 6.25 43.08
CA ASP B 102 -13.91 6.47 44.53
C ASP B 102 -14.68 7.73 44.86
N GLU B 103 -14.50 8.78 44.05
CA GLU B 103 -15.07 10.08 44.36
C GLU B 103 -16.58 10.11 44.15
N ILE B 104 -17.05 9.57 43.03
CA ILE B 104 -18.46 9.69 42.65
C ILE B 104 -19.23 8.40 42.87
N GLY B 105 -18.56 7.33 43.32
CA GLY B 105 -19.23 6.04 43.44
C GLY B 105 -20.51 6.09 44.24
N ALA B 106 -20.51 6.81 45.37
CA ALA B 106 -21.68 6.95 46.21
C ALA B 106 -22.77 7.83 45.58
N ASP B 107 -22.47 8.53 44.49
CA ASP B 107 -23.48 9.33 43.81
C ASP B 107 -24.16 8.61 42.66
N ILE B 108 -23.72 7.40 42.33
CA ILE B 108 -24.32 6.69 41.20
C ILE B 108 -25.70 6.21 41.60
N GLU B 109 -26.67 6.40 40.72
CA GLU B 109 -28.06 5.99 40.92
C GLU B 109 -28.44 4.89 39.93
N ASP B 110 -29.62 4.33 40.15
CA ASP B 110 -30.15 3.34 39.23
C ASP B 110 -30.28 3.90 37.81
N ARG B 111 -30.55 5.20 37.69
CA ARG B 111 -30.79 5.77 36.38
C ARG B 111 -29.53 5.90 35.55
N HIS B 112 -28.34 5.81 36.16
CA HIS B 112 -27.09 6.11 35.47
C HIS B 112 -26.66 4.99 34.55
N ILE B 113 -26.21 5.36 33.37
CA ILE B 113 -25.42 4.49 32.51
C ILE B 113 -24.02 5.08 32.48
N VAL B 114 -23.05 4.30 32.94
CA VAL B 114 -21.66 4.73 32.97
C VAL B 114 -20.96 4.19 31.74
N VAL B 115 -20.47 5.08 30.89
CA VAL B 115 -19.81 4.70 29.65
C VAL B 115 -18.33 5.04 29.79
N SER B 116 -17.48 4.03 29.96
CA SER B 116 -16.06 4.29 30.14
C SER B 116 -15.38 4.32 28.79
N CYS B 117 -14.70 5.43 28.49
CA CYS B 117 -13.90 5.56 27.28
C CYS B 117 -12.41 5.37 27.55
N ALA B 118 -12.02 5.17 28.81
CA ALA B 118 -10.61 5.06 29.14
C ALA B 118 -10.02 3.80 28.50
N ALA B 119 -8.86 3.95 27.87
CA ALA B 119 -8.25 2.81 27.19
C ALA B 119 -7.86 1.75 28.21
N GLY B 120 -8.15 0.49 27.87
CA GLY B 120 -7.76 -0.64 28.68
C GLY B 120 -8.56 -0.88 29.94
N VAL B 121 -9.27 0.12 30.47
CA VAL B 121 -9.97 -0.09 31.74
C VAL B 121 -11.13 -1.05 31.51
N THR B 122 -11.10 -2.18 32.22
CA THR B 122 -12.06 -3.21 31.94
C THR B 122 -13.40 -2.95 32.62
N ILE B 123 -14.45 -3.57 32.07
CA ILE B 123 -15.77 -3.52 32.69
C ILE B 123 -15.69 -4.07 34.10
N SER B 124 -14.98 -5.19 34.26
CA SER B 124 -14.88 -5.86 35.55
C SER B 124 -14.36 -4.92 36.64
N SER B 125 -13.32 -4.15 36.34
CA SER B 125 -12.76 -3.27 37.37
C SER B 125 -13.68 -2.09 37.68
N ILE B 126 -14.40 -1.55 36.68
CA ILE B 126 -15.35 -0.49 36.98
C ILE B 126 -16.48 -1.02 37.85
N GLU B 127 -17.01 -2.19 37.49
CA GLU B 127 -18.15 -2.74 38.22
C GLU B 127 -17.76 -3.12 39.64
N LYS B 128 -16.55 -3.68 39.82
CA LYS B 128 -16.11 -4.03 41.17
C LYS B 128 -16.01 -2.78 42.03
N LYS B 129 -15.41 -1.72 41.50
CA LYS B 129 -15.30 -0.46 42.23
C LYS B 129 -16.67 0.11 42.58
N LEU B 130 -17.56 0.24 41.58
CA LEU B 130 -18.85 0.87 41.84
C LEU B 130 -19.79 -0.02 42.66
N SER B 131 -19.67 -1.35 42.55
CA SER B 131 -20.54 -2.24 43.31
C SER B 131 -20.37 -2.08 44.82
N ALA B 132 -19.25 -1.50 45.27
CA ALA B 132 -19.08 -1.24 46.70
C ALA B 132 -20.11 -0.27 47.23
N PHE B 133 -20.58 0.65 46.39
CA PHE B 133 -21.53 1.69 46.81
C PHE B 133 -22.98 1.29 46.56
N ARG B 134 -23.28 0.66 45.42
CA ARG B 134 -24.64 0.37 45.06
C ARG B 134 -24.56 -0.85 44.15
N PRO B 135 -25.34 -1.90 44.39
CA PRO B 135 -25.26 -3.06 43.51
C PRO B 135 -25.80 -2.75 42.12
N ALA B 136 -25.37 -3.55 41.17
CA ALA B 136 -25.85 -3.52 39.79
C ALA B 136 -25.61 -2.19 39.07
N PRO B 137 -24.41 -1.60 39.10
CA PRO B 137 -24.16 -0.44 38.24
C PRO B 137 -24.20 -0.83 36.77
N ARG B 138 -24.82 0.02 35.97
CA ARG B 138 -25.01 -0.21 34.53
C ARG B 138 -23.81 0.38 33.77
N VAL B 139 -22.92 -0.49 33.28
CA VAL B 139 -21.62 -0.05 32.77
C VAL B 139 -21.51 -0.47 31.32
N ILE B 140 -21.00 0.43 30.48
CA ILE B 140 -20.69 0.12 29.09
C ILE B 140 -19.27 0.58 28.83
N ARG B 141 -18.49 -0.28 28.17
CA ARG B 141 -17.14 0.07 27.77
C ARG B 141 -17.15 0.46 26.30
N CYS B 142 -16.48 1.56 26.00
CA CYS B 142 -16.52 2.17 24.70
C CYS B 142 -15.09 2.40 24.21
N MET B 143 -14.83 2.11 22.94
CA MET B 143 -13.57 2.51 22.28
C MET B 143 -13.94 3.34 21.06
N THR B 144 -13.71 4.65 21.13
CA THR B 144 -14.06 5.54 20.03
C THR B 144 -12.78 6.29 19.61
N ASN B 145 -12.91 7.28 18.71
CA ASN B 145 -11.73 8.05 18.28
C ASN B 145 -12.12 9.49 17.98
N THR B 146 -11.11 10.34 17.78
CA THR B 146 -11.42 11.77 17.71
C THR B 146 -12.21 12.18 16.45
N PRO B 147 -12.17 11.44 15.30
CA PRO B 147 -13.02 11.88 14.17
C PRO B 147 -14.54 11.85 14.44
N VAL B 148 -15.01 11.41 15.62
CA VAL B 148 -16.41 11.68 15.99
C VAL B 148 -16.67 13.18 15.85
N VAL B 149 -15.62 14.00 15.94
CA VAL B 149 -15.76 15.45 15.90
C VAL B 149 -16.29 15.93 14.56
N VAL B 150 -16.03 15.18 13.49
CA VAL B 150 -16.60 15.47 12.18
C VAL B 150 -17.61 14.39 11.79
N ARG B 151 -18.16 13.71 12.79
CA ARG B 151 -19.19 12.67 12.62
C ARG B 151 -18.73 11.53 11.71
N GLU B 152 -17.45 11.19 11.77
CA GLU B 152 -16.93 10.04 11.04
C GLU B 152 -16.06 9.18 11.96
N GLY B 153 -16.49 9.04 13.20
CA GLY B 153 -15.72 8.23 14.11
C GLY B 153 -15.91 6.75 13.83
N ALA B 154 -15.07 5.96 14.48
CA ALA B 154 -15.20 4.50 14.50
C ALA B 154 -15.32 4.09 15.96
N THR B 155 -16.47 3.52 16.34
CA THR B 155 -16.76 3.22 17.74
C THR B 155 -17.17 1.76 17.90
N VAL B 156 -16.60 1.06 18.89
CA VAL B 156 -17.20 -0.20 19.32
C VAL B 156 -17.54 -0.05 20.79
N TYR B 157 -18.43 -0.92 21.28
CA TYR B 157 -18.76 -0.92 22.69
C TYR B 157 -19.05 -2.35 23.15
N ALA B 158 -18.86 -2.59 24.44
CA ALA B 158 -19.23 -3.84 25.07
C ALA B 158 -20.07 -3.52 26.30
N THR B 159 -21.17 -4.24 26.48
CA THR B 159 -22.09 -3.96 27.58
C THR B 159 -21.72 -4.78 28.82
N GLY B 160 -21.97 -4.21 29.99
CA GLY B 160 -21.58 -4.80 31.25
C GLY B 160 -22.61 -5.77 31.76
N THR B 161 -22.34 -6.28 32.97
CA THR B 161 -23.18 -7.31 33.60
C THR B 161 -24.63 -6.85 33.75
N HIS B 162 -24.83 -5.61 34.22
CA HIS B 162 -26.15 -5.14 34.60
C HIS B 162 -26.70 -4.12 33.62
N ALA B 163 -25.99 -3.86 32.52
CA ALA B 163 -26.51 -3.01 31.48
C ALA B 163 -27.70 -3.71 30.83
N GLN B 164 -28.86 -3.04 30.81
CA GLN B 164 -30.05 -3.61 30.22
C GLN B 164 -29.92 -3.66 28.69
N VAL B 165 -30.82 -4.43 28.07
CA VAL B 165 -30.84 -4.51 26.61
C VAL B 165 -31.09 -3.13 26.01
N GLU B 166 -32.00 -2.35 26.62
CA GLU B 166 -32.26 -1.01 26.14
C GLU B 166 -31.05 -0.09 26.29
N ASP B 167 -30.08 -0.42 27.15
CA ASP B 167 -28.92 0.45 27.36
C ASP B 167 -27.95 0.38 26.19
N GLY B 168 -27.66 -0.82 25.70
CA GLY B 168 -26.76 -0.94 24.57
C GLY B 168 -27.34 -0.33 23.31
N ARG B 169 -28.63 -0.62 23.03
CA ARG B 169 -29.28 -0.03 21.88
C ARG B 169 -29.28 1.49 21.96
N LEU B 170 -29.42 2.05 23.16
CA LEU B 170 -29.39 3.49 23.31
C LEU B 170 -27.99 4.04 23.00
N MET B 171 -26.96 3.40 23.55
CA MET B 171 -25.60 3.85 23.25
C MET B 171 -25.26 3.68 21.77
N GLU B 172 -25.72 2.59 21.14
CA GLU B 172 -25.48 2.45 19.71
C GLU B 172 -26.20 3.54 18.92
N GLN B 173 -27.41 3.90 19.35
CA GLN B 173 -28.13 4.97 18.69
C GLN B 173 -27.37 6.28 18.77
N LEU B 174 -26.90 6.63 19.98
CA LEU B 174 -26.17 7.87 20.18
C LEU B 174 -24.83 7.87 19.43
N LEU B 175 -24.03 6.81 19.60
CA LEU B 175 -22.71 6.82 18.99
C LEU B 175 -22.76 6.64 17.47
N SER B 176 -23.83 6.03 16.94
CA SER B 176 -24.00 5.98 15.48
C SER B 176 -24.23 7.34 14.86
N SER B 177 -24.71 8.33 15.62
CA SER B 177 -24.89 9.65 15.05
C SER B 177 -23.57 10.37 14.81
N VAL B 178 -22.45 9.85 15.32
CA VAL B 178 -21.16 10.50 15.11
C VAL B 178 -20.17 9.59 14.39
N GLY B 179 -20.64 8.48 13.81
CA GLY B 179 -19.80 7.66 12.95
C GLY B 179 -20.26 6.21 12.97
N PHE B 180 -19.35 5.31 12.56
CA PHE B 180 -19.62 3.88 12.63
C PHE B 180 -19.66 3.41 14.09
N CYS B 181 -20.64 2.58 14.42
CA CYS B 181 -20.76 2.04 15.77
C CYS B 181 -21.25 0.61 15.69
N THR B 182 -20.63 -0.28 16.47
CA THR B 182 -21.17 -1.62 16.58
C THR B 182 -20.79 -2.23 17.92
N GLU B 183 -21.53 -3.25 18.30
CA GLU B 183 -21.26 -3.95 19.55
C GLU B 183 -20.24 -5.05 19.31
N VAL B 184 -19.33 -5.23 20.26
CA VAL B 184 -18.36 -6.31 20.21
C VAL B 184 -18.22 -6.94 21.59
N GLU B 185 -17.64 -8.14 21.61
CA GLU B 185 -17.20 -8.72 22.87
C GLU B 185 -16.07 -7.89 23.46
N GLU B 186 -16.07 -7.78 24.79
CA GLU B 186 -15.08 -6.91 25.44
C GLU B 186 -13.65 -7.31 25.09
N ASP B 187 -13.38 -8.59 24.86
CA ASP B 187 -11.98 -8.95 24.66
C ASP B 187 -11.45 -8.61 23.26
N LEU B 188 -12.24 -7.91 22.43
CA LEU B 188 -11.73 -7.34 21.19
C LEU B 188 -11.34 -5.86 21.31
N ILE B 189 -11.64 -5.20 22.44
CA ILE B 189 -11.48 -3.75 22.48
C ILE B 189 -10.01 -3.35 22.50
N ASP B 190 -9.14 -4.14 23.13
CA ASP B 190 -7.73 -3.79 23.08
CA ASP B 190 -7.72 -3.84 23.08
C ASP B 190 -7.21 -3.81 21.64
N ALA B 191 -7.66 -4.77 20.83
CA ALA B 191 -7.24 -4.82 19.42
C ALA B 191 -7.87 -3.69 18.60
N VAL B 192 -9.14 -3.34 18.88
CA VAL B 192 -9.77 -2.21 18.21
C VAL B 192 -9.02 -0.91 18.53
N THR B 193 -8.52 -0.80 19.77
CA THR B 193 -7.69 0.35 20.14
C THR B 193 -6.49 0.46 19.22
N GLY B 194 -5.85 -0.67 18.93
CA GLY B 194 -4.66 -0.67 18.10
C GLY B 194 -4.93 -0.28 16.66
N LEU B 195 -6.15 -0.52 16.18
CA LEU B 195 -6.54 -0.29 14.81
C LEU B 195 -7.23 1.05 14.66
N SER B 196 -8.48 1.17 15.12
CA SER B 196 -9.21 2.42 14.93
C SER B 196 -8.99 3.42 16.05
N GLY B 197 -8.68 2.98 17.27
CA GLY B 197 -8.39 3.94 18.33
C GLY B 197 -7.19 4.80 18.02
N SER B 198 -6.03 4.16 17.79
CA SER B 198 -4.79 4.81 17.38
C SER B 198 -4.75 5.16 15.89
N GLY B 199 -5.61 4.55 15.07
CA GLY B 199 -5.56 4.73 13.64
C GLY B 199 -5.48 6.13 13.10
N PRO B 200 -6.25 7.10 13.63
CA PRO B 200 -6.13 8.47 13.12
C PRO B 200 -4.73 9.05 13.24
N ALA B 201 -3.99 8.72 14.30
CA ALA B 201 -2.60 9.19 14.42
C ALA B 201 -1.70 8.59 13.34
N TYR B 202 -1.90 7.31 12.99
CA TYR B 202 -1.16 6.73 11.88
C TYR B 202 -1.45 7.52 10.61
N ALA B 203 -2.72 7.84 10.38
CA ALA B 203 -3.10 8.63 9.20
C ALA B 203 -2.49 10.02 9.21
N PHE B 204 -2.50 10.72 10.35
CA PHE B 204 -1.87 12.05 10.40
C PHE B 204 -0.38 11.96 10.08
N THR B 205 0.31 10.96 10.62
CA THR B 205 1.74 10.78 10.31
C THR B 205 1.92 10.52 8.82
N ALA B 206 1.10 9.63 8.27
CA ALA B 206 1.15 9.36 6.84
C ALA B 206 0.90 10.62 6.01
N LEU B 207 -0.05 11.46 6.42
CA LEU B 207 -0.37 12.65 5.62
C LEU B 207 0.74 13.69 5.71
N ASP B 208 1.40 13.80 6.86
CA ASP B 208 2.57 14.67 7.01
C ASP B 208 3.68 14.24 6.04
N ALA B 209 3.96 12.94 5.99
CA ALA B 209 5.02 12.39 5.15
C ALA B 209 4.69 12.54 3.66
N LEU B 210 3.46 12.18 3.28
CA LEU B 210 3.01 12.33 1.91
C LEU B 210 3.12 13.79 1.46
N ALA B 211 2.72 14.73 2.33
CA ALA B 211 2.90 16.14 2.02
C ALA B 211 4.37 16.49 1.81
N ASP B 212 5.24 16.05 2.74
CA ASP B 212 6.68 16.22 2.54
C ASP B 212 7.11 15.72 1.18
N GLY B 213 6.59 14.55 0.79
CA GLY B 213 6.92 14.01 -0.53
C GLY B 213 6.46 14.92 -1.65
N GLY B 214 5.23 15.45 -1.55
CA GLY B 214 4.76 16.39 -2.56
C GLY B 214 5.61 17.65 -2.61
N VAL B 215 6.01 18.15 -1.45
CA VAL B 215 6.86 19.34 -1.40
C VAL B 215 8.22 19.06 -2.03
N LYS B 216 8.81 17.88 -1.74
CA LYS B 216 10.09 17.51 -2.35
C LYS B 216 10.01 17.55 -3.88
N MET B 217 8.90 17.08 -4.46
CA MET B 217 8.75 17.07 -5.90
C MET B 217 8.23 18.38 -6.46
N GLY B 218 8.08 19.41 -5.62
CA GLY B 218 7.78 20.75 -6.08
C GLY B 218 6.39 21.31 -5.80
N LEU B 219 5.56 20.62 -5.01
CA LEU B 219 4.22 21.18 -4.74
C LEU B 219 4.26 22.19 -3.59
N PRO B 220 3.46 23.26 -3.65
CA PRO B 220 3.24 24.06 -2.44
C PRO B 220 2.69 23.18 -1.32
N ARG B 221 3.14 23.48 -0.09
CA ARG B 221 2.78 22.67 1.08
C ARG B 221 1.27 22.60 1.28
N ARG B 222 0.59 23.75 1.16
CA ARG B 222 -0.85 23.76 1.35
C ARG B 222 -1.56 22.83 0.37
N LEU B 223 -1.22 22.93 -0.92
CA LEU B 223 -1.83 22.04 -1.90
C LEU B 223 -1.49 20.59 -1.61
N ALA B 224 -0.24 20.29 -1.23
CA ALA B 224 0.14 18.90 -1.04
C ALA B 224 -0.61 18.28 0.15
N VAL B 225 -0.80 19.06 1.22
CA VAL B 225 -1.60 18.58 2.35
C VAL B 225 -3.03 18.29 1.88
N ARG B 226 -3.63 19.25 1.16
CA ARG B 226 -5.01 19.10 0.69
C ARG B 226 -5.16 17.86 -0.19
N LEU B 227 -4.26 17.67 -1.15
CA LEU B 227 -4.35 16.55 -2.09
C LEU B 227 -4.14 15.22 -1.38
N GLY B 228 -3.17 15.17 -0.46
CA GLY B 228 -2.91 13.93 0.25
C GLY B 228 -4.09 13.50 1.09
N ALA B 229 -4.67 14.46 1.84
CA ALA B 229 -5.84 14.17 2.64
C ALA B 229 -7.00 13.72 1.76
N GLN B 230 -7.24 14.45 0.66
CA GLN B 230 -8.33 14.07 -0.25
C GLN B 230 -8.13 12.68 -0.80
N ALA B 231 -6.87 12.32 -1.14
CA ALA B 231 -6.57 11.01 -1.67
C ALA B 231 -6.93 9.92 -0.67
N LEU B 232 -6.51 10.09 0.59
CA LEU B 232 -6.81 9.13 1.65
C LEU B 232 -8.30 9.07 1.94
N LEU B 233 -8.96 10.23 1.99
CA LEU B 233 -10.40 10.24 2.22
C LEU B 233 -11.12 9.44 1.14
N GLY B 234 -10.82 9.76 -0.13
CA GLY B 234 -11.52 9.11 -1.22
C GLY B 234 -11.24 7.62 -1.30
N ALA B 235 -10.00 7.22 -1.01
CA ALA B 235 -9.67 5.80 -1.07
C ALA B 235 -10.41 5.02 0.01
N ALA B 236 -10.44 5.55 1.24
CA ALA B 236 -11.18 4.91 2.31
C ALA B 236 -12.66 4.83 1.98
N LYS B 237 -13.22 5.89 1.42
CA LYS B 237 -14.63 5.84 1.02
C LYS B 237 -14.86 4.82 -0.09
N MET B 238 -13.95 4.76 -1.08
CA MET B 238 -14.06 3.71 -2.09
C MET B 238 -14.16 2.32 -1.47
N LEU B 239 -13.27 2.03 -0.52
CA LEU B 239 -13.25 0.70 0.10
C LEU B 239 -14.53 0.45 0.92
N LEU B 240 -15.00 1.48 1.64
CA LEU B 240 -16.20 1.28 2.46
C LEU B 240 -17.41 0.99 1.58
N HIS B 241 -17.47 1.60 0.40
CA HIS B 241 -18.65 1.47 -0.45
C HIS B 241 -18.54 0.32 -1.44
N SER B 242 -17.41 -0.38 -1.47
CA SER B 242 -17.17 -1.47 -2.39
C SER B 242 -17.27 -2.79 -1.65
N GLU B 243 -17.69 -3.83 -2.35
CA GLU B 243 -17.61 -5.15 -1.75
C GLU B 243 -16.23 -5.78 -1.92
N GLN B 244 -15.30 -5.09 -2.58
CA GLN B 244 -14.07 -5.69 -3.08
C GLN B 244 -12.94 -5.63 -2.07
N HIS B 245 -12.01 -6.56 -2.23
CA HIS B 245 -10.82 -6.60 -1.42
C HIS B 245 -9.96 -5.36 -1.67
N PRO B 246 -9.31 -4.82 -0.64
CA PRO B 246 -8.39 -3.68 -0.88
C PRO B 246 -7.28 -4.00 -1.86
N GLY B 247 -6.82 -5.26 -1.92
CA GLY B 247 -5.86 -5.64 -2.96
C GLY B 247 -6.43 -5.46 -4.37
N GLN B 248 -7.71 -5.81 -4.56
CA GLN B 248 -8.30 -5.66 -5.89
C GLN B 248 -8.42 -4.20 -6.30
N LEU B 249 -8.79 -3.32 -5.36
CA LEU B 249 -8.83 -1.89 -5.67
C LEU B 249 -7.43 -1.36 -5.98
N LYS B 250 -6.44 -1.83 -5.23
CA LYS B 250 -5.04 -1.53 -5.56
C LYS B 250 -4.73 -1.98 -6.98
N ASP B 251 -5.17 -3.19 -7.34
CA ASP B 251 -4.92 -3.71 -8.68
C ASP B 251 -5.51 -2.80 -9.76
N ASN B 252 -6.74 -2.30 -9.56
CA ASN B 252 -7.41 -1.52 -10.59
C ASN B 252 -6.70 -0.20 -10.86
N VAL B 253 -6.00 0.34 -9.86
CA VAL B 253 -5.36 1.64 -10.00
C VAL B 253 -3.99 1.51 -10.66
N SER B 254 -3.34 0.36 -10.55
CA SER B 254 -1.95 0.24 -11.01
C SER B 254 -1.96 -0.20 -12.47
N SER B 255 -1.75 0.77 -13.37
CA SER B 255 -1.50 0.48 -14.78
C SER B 255 -0.17 -0.26 -14.99
N PRO B 256 -0.11 -1.17 -15.97
CA PRO B 256 1.15 -1.90 -16.22
C PRO B 256 2.30 -0.96 -16.54
N GLY B 257 3.45 -1.20 -15.88
CA GLY B 257 4.60 -0.36 -16.11
C GLY B 257 4.48 1.08 -15.63
N GLY B 258 3.39 1.43 -14.94
CA GLY B 258 3.04 2.81 -14.66
C GLY B 258 3.70 3.37 -13.41
N ALA B 259 3.36 4.64 -13.13
CA ALA B 259 3.94 5.35 -11.99
C ALA B 259 3.54 4.71 -10.67
N THR B 260 2.29 4.29 -10.57
CA THR B 260 1.78 3.78 -9.30
C THR B 260 2.49 2.48 -8.90
N ILE B 261 2.61 1.53 -9.84
CA ILE B 261 3.23 0.24 -9.49
C ILE B 261 4.70 0.45 -9.14
N HIS B 262 5.37 1.42 -9.78
CA HIS B 262 6.74 1.75 -9.39
C HIS B 262 6.79 2.27 -7.96
N ALA B 263 5.79 3.04 -7.54
CA ALA B 263 5.79 3.54 -6.17
C ALA B 263 5.44 2.44 -5.19
N LEU B 264 4.49 1.57 -5.55
CA LEU B 264 4.15 0.47 -4.67
C LEU B 264 5.38 -0.39 -4.38
N HIS B 265 6.24 -0.59 -5.38
CA HIS B 265 7.42 -1.40 -5.17
C HIS B 265 8.32 -0.80 -4.10
N VAL B 266 8.55 0.53 -4.14
CA VAL B 266 9.43 1.10 -3.11
C VAL B 266 8.76 1.04 -1.73
N LEU B 267 7.42 1.10 -1.66
CA LEU B 267 6.76 0.84 -0.38
C LEU B 267 7.07 -0.58 0.10
N GLU B 268 6.91 -1.58 -0.80
CA GLU B 268 7.15 -2.97 -0.44
C GLU B 268 8.59 -3.19 0.00
N SER B 269 9.53 -2.53 -0.69
CA SER B 269 10.94 -2.73 -0.36
C SER B 269 11.29 -2.23 1.03
N GLY B 270 10.63 -1.16 1.51
CA GLY B 270 10.83 -0.80 2.91
C GLY B 270 10.01 -1.58 3.92
N GLY B 271 9.24 -2.59 3.49
CA GLY B 271 8.38 -3.28 4.44
C GLY B 271 7.24 -2.44 5.00
N PHE B 272 6.68 -1.55 4.18
CA PHE B 272 5.56 -0.68 4.56
C PHE B 272 4.46 -1.45 5.27
N ARG B 273 4.05 -2.60 4.72
CA ARG B 273 2.95 -3.35 5.31
C ARG B 273 3.28 -3.76 6.73
N SER B 274 4.48 -4.30 6.97
CA SER B 274 4.83 -4.79 8.31
C SER B 274 4.86 -3.67 9.34
N LEU B 275 5.17 -2.45 8.94
CA LEU B 275 5.22 -1.39 9.93
C LEU B 275 3.83 -1.08 10.48
N LEU B 276 2.82 -1.07 9.62
CA LEU B 276 1.45 -0.90 10.09
C LEU B 276 1.00 -2.07 10.95
N ILE B 277 1.32 -3.31 10.57
CA ILE B 277 1.04 -4.44 11.46
C ILE B 277 1.75 -4.23 12.80
N ASN B 278 3.04 -3.86 12.75
CA ASN B 278 3.79 -3.57 13.97
C ASN B 278 3.05 -2.53 14.81
N ALA B 279 2.46 -1.51 14.18
CA ALA B 279 1.84 -0.41 14.93
C ALA B 279 0.59 -0.90 15.66
N VAL B 280 -0.35 -1.51 14.91
CA VAL B 280 -1.54 -2.09 15.53
C VAL B 280 -1.15 -3.00 16.70
N GLU B 281 -0.16 -3.86 16.47
CA GLU B 281 0.29 -4.77 17.52
C GLU B 281 0.78 -4.00 18.74
N ALA B 282 1.62 -2.98 18.53
CA ALA B 282 2.23 -2.28 19.67
C ALA B 282 1.18 -1.53 20.46
N SER B 283 0.20 -0.92 19.78
CA SER B 283 -0.84 -0.19 20.49
C SER B 283 -1.72 -1.14 21.30
N CYS B 284 -2.13 -2.25 20.70
CA CYS B 284 -2.91 -3.28 21.40
C CYS B 284 -2.15 -3.82 22.62
N ILE B 285 -0.88 -4.18 22.46
CA ILE B 285 -0.13 -4.76 23.58
C ILE B 285 0.02 -3.76 24.72
N ARG B 286 0.33 -2.49 24.38
CA ARG B 286 0.38 -1.43 25.40
C ARG B 286 -0.96 -1.26 26.09
N THR B 287 -2.06 -1.30 25.33
CA THR B 287 -3.39 -1.26 25.93
C THR B 287 -3.57 -2.37 26.96
N ARG B 288 -3.07 -3.58 26.66
CA ARG B 288 -3.20 -4.68 27.62
C ARG B 288 -2.40 -4.43 28.88
N GLU B 289 -1.21 -3.84 28.76
CA GLU B 289 -0.44 -3.51 29.96
C GLU B 289 -1.18 -2.50 30.83
N LEU B 290 -1.81 -1.50 30.22
CA LEU B 290 -2.58 -0.55 31.01
C LEU B 290 -3.78 -1.24 31.68
N GLN B 291 -4.38 -2.24 31.03
CA GLN B 291 -5.44 -3.00 31.68
C GLN B 291 -4.90 -3.87 32.81
N SER B 292 -3.63 -4.26 32.75
CA SER B 292 -3.00 -5.00 33.84
C SER B 292 -2.40 -4.08 34.88
N MET B 293 -2.07 -2.84 34.53
CA MET B 293 -1.71 -1.86 35.54
C MET B 293 -2.93 -1.42 36.34
N ALA B 294 -4.12 -1.78 35.89
CA ALA B 294 -5.36 -1.49 36.62
C ALA B 294 -5.59 -2.53 37.71
N SER C 22 -0.36 -36.88 -37.26
CA SER C 22 -0.44 -36.36 -38.62
C SER C 22 0.73 -35.44 -38.96
N MET C 23 1.09 -34.55 -38.03
CA MET C 23 2.09 -33.53 -38.26
C MET C 23 3.47 -33.98 -37.78
N SER C 24 4.50 -33.39 -38.38
CA SER C 24 5.90 -33.73 -38.10
C SER C 24 6.58 -32.56 -37.39
N VAL C 25 7.24 -32.85 -36.27
CA VAL C 25 7.79 -31.83 -35.38
C VAL C 25 9.27 -32.08 -35.19
N GLY C 26 10.07 -31.00 -35.21
CA GLY C 26 11.49 -31.12 -35.07
C GLY C 26 12.00 -30.19 -33.98
N PHE C 27 13.15 -30.57 -33.41
CA PHE C 27 13.79 -29.80 -32.33
C PHE C 27 15.26 -29.55 -32.68
N ILE C 28 15.62 -28.28 -32.87
CA ILE C 28 17.02 -27.88 -32.93
C ILE C 28 17.46 -27.60 -31.50
N GLY C 29 18.35 -28.43 -30.98
CA GLY C 29 18.62 -28.47 -29.56
C GLY C 29 17.96 -29.69 -28.93
N ALA C 30 18.59 -30.20 -27.86
CA ALA C 30 18.10 -31.41 -27.21
C ALA C 30 18.34 -31.37 -25.71
N GLY C 31 18.23 -30.18 -25.11
CA GLY C 31 18.47 -29.98 -23.70
C GLY C 31 17.20 -30.04 -22.88
N GLN C 32 17.21 -29.32 -21.76
CA GLN C 32 16.11 -29.36 -20.81
C GLN C 32 14.76 -29.06 -21.49
N LEU C 33 14.73 -28.01 -22.32
CA LEU C 33 13.46 -27.59 -22.90
C LEU C 33 12.97 -28.56 -23.96
N ALA C 34 13.88 -29.05 -24.82
CA ALA C 34 13.46 -30.01 -25.86
C ALA C 34 12.91 -31.29 -25.24
N PHE C 35 13.57 -31.83 -24.21
CA PHE C 35 13.04 -33.02 -23.57
C PHE C 35 11.70 -32.73 -22.90
N ALA C 36 11.58 -31.57 -22.24
CA ALA C 36 10.36 -31.25 -21.51
C ALA C 36 9.16 -31.17 -22.45
N LEU C 37 9.33 -30.51 -23.60
CA LEU C 37 8.24 -30.37 -24.56
C LEU C 37 7.90 -31.72 -25.21
N ALA C 38 8.92 -32.47 -25.66
CA ALA C 38 8.64 -33.76 -26.29
C ALA C 38 7.91 -34.71 -25.34
N LYS C 39 8.43 -34.83 -24.12
CA LYS C 39 7.77 -35.65 -23.10
C LYS C 39 6.34 -35.21 -22.87
N GLY C 40 6.13 -33.89 -22.75
CA GLY C 40 4.77 -33.40 -22.56
C GLY C 40 3.87 -33.67 -23.76
N PHE C 41 4.38 -33.39 -24.96
CA PHE C 41 3.58 -33.60 -26.16
C PHE C 41 3.16 -35.06 -26.30
N THR C 42 4.11 -35.99 -26.12
CA THR C 42 3.77 -37.39 -26.31
C THR C 42 2.95 -37.92 -25.15
N ALA C 43 3.18 -37.42 -23.93
CA ALA C 43 2.29 -37.75 -22.83
C ALA C 43 0.88 -37.20 -23.08
N ALA C 44 0.76 -36.06 -23.77
CA ALA C 44 -0.56 -35.53 -24.06
C ALA C 44 -1.29 -36.31 -25.16
N GLY C 45 -0.60 -37.16 -25.90
CA GLY C 45 -1.23 -37.85 -27.01
C GLY C 45 -1.45 -37.00 -28.24
N VAL C 46 -0.77 -35.84 -28.34
CA VAL C 46 -0.89 -35.00 -29.53
C VAL C 46 0.20 -35.31 -30.56
N LEU C 47 1.35 -35.82 -30.14
CA LEU C 47 2.41 -36.23 -31.05
C LEU C 47 2.81 -37.65 -30.72
N ALA C 48 3.13 -38.43 -31.77
CA ALA C 48 3.80 -39.70 -31.59
C ALA C 48 5.30 -39.47 -31.46
N ALA C 49 5.92 -40.16 -30.50
CA ALA C 49 7.35 -39.98 -30.28
C ALA C 49 8.14 -40.22 -31.56
N HIS C 50 7.72 -41.20 -32.37
CA HIS C 50 8.45 -41.53 -33.58
C HIS C 50 8.29 -40.48 -34.68
N LYS C 51 7.37 -39.52 -34.53
CA LYS C 51 7.27 -38.43 -35.49
C LYS C 51 7.97 -37.17 -35.00
N ILE C 52 8.83 -37.31 -33.99
CA ILE C 52 9.64 -36.21 -33.46
C ILE C 52 11.10 -36.51 -33.74
N MET C 53 11.82 -35.49 -34.17
CA MET C 53 13.26 -35.58 -34.39
C MET C 53 13.94 -34.45 -33.65
N ALA C 54 15.10 -34.74 -33.06
CA ALA C 54 15.86 -33.74 -32.32
C ALA C 54 17.33 -33.83 -32.71
N SER C 55 17.98 -32.68 -32.79
CA SER C 55 19.40 -32.58 -33.14
C SER C 55 20.17 -31.89 -32.02
N SER C 56 21.38 -32.39 -31.74
CA SER C 56 22.29 -31.81 -30.76
C SER C 56 23.72 -32.01 -31.24
N PRO C 57 24.63 -31.07 -30.93
CA PRO C 57 26.06 -31.29 -31.22
C PRO C 57 26.68 -32.29 -30.24
N ASP C 58 26.52 -32.07 -28.94
CA ASP C 58 27.01 -32.98 -27.91
C ASP C 58 25.97 -34.08 -27.71
N MET C 59 26.11 -35.15 -28.49
CA MET C 59 25.16 -36.26 -28.45
C MET C 59 25.34 -37.11 -27.19
N ASP C 60 25.86 -36.51 -26.12
CA ASP C 60 26.12 -37.23 -24.87
C ASP C 60 25.49 -36.53 -23.67
N LEU C 61 24.62 -35.55 -23.88
CA LEU C 61 23.90 -34.97 -22.76
C LEU C 61 22.89 -35.97 -22.22
N ALA C 62 22.69 -35.93 -20.90
CA ALA C 62 21.69 -36.80 -20.28
C ALA C 62 20.33 -36.62 -20.93
N THR C 63 20.01 -35.37 -21.31
CA THR C 63 18.77 -35.10 -22.03
C THR C 63 18.73 -35.81 -23.37
N VAL C 64 19.88 -35.96 -24.03
CA VAL C 64 19.92 -36.67 -25.30
C VAL C 64 19.67 -38.15 -25.12
N SER C 65 20.05 -38.70 -23.96
CA SER C 65 19.77 -40.11 -23.69
C SER C 65 18.31 -40.32 -23.33
N ALA C 66 17.73 -39.39 -22.57
CA ALA C 66 16.33 -39.49 -22.19
C ALA C 66 15.40 -39.37 -23.40
N LEU C 67 15.77 -38.55 -24.38
CA LEU C 67 14.97 -38.47 -25.61
C LEU C 67 15.02 -39.77 -26.41
N ARG C 68 16.18 -40.44 -26.43
CA ARG C 68 16.25 -41.74 -27.11
C ARG C 68 15.32 -42.76 -26.45
N LYS C 69 15.37 -42.86 -25.12
CA LYS C 69 14.54 -43.84 -24.41
C LYS C 69 13.05 -43.60 -24.60
N MET C 70 12.65 -42.43 -25.08
CA MET C 70 11.25 -42.07 -25.30
C MET C 70 10.74 -42.44 -26.68
N GLY C 71 11.62 -42.77 -27.61
CA GLY C 71 11.24 -43.05 -28.98
C GLY C 71 11.60 -41.97 -29.97
N VAL C 72 12.11 -40.83 -29.49
CA VAL C 72 12.42 -39.72 -30.37
C VAL C 72 13.61 -40.06 -31.27
N LYS C 73 13.50 -39.72 -32.55
CA LYS C 73 14.61 -39.92 -33.47
C LYS C 73 15.65 -38.82 -33.27
N LEU C 74 16.90 -39.21 -33.04
CA LEU C 74 17.97 -38.25 -32.80
C LEU C 74 18.96 -38.25 -33.96
N THR C 75 19.70 -37.14 -34.04
CA THR C 75 20.60 -36.86 -35.14
C THR C 75 21.59 -35.81 -34.67
N PRO C 76 22.78 -35.76 -35.26
CA PRO C 76 23.69 -34.63 -35.01
C PRO C 76 23.68 -33.55 -36.09
N HIS C 77 22.90 -33.72 -37.16
CA HIS C 77 22.86 -32.76 -38.26
C HIS C 77 21.58 -31.93 -38.15
N ASN C 78 21.72 -30.64 -37.85
CA ASN C 78 20.57 -29.74 -37.83
C ASN C 78 19.81 -29.77 -39.15
N LYS C 79 20.50 -29.97 -40.27
CA LYS C 79 19.85 -29.98 -41.57
C LYS C 79 18.87 -31.15 -41.71
N GLU C 80 19.18 -32.29 -41.12
CA GLU C 80 18.25 -33.42 -41.19
C GLU C 80 16.97 -33.12 -40.41
N THR C 81 17.08 -32.39 -39.29
CA THR C 81 15.87 -32.07 -38.53
C THR C 81 14.95 -31.16 -39.32
N VAL C 82 15.51 -30.20 -40.06
CA VAL C 82 14.71 -29.31 -40.90
C VAL C 82 13.98 -30.11 -41.98
N GLN C 83 14.68 -31.04 -42.63
CA GLN C 83 14.07 -31.80 -43.71
C GLN C 83 13.02 -32.78 -43.22
N HIS C 84 13.08 -33.15 -41.93
CA HIS C 84 12.12 -34.09 -41.36
C HIS C 84 10.81 -33.41 -40.95
N SER C 85 10.86 -32.17 -40.50
CA SER C 85 9.74 -31.63 -39.75
C SER C 85 9.01 -30.54 -40.53
N ASP C 86 7.76 -30.31 -40.09
CA ASP C 86 6.94 -29.18 -40.49
C ASP C 86 7.00 -28.05 -39.46
N VAL C 87 6.76 -28.37 -38.20
CA VAL C 87 6.90 -27.42 -37.11
C VAL C 87 8.30 -27.58 -36.54
N LEU C 88 9.06 -26.49 -36.52
CA LEU C 88 10.47 -26.53 -36.16
C LEU C 88 10.68 -25.69 -34.90
N PHE C 89 10.97 -26.34 -33.77
CA PHE C 89 11.29 -25.64 -32.53
C PHE C 89 12.77 -25.32 -32.46
N LEU C 90 13.11 -24.07 -32.13
CA LEU C 90 14.48 -23.67 -31.83
C LEU C 90 14.63 -23.62 -30.32
N ALA C 91 15.24 -24.67 -29.75
CA ALA C 91 15.42 -24.70 -28.30
C ALA C 91 16.89 -24.71 -27.95
N VAL C 92 17.62 -23.70 -28.42
CA VAL C 92 19.03 -23.54 -28.09
C VAL C 92 19.18 -22.27 -27.26
N LYS C 93 20.36 -22.12 -26.65
CA LYS C 93 20.66 -20.87 -25.94
C LYS C 93 20.61 -19.70 -26.92
N PRO C 94 20.14 -18.53 -26.48
CA PRO C 94 19.95 -17.40 -27.42
C PRO C 94 21.16 -17.04 -28.27
N HIS C 95 22.37 -17.16 -27.74
CA HIS C 95 23.52 -16.80 -28.55
C HIS C 95 23.84 -17.80 -29.66
N ILE C 96 23.24 -19.00 -29.62
CA ILE C 96 23.45 -19.94 -30.72
C ILE C 96 22.48 -19.68 -31.87
N ILE C 97 21.37 -18.98 -31.61
CA ILE C 97 20.33 -18.81 -32.63
C ILE C 97 20.87 -18.18 -33.91
N PRO C 98 21.66 -17.09 -33.88
CA PRO C 98 22.19 -16.57 -35.15
C PRO C 98 22.93 -17.61 -35.97
N PHE C 99 23.74 -18.45 -35.33
CA PHE C 99 24.52 -19.43 -36.08
C PHE C 99 23.63 -20.53 -36.65
N ILE C 100 22.56 -20.88 -35.95
CA ILE C 100 21.67 -21.92 -36.45
C ILE C 100 20.87 -21.41 -37.64
N LEU C 101 20.39 -20.17 -37.57
CA LEU C 101 19.65 -19.60 -38.69
C LEU C 101 20.53 -19.48 -39.94
N ASP C 102 21.85 -19.36 -39.76
CA ASP C 102 22.75 -19.33 -40.91
C ASP C 102 22.97 -20.72 -41.50
N GLU C 103 23.05 -21.74 -40.63
CA GLU C 103 23.34 -23.08 -41.10
C GLU C 103 22.19 -23.64 -41.92
N ILE C 104 20.95 -23.45 -41.46
CA ILE C 104 19.78 -24.07 -42.08
C ILE C 104 18.92 -23.08 -42.84
N GLY C 105 19.29 -21.80 -42.88
CA GLY C 105 18.44 -20.81 -43.54
C GLY C 105 18.08 -21.20 -44.96
N ALA C 106 19.04 -21.78 -45.68
CA ALA C 106 18.81 -22.20 -47.06
C ALA C 106 17.96 -23.46 -47.16
N ASP C 107 17.68 -24.13 -46.05
CA ASP C 107 16.85 -25.33 -46.07
C ASP C 107 15.41 -25.07 -45.67
N ILE C 108 15.08 -23.85 -45.24
CA ILE C 108 13.72 -23.54 -44.82
C ILE C 108 12.83 -23.42 -46.05
N GLU C 109 11.66 -24.05 -45.99
CA GLU C 109 10.73 -24.07 -47.12
C GLU C 109 9.44 -23.35 -46.74
N ASP C 110 8.55 -23.26 -47.73
CA ASP C 110 7.23 -22.69 -47.50
C ASP C 110 6.49 -23.41 -46.37
N ARG C 111 6.70 -24.72 -46.25
CA ARG C 111 5.90 -25.51 -45.34
C ARG C 111 6.23 -25.23 -43.88
N HIS C 112 7.44 -24.74 -43.58
CA HIS C 112 7.93 -24.71 -42.22
C HIS C 112 7.27 -23.62 -41.39
N ILE C 113 6.94 -23.94 -40.15
CA ILE C 113 6.71 -22.95 -39.11
C ILE C 113 7.91 -23.00 -38.19
N VAL C 114 8.62 -21.89 -38.07
CA VAL C 114 9.78 -21.81 -37.19
C VAL C 114 9.32 -21.23 -35.86
N VAL C 115 9.50 -22.00 -34.79
CA VAL C 115 9.07 -21.58 -33.47
C VAL C 115 10.32 -21.39 -32.61
N SER C 116 10.62 -20.15 -32.24
CA SER C 116 11.79 -19.86 -31.43
C SER C 116 11.43 -19.84 -29.95
N CYS C 117 12.09 -20.68 -29.17
CA CYS C 117 11.91 -20.67 -27.72
C CYS C 117 13.03 -19.93 -27.00
N ALA C 118 14.03 -19.44 -27.72
CA ALA C 118 15.18 -18.82 -27.08
C ALA C 118 14.78 -17.51 -26.42
N ALA C 119 15.23 -17.30 -25.18
CA ALA C 119 14.82 -16.11 -24.43
C ALA C 119 15.39 -14.86 -25.06
N GLY C 120 14.55 -13.83 -25.19
CA GLY C 120 15.00 -12.53 -25.67
C GLY C 120 15.05 -12.38 -27.18
N VAL C 121 15.28 -13.48 -27.91
CA VAL C 121 15.50 -13.40 -29.35
C VAL C 121 14.22 -12.93 -30.03
N THR C 122 14.30 -11.77 -30.70
CA THR C 122 13.10 -11.16 -31.23
C THR C 122 12.69 -11.81 -32.56
N ILE C 123 11.40 -11.67 -32.88
CA ILE C 123 10.91 -12.11 -34.20
C ILE C 123 11.64 -11.38 -35.30
N SER C 124 11.87 -10.08 -35.11
CA SER C 124 12.58 -9.26 -36.10
C SER C 124 13.92 -9.90 -36.47
N SER C 125 14.75 -10.20 -35.47
CA SER C 125 16.09 -10.71 -35.76
C SER C 125 16.03 -12.06 -36.47
N ILE C 126 15.05 -12.92 -36.14
CA ILE C 126 14.95 -14.19 -36.85
C ILE C 126 14.49 -13.97 -38.28
N GLU C 127 13.50 -13.09 -38.50
CA GLU C 127 12.99 -12.88 -39.85
C GLU C 127 14.03 -12.25 -40.74
N LYS C 128 14.84 -11.33 -40.21
CA LYS C 128 15.87 -10.70 -41.04
C LYS C 128 16.91 -11.72 -41.49
N LYS C 129 17.26 -12.67 -40.62
CA LYS C 129 18.25 -13.68 -41.00
C LYS C 129 17.68 -14.67 -42.00
N LEU C 130 16.44 -15.15 -41.75
CA LEU C 130 15.84 -16.14 -42.63
C LEU C 130 15.39 -15.52 -43.96
N SER C 131 15.08 -14.22 -43.99
CA SER C 131 14.61 -13.59 -45.22
C SER C 131 15.72 -13.42 -46.26
N ALA C 132 16.99 -13.45 -45.85
CA ALA C 132 18.06 -13.38 -46.84
C ALA C 132 18.11 -14.62 -47.72
N PHE C 133 17.53 -15.73 -47.26
CA PHE C 133 17.45 -16.98 -48.02
C PHE C 133 16.14 -17.12 -48.77
N ARG C 134 15.02 -16.79 -48.13
CA ARG C 134 13.72 -16.89 -48.77
C ARG C 134 12.73 -15.94 -48.11
N PRO C 135 11.98 -15.16 -48.88
CA PRO C 135 11.06 -14.20 -48.28
C PRO C 135 9.92 -14.89 -47.55
N ALA C 136 9.26 -14.10 -46.70
CA ALA C 136 8.13 -14.53 -45.90
C ALA C 136 8.34 -15.83 -45.10
N PRO C 137 9.40 -15.92 -44.31
CA PRO C 137 9.48 -17.04 -43.36
C PRO C 137 8.37 -16.93 -42.31
N ARG C 138 7.79 -18.09 -41.98
CA ARG C 138 6.70 -18.17 -41.00
C ARG C 138 7.31 -18.43 -39.63
N VAL C 139 7.30 -17.40 -38.78
CA VAL C 139 8.01 -17.45 -37.50
C VAL C 139 7.02 -17.23 -36.36
N ILE C 140 7.20 -17.99 -35.29
CA ILE C 140 6.46 -17.81 -34.05
C ILE C 140 7.49 -17.73 -32.93
N ARG C 141 7.34 -16.75 -32.04
CA ARG C 141 8.17 -16.68 -30.86
C ARG C 141 7.35 -17.12 -29.65
N CYS C 142 7.92 -17.97 -28.81
CA CYS C 142 7.20 -18.35 -27.61
C CYS C 142 8.11 -18.36 -26.40
N MET C 143 7.52 -18.09 -25.25
CA MET C 143 8.17 -18.25 -23.95
C MET C 143 7.39 -19.32 -23.19
N THR C 144 8.05 -20.43 -22.90
CA THR C 144 7.40 -21.52 -22.19
C THR C 144 8.26 -21.84 -20.96
N ASN C 145 7.99 -22.94 -20.26
CA ASN C 145 8.80 -23.29 -19.10
C ASN C 145 8.80 -24.80 -18.93
N THR C 146 9.70 -25.29 -18.08
CA THR C 146 9.92 -26.74 -17.96
C THR C 146 8.70 -27.54 -17.47
N PRO C 147 7.74 -26.99 -16.68
CA PRO C 147 6.60 -27.82 -16.28
C PRO C 147 5.70 -28.34 -17.39
N VAL C 148 5.97 -27.98 -18.66
CA VAL C 148 5.34 -28.68 -19.77
C VAL C 148 5.63 -30.17 -19.68
N VAL C 149 6.72 -30.55 -19.01
CA VAL C 149 7.08 -31.96 -18.83
C VAL C 149 6.01 -32.71 -18.04
N VAL C 150 5.24 -32.03 -17.19
CA VAL C 150 4.12 -32.65 -16.48
C VAL C 150 2.79 -32.08 -16.97
N ARG C 151 2.79 -31.47 -18.17
CA ARG C 151 1.60 -30.94 -18.79
C ARG C 151 0.99 -29.79 -18.00
N GLU C 152 1.82 -29.03 -17.29
CA GLU C 152 1.35 -27.89 -16.52
C GLU C 152 2.21 -26.66 -16.79
N GLY C 153 2.63 -26.50 -18.03
CA GLY C 153 3.42 -25.35 -18.40
C GLY C 153 2.61 -24.08 -18.47
N ALA C 154 3.34 -22.98 -18.60
CA ALA C 154 2.77 -21.65 -18.86
C ALA C 154 3.46 -21.15 -20.11
N THR C 155 2.69 -20.90 -21.16
CA THR C 155 3.25 -20.63 -22.47
C THR C 155 2.55 -19.42 -23.07
N VAL C 156 3.33 -18.48 -23.58
CA VAL C 156 2.77 -17.43 -24.41
C VAL C 156 3.51 -17.46 -25.73
N TYR C 157 2.89 -16.89 -26.75
CA TYR C 157 3.49 -16.87 -28.08
C TYR C 157 3.04 -15.59 -28.78
N ALA C 158 3.90 -15.09 -29.69
CA ALA C 158 3.56 -14.00 -30.60
C ALA C 158 3.79 -14.45 -32.05
N THR C 159 2.87 -14.08 -32.93
CA THR C 159 2.94 -14.46 -34.32
C THR C 159 3.76 -13.44 -35.11
N GLY C 160 4.63 -13.94 -35.99
CA GLY C 160 5.50 -13.09 -36.79
C GLY C 160 4.77 -12.42 -37.94
N THR C 161 5.55 -11.72 -38.77
CA THR C 161 4.99 -10.96 -39.88
C THR C 161 4.25 -11.85 -40.88
N HIS C 162 4.82 -13.02 -41.19
CA HIS C 162 4.29 -13.87 -42.24
C HIS C 162 3.60 -15.12 -41.70
N ALA C 163 3.40 -15.18 -40.39
CA ALA C 163 2.59 -16.27 -39.82
C ALA C 163 1.15 -16.11 -40.28
N GLN C 164 0.62 -17.13 -40.95
CA GLN C 164 -0.80 -17.14 -41.26
C GLN C 164 -1.62 -17.33 -39.97
N VAL C 165 -2.94 -17.16 -40.10
CA VAL C 165 -3.83 -17.31 -38.94
C VAL C 165 -3.81 -18.74 -38.44
N GLU C 166 -3.94 -19.70 -39.35
CA GLU C 166 -3.84 -21.11 -38.96
C GLU C 166 -2.53 -21.43 -38.25
N ASP C 167 -1.48 -20.64 -38.47
CA ASP C 167 -0.21 -20.91 -37.78
C ASP C 167 -0.36 -20.66 -36.29
N GLY C 168 -0.94 -19.52 -35.90
CA GLY C 168 -1.11 -19.22 -34.49
C GLY C 168 -2.13 -20.11 -33.82
N ARG C 169 -3.21 -20.45 -34.53
CA ARG C 169 -4.20 -21.36 -33.97
C ARG C 169 -3.61 -22.75 -33.78
N LEU C 170 -2.77 -23.19 -34.72
CA LEU C 170 -2.09 -24.48 -34.57
C LEU C 170 -1.19 -24.48 -33.35
N MET C 171 -0.38 -23.42 -33.23
CA MET C 171 0.53 -23.29 -32.10
CA MET C 171 0.54 -23.37 -32.10
C MET C 171 -0.22 -23.37 -30.77
N GLU C 172 -1.35 -22.65 -30.68
CA GLU C 172 -2.10 -22.63 -29.42
C GLU C 172 -2.68 -24.01 -29.11
N GLN C 173 -3.14 -24.73 -30.13
CA GLN C 173 -3.65 -26.08 -29.89
C GLN C 173 -2.56 -27.00 -29.39
N LEU C 174 -1.41 -27.00 -30.06
CA LEU C 174 -0.28 -27.82 -29.62
C LEU C 174 0.13 -27.48 -28.17
N LEU C 175 0.38 -26.21 -27.90
CA LEU C 175 0.94 -25.85 -26.61
C LEU C 175 -0.09 -25.89 -25.48
N SER C 176 -1.38 -25.70 -25.81
CA SER C 176 -2.42 -25.87 -24.80
C SER C 176 -2.47 -27.29 -24.24
N SER C 177 -2.00 -28.28 -25.00
CA SER C 177 -2.07 -29.65 -24.49
C SER C 177 -1.07 -29.93 -23.37
N VAL C 178 -0.15 -28.99 -23.08
CA VAL C 178 0.89 -29.19 -22.08
C VAL C 178 0.92 -28.06 -21.07
N GLY C 179 -0.16 -27.27 -21.02
CA GLY C 179 -0.33 -26.28 -20.00
C GLY C 179 -1.15 -25.12 -20.51
N PHE C 180 -1.12 -24.03 -19.77
CA PHE C 180 -1.77 -22.79 -20.20
C PHE C 180 -1.04 -22.22 -21.41
N CYS C 181 -1.82 -21.71 -22.36
CA CYS C 181 -1.22 -21.07 -23.52
C CYS C 181 -2.14 -19.96 -24.00
N THR C 182 -1.54 -18.82 -24.37
CA THR C 182 -2.30 -17.71 -24.93
C THR C 182 -1.39 -16.87 -25.81
N GLU C 183 -2.00 -16.14 -26.74
CA GLU C 183 -1.27 -15.24 -27.61
C GLU C 183 -1.03 -13.90 -26.92
N VAL C 184 0.15 -13.33 -27.12
CA VAL C 184 0.45 -11.98 -26.63
C VAL C 184 1.14 -11.17 -27.71
N GLU C 185 1.07 -9.84 -27.55
CA GLU C 185 2.01 -8.97 -28.26
C GLU C 185 3.43 -9.30 -27.84
N GLU C 186 4.34 -9.23 -28.82
CA GLU C 186 5.71 -9.66 -28.58
C GLU C 186 6.39 -8.86 -27.48
N ASP C 187 6.01 -7.60 -27.29
CA ASP C 187 6.71 -6.78 -26.31
C ASP C 187 6.32 -7.08 -24.86
N LEU C 188 5.49 -8.10 -24.63
CA LEU C 188 5.23 -8.60 -23.28
C LEU C 188 6.11 -9.78 -22.91
N ILE C 189 6.83 -10.37 -23.87
CA ILE C 189 7.39 -11.70 -23.66
C ILE C 189 8.58 -11.64 -22.72
N ASP C 190 9.31 -10.53 -22.71
CA ASP C 190 10.42 -10.39 -21.77
C ASP C 190 9.88 -10.31 -20.34
N ALA C 191 8.74 -9.64 -20.14
CA ALA C 191 8.11 -9.64 -18.81
C ALA C 191 7.61 -11.03 -18.44
N VAL C 192 6.98 -11.73 -19.38
CA VAL C 192 6.53 -13.10 -19.11
C VAL C 192 7.71 -13.98 -18.71
N THR C 193 8.85 -13.81 -19.39
CA THR C 193 10.06 -14.54 -19.03
C THR C 193 10.42 -14.32 -17.55
N GLY C 194 10.34 -13.08 -17.10
CA GLY C 194 10.65 -12.81 -15.71
C GLY C 194 9.70 -13.46 -14.74
N LEU C 195 8.46 -13.69 -15.17
CA LEU C 195 7.41 -14.18 -14.29
C LEU C 195 7.22 -15.68 -14.37
N SER C 196 6.72 -16.21 -15.49
CA SER C 196 6.51 -17.64 -15.56
C SER C 196 7.65 -18.39 -16.21
N GLY C 197 8.51 -17.72 -17.00
CA GLY C 197 9.71 -18.37 -17.51
C GLY C 197 10.69 -18.75 -16.41
N SER C 198 11.03 -17.79 -15.54
CA SER C 198 11.90 -18.02 -14.39
C SER C 198 11.14 -18.50 -13.15
N GLY C 199 9.81 -18.32 -13.13
CA GLY C 199 8.95 -18.69 -12.03
C GLY C 199 9.19 -20.03 -11.38
N PRO C 200 9.31 -21.11 -12.18
CA PRO C 200 9.55 -22.43 -11.54
C PRO C 200 10.79 -22.43 -10.66
N ALA C 201 11.84 -21.71 -11.04
CA ALA C 201 13.03 -21.72 -10.19
C ALA C 201 12.77 -20.99 -8.88
N TYR C 202 11.94 -19.92 -8.89
CA TYR C 202 11.57 -19.29 -7.63
C TYR C 202 10.83 -20.28 -6.76
N ALA C 203 9.94 -21.06 -7.36
CA ALA C 203 9.19 -22.05 -6.60
C ALA C 203 10.08 -23.15 -6.05
N PHE C 204 11.11 -23.58 -6.81
CA PHE C 204 11.99 -24.64 -6.27
C PHE C 204 12.80 -24.11 -5.10
N THR C 205 13.29 -22.87 -5.20
CA THR C 205 13.96 -22.20 -4.08
C THR C 205 13.04 -22.12 -2.87
N ALA C 206 11.82 -21.66 -3.08
CA ALA C 206 10.84 -21.59 -2.00
C ALA C 206 10.60 -22.96 -1.37
N LEU C 207 10.44 -24.00 -2.19
CA LEU C 207 10.17 -25.34 -1.68
C LEU C 207 11.36 -25.90 -0.90
N ASP C 208 12.58 -25.62 -1.35
CA ASP C 208 13.75 -26.05 -0.58
C ASP C 208 13.77 -25.38 0.80
N ALA C 209 13.42 -24.08 0.86
CA ALA C 209 13.44 -23.32 2.11
C ALA C 209 12.30 -23.74 3.04
N LEU C 210 11.10 -23.90 2.50
CA LEU C 210 9.98 -24.38 3.30
C LEU C 210 10.29 -25.72 3.91
N ALA C 211 10.91 -26.60 3.12
CA ALA C 211 11.31 -27.90 3.64
C ALA C 211 12.35 -27.76 4.76
N ASP C 212 13.32 -26.86 4.60
CA ASP C 212 14.26 -26.62 5.70
C ASP C 212 13.52 -26.15 6.95
N GLY C 213 12.53 -25.26 6.79
CA GLY C 213 11.73 -24.84 7.93
C GLY C 213 10.99 -26.00 8.58
N GLY C 214 10.36 -26.86 7.77
CA GLY C 214 9.73 -28.05 8.30
C GLY C 214 10.69 -28.94 9.07
N VAL C 215 11.89 -29.16 8.53
CA VAL C 215 12.89 -29.98 9.22
C VAL C 215 13.35 -29.31 10.52
N LYS C 216 13.58 -27.99 10.50
CA LYS C 216 13.97 -27.30 11.74
C LYS C 216 12.94 -27.53 12.84
N MET C 217 11.66 -27.49 12.50
CA MET C 217 10.58 -27.70 13.47
C MET C 217 10.30 -29.18 13.74
N GLY C 218 11.05 -30.12 13.17
CA GLY C 218 10.97 -31.51 13.57
C GLY C 218 10.46 -32.49 12.53
N LEU C 219 10.11 -32.07 11.33
CA LEU C 219 9.60 -33.02 10.32
C LEU C 219 10.74 -33.75 9.60
N PRO C 220 10.54 -35.01 9.24
CA PRO C 220 11.48 -35.66 8.32
C PRO C 220 11.51 -34.93 6.98
N ARG C 221 12.71 -34.85 6.39
CA ARG C 221 12.89 -34.08 5.16
C ARG C 221 11.91 -34.54 4.06
N ARG C 222 11.79 -35.85 3.86
CA ARG C 222 10.94 -36.34 2.78
C ARG C 222 9.49 -35.91 3.00
N LEU C 223 8.96 -36.08 4.22
CA LEU C 223 7.62 -35.56 4.48
C LEU C 223 7.53 -34.04 4.28
N ALA C 224 8.54 -33.28 4.71
CA ALA C 224 8.44 -31.83 4.59
C ALA C 224 8.46 -31.37 3.13
N VAL C 225 9.22 -32.07 2.28
CA VAL C 225 9.21 -31.72 0.86
C VAL C 225 7.84 -31.98 0.23
N ARG C 226 7.26 -33.14 0.55
CA ARG C 226 5.95 -33.52 0.02
C ARG C 226 4.86 -32.54 0.45
N LEU C 227 4.81 -32.22 1.75
CA LEU C 227 3.80 -31.32 2.27
C LEU C 227 3.97 -29.91 1.72
N GLY C 228 5.21 -29.43 1.60
CA GLY C 228 5.41 -28.10 1.06
C GLY C 228 5.02 -28.03 -0.40
N ALA C 229 5.40 -29.05 -1.17
CA ALA C 229 5.02 -29.08 -2.58
C ALA C 229 3.51 -29.18 -2.75
N GLN C 230 2.86 -30.06 -1.97
CA GLN C 230 1.42 -30.19 -2.10
C GLN C 230 0.70 -28.89 -1.70
N ALA C 231 1.23 -28.17 -0.72
CA ALA C 231 0.63 -26.90 -0.30
C ALA C 231 0.67 -25.88 -1.43
N LEU C 232 1.84 -25.72 -2.07
CA LEU C 232 1.96 -24.77 -3.16
C LEU C 232 1.08 -25.18 -4.35
N LEU C 233 1.02 -26.47 -4.64
CA LEU C 233 0.18 -26.95 -5.73
C LEU C 233 -1.29 -26.64 -5.46
N GLY C 234 -1.78 -26.97 -4.26
CA GLY C 234 -3.19 -26.75 -3.96
C GLY C 234 -3.55 -25.28 -3.89
N ALA C 235 -2.65 -24.47 -3.34
CA ALA C 235 -2.89 -23.03 -3.31
C ALA C 235 -3.00 -22.48 -4.73
N ALA C 236 -2.04 -22.83 -5.60
CA ALA C 236 -2.09 -22.34 -6.96
C ALA C 236 -3.36 -22.79 -7.65
N LYS C 237 -3.75 -24.06 -7.45
CA LYS C 237 -4.97 -24.53 -8.07
C LYS C 237 -6.18 -23.79 -7.52
N MET C 238 -6.22 -23.57 -6.20
CA MET C 238 -7.32 -22.80 -5.61
C MET C 238 -7.49 -21.46 -6.28
N LEU C 239 -6.39 -20.71 -6.43
CA LEU C 239 -6.45 -19.40 -7.06
C LEU C 239 -6.87 -19.52 -8.53
N LEU C 240 -6.34 -20.51 -9.26
CA LEU C 240 -6.75 -20.66 -10.65
C LEU C 240 -8.23 -20.96 -10.79
N HIS C 241 -8.84 -21.64 -9.82
CA HIS C 241 -10.25 -22.03 -9.92
C HIS C 241 -11.22 -21.11 -9.20
N SER C 242 -10.76 -20.05 -8.54
CA SER C 242 -11.70 -19.11 -7.95
C SER C 242 -11.72 -17.80 -8.75
N GLU C 243 -12.80 -17.05 -8.58
CA GLU C 243 -12.84 -15.73 -9.18
C GLU C 243 -12.09 -14.71 -8.34
N GLN C 244 -11.44 -15.13 -7.26
CA GLN C 244 -11.13 -14.24 -6.17
C GLN C 244 -9.69 -13.73 -6.28
N HIS C 245 -9.48 -12.55 -5.70
CA HIS C 245 -8.15 -11.98 -5.60
C HIS C 245 -7.28 -12.82 -4.67
N PRO C 246 -5.99 -12.96 -4.95
CA PRO C 246 -5.14 -13.72 -4.01
C PRO C 246 -5.15 -13.14 -2.61
N GLY C 247 -5.23 -11.82 -2.46
CA GLY C 247 -5.39 -11.25 -1.13
C GLY C 247 -6.64 -11.73 -0.41
N GLN C 248 -7.75 -11.86 -1.15
CA GLN C 248 -8.98 -12.36 -0.55
C GLN C 248 -8.83 -13.79 -0.03
N LEU C 249 -8.16 -14.64 -0.81
CA LEU C 249 -7.96 -16.02 -0.37
C LEU C 249 -7.03 -16.07 0.85
N LYS C 250 -6.01 -15.21 0.87
CA LYS C 250 -5.19 -15.04 2.06
C LYS C 250 -6.05 -14.62 3.26
N ASP C 251 -6.95 -13.67 3.04
CA ASP C 251 -7.86 -13.27 4.11
C ASP C 251 -8.70 -14.46 4.58
N ASN C 252 -9.23 -15.24 3.63
CA ASN C 252 -10.13 -16.35 3.99
C ASN C 252 -9.42 -17.38 4.86
N VAL C 253 -8.11 -17.56 4.71
CA VAL C 253 -7.44 -18.65 5.41
C VAL C 253 -6.70 -18.21 6.67
N SER C 254 -6.73 -16.92 7.02
CA SER C 254 -6.04 -16.40 8.21
C SER C 254 -7.06 -16.14 9.34
N SER C 255 -7.19 -17.09 10.27
CA SER C 255 -8.07 -16.89 11.40
C SER C 255 -7.50 -15.86 12.39
N PRO C 256 -8.35 -15.11 13.09
CA PRO C 256 -7.84 -14.04 13.97
C PRO C 256 -6.97 -14.60 15.09
N GLY C 257 -5.80 -13.99 15.28
CA GLY C 257 -4.90 -14.40 16.33
C GLY C 257 -4.12 -15.68 16.07
N GLY C 258 -4.31 -16.31 14.89
CA GLY C 258 -3.88 -17.68 14.65
C GLY C 258 -2.45 -17.82 14.14
N ALA C 259 -2.10 -19.07 13.83
CA ALA C 259 -0.72 -19.37 13.48
C ALA C 259 -0.35 -18.74 12.14
N THR C 260 -1.27 -18.75 11.18
CA THR C 260 -0.97 -18.27 9.85
C THR C 260 -0.68 -16.76 9.83
N ILE C 261 -1.53 -15.96 10.51
CA ILE C 261 -1.32 -14.51 10.47
C ILE C 261 -0.03 -14.13 11.18
N HIS C 262 0.35 -14.87 12.23
CA HIS C 262 1.67 -14.67 12.83
C HIS C 262 2.79 -14.95 11.83
N ALA C 263 2.68 -16.00 11.03
CA ALA C 263 3.73 -16.28 10.06
C ALA C 263 3.73 -15.24 8.94
N LEU C 264 2.54 -14.77 8.53
CA LEU C 264 2.49 -13.73 7.51
C LEU C 264 3.20 -12.47 7.98
N HIS C 265 3.07 -12.13 9.26
CA HIS C 265 3.79 -10.98 9.78
C HIS C 265 5.30 -11.12 9.55
N VAL C 266 5.88 -12.28 9.87
CA VAL C 266 7.33 -12.35 9.71
C VAL C 266 7.72 -12.32 8.23
N LEU C 267 6.86 -12.80 7.33
CA LEU C 267 7.15 -12.61 5.90
C LEU C 267 7.17 -11.13 5.55
N GLU C 268 6.17 -10.37 6.03
CA GLU C 268 6.10 -8.94 5.74
C GLU C 268 7.27 -8.18 6.33
N SER C 269 7.72 -8.56 7.53
CA SER C 269 8.84 -7.84 8.16
C SER C 269 10.14 -8.00 7.37
N GLY C 270 10.29 -9.09 6.62
CA GLY C 270 11.40 -9.26 5.72
C GLY C 270 11.24 -8.65 4.33
N GLY C 271 10.12 -8.00 4.03
CA GLY C 271 9.88 -7.55 2.65
C GLY C 271 9.77 -8.70 1.67
N PHE C 272 9.16 -9.82 2.09
CA PHE C 272 8.92 -10.96 1.22
C PHE C 272 8.36 -10.56 -0.13
N ARG C 273 7.34 -9.69 -0.13
CA ARG C 273 6.70 -9.31 -1.39
C ARG C 273 7.70 -8.61 -2.31
N SER C 274 8.48 -7.66 -1.79
CA SER C 274 9.43 -6.92 -2.62
C SER C 274 10.51 -7.83 -3.23
N LEU C 275 10.85 -8.94 -2.59
CA LEU C 275 11.89 -9.77 -3.16
C LEU C 275 11.41 -10.45 -4.43
N LEU C 276 10.15 -10.89 -4.44
CA LEU C 276 9.57 -11.52 -5.62
C LEU C 276 9.39 -10.52 -6.75
N ILE C 277 8.98 -9.29 -6.42
CA ILE C 277 8.94 -8.21 -7.40
C ILE C 277 10.34 -7.98 -7.96
N ASN C 278 11.34 -7.89 -7.07
CA ASN C 278 12.75 -7.74 -7.50
C ASN C 278 13.13 -8.86 -8.47
N ALA C 279 12.70 -10.09 -8.17
CA ALA C 279 13.09 -11.23 -9.01
C ALA C 279 12.53 -11.09 -10.42
N VAL C 280 11.20 -10.96 -10.53
CA VAL C 280 10.57 -10.74 -11.84
C VAL C 280 11.28 -9.63 -12.60
N GLU C 281 11.50 -8.51 -11.93
CA GLU C 281 12.14 -7.37 -12.56
C GLU C 281 13.54 -7.73 -13.03
N ALA C 282 14.33 -8.42 -12.19
CA ALA C 282 15.71 -8.69 -12.57
C ALA C 282 15.76 -9.66 -13.73
N SER C 283 14.87 -10.67 -13.74
CA SER C 283 14.88 -11.61 -14.86
C SER C 283 14.45 -10.92 -16.15
N CYS C 284 13.41 -10.07 -16.10
CA CYS C 284 12.98 -9.36 -17.29
C CYS C 284 14.08 -8.44 -17.81
N ILE C 285 14.71 -7.67 -16.91
CA ILE C 285 15.76 -6.75 -17.35
C ILE C 285 16.93 -7.51 -17.97
N ARG C 286 17.35 -8.62 -17.35
CA ARG C 286 18.43 -9.42 -17.94
C ARG C 286 18.04 -9.97 -19.30
N THR C 287 16.78 -10.41 -19.45
CA THR C 287 16.30 -10.84 -20.76
C THR C 287 16.47 -9.74 -21.79
N ARG C 288 16.15 -8.49 -21.43
CA ARG C 288 16.30 -7.39 -22.38
C ARG C 288 17.78 -7.14 -22.72
N GLU C 289 18.69 -7.28 -21.74
CA GLU C 289 20.11 -7.11 -22.04
C GLU C 289 20.61 -8.15 -23.04
N LEU C 290 20.14 -9.39 -22.91
CA LEU C 290 20.61 -10.44 -23.80
C LEU C 290 20.14 -10.22 -25.23
N GLN C 291 18.94 -9.67 -25.40
CA GLN C 291 18.50 -9.29 -26.75
C GLN C 291 19.32 -8.12 -27.27
N SER C 292 19.62 -7.13 -26.42
CA SER C 292 20.37 -5.96 -26.87
C SER C 292 21.77 -6.33 -27.34
N MET C 293 22.52 -7.08 -26.51
CA MET C 293 23.83 -7.55 -26.92
C MET C 293 23.78 -8.41 -28.17
N ALA C 294 22.61 -9.00 -28.48
CA ALA C 294 22.41 -9.75 -29.72
C ALA C 294 22.25 -8.83 -30.93
N ASP C 295 21.71 -7.63 -30.73
CA ASP C 295 21.53 -6.67 -31.82
C ASP C 295 22.87 -6.25 -32.41
N ASN D 17 -15.23 -47.61 -0.58
CA ASN D 17 -16.62 -47.44 -0.95
C ASN D 17 -17.55 -47.77 0.22
N LEU D 18 -17.38 -48.96 0.81
CA LEU D 18 -18.25 -49.36 1.92
C LEU D 18 -18.09 -48.47 3.13
N TYR D 19 -16.93 -47.82 3.26
CA TYR D 19 -16.71 -46.84 4.32
C TYR D 19 -17.77 -45.74 4.25
N PHE D 20 -17.81 -45.04 3.12
CA PHE D 20 -18.68 -43.87 2.97
C PHE D 20 -20.12 -44.22 2.63
N GLN D 21 -20.42 -45.49 2.35
CA GLN D 21 -21.76 -45.86 1.90
C GLN D 21 -22.81 -45.53 2.95
N SER D 22 -22.60 -45.97 4.20
CA SER D 22 -23.56 -45.70 5.26
C SER D 22 -22.94 -44.80 6.32
N MET D 23 -22.40 -43.66 5.90
CA MET D 23 -21.65 -42.75 6.77
C MET D 23 -22.27 -41.36 6.75
N SER D 24 -22.37 -40.77 7.94
CA SER D 24 -22.88 -39.41 8.11
C SER D 24 -21.80 -38.54 8.73
N VAL D 25 -21.70 -37.30 8.27
CA VAL D 25 -20.63 -36.40 8.68
C VAL D 25 -21.24 -35.11 9.21
N GLY D 26 -20.74 -34.64 10.35
CA GLY D 26 -21.16 -33.37 10.90
C GLY D 26 -19.99 -32.46 11.16
N PHE D 27 -20.25 -31.16 11.06
CA PHE D 27 -19.27 -30.12 11.33
C PHE D 27 -19.76 -29.25 12.48
N ILE D 28 -18.99 -29.18 13.55
CA ILE D 28 -19.19 -28.17 14.58
C ILE D 28 -18.39 -26.95 14.13
N GLY D 29 -19.09 -25.94 13.63
CA GLY D 29 -18.45 -24.82 12.99
C GLY D 29 -18.74 -24.82 11.50
N ALA D 30 -19.27 -23.72 10.99
CA ALA D 30 -19.55 -23.57 9.56
C ALA D 30 -18.68 -22.47 8.95
N GLY D 31 -17.42 -22.42 9.37
CA GLY D 31 -16.47 -21.44 8.89
C GLY D 31 -15.79 -21.86 7.60
N GLN D 32 -14.57 -21.34 7.39
CA GLN D 32 -13.88 -21.52 6.12
C GLN D 32 -13.50 -22.98 5.89
N LEU D 33 -12.95 -23.63 6.91
CA LEU D 33 -12.48 -25.01 6.74
C LEU D 33 -13.64 -25.97 6.49
N ALA D 34 -14.74 -25.81 7.22
CA ALA D 34 -15.90 -26.70 7.07
C ALA D 34 -16.49 -26.63 5.67
N PHE D 35 -16.62 -25.42 5.10
CA PHE D 35 -17.07 -25.31 3.73
C PHE D 35 -16.11 -26.02 2.78
N ALA D 36 -14.80 -25.79 2.97
CA ALA D 36 -13.80 -26.37 2.07
C ALA D 36 -13.89 -27.90 2.09
N LEU D 37 -13.97 -28.49 3.29
CA LEU D 37 -14.07 -29.94 3.39
C LEU D 37 -15.38 -30.44 2.80
N ALA D 38 -16.50 -29.87 3.24
CA ALA D 38 -17.78 -30.25 2.66
C ALA D 38 -17.79 -30.08 1.14
N LYS D 39 -17.20 -28.98 0.64
CA LYS D 39 -17.13 -28.80 -0.81
C LYS D 39 -16.21 -29.83 -1.46
N GLY D 40 -15.05 -30.10 -0.85
CA GLY D 40 -14.18 -31.15 -1.36
C GLY D 40 -14.82 -32.52 -1.31
N PHE D 41 -15.50 -32.85 -0.21
CA PHE D 41 -16.07 -34.19 -0.08
C PHE D 41 -17.17 -34.43 -1.10
N THR D 42 -18.04 -33.44 -1.30
CA THR D 42 -19.11 -33.62 -2.27
C THR D 42 -18.56 -33.70 -3.69
N ALA D 43 -17.55 -32.88 -4.00
CA ALA D 43 -16.97 -32.90 -5.34
C ALA D 43 -16.28 -34.22 -5.62
N ALA D 44 -15.67 -34.82 -4.60
CA ALA D 44 -15.02 -36.13 -4.76
C ALA D 44 -16.03 -37.25 -4.97
N GLY D 45 -17.29 -37.04 -4.60
CA GLY D 45 -18.29 -38.10 -4.65
C GLY D 45 -18.34 -38.99 -3.43
N VAL D 46 -17.58 -38.67 -2.37
CA VAL D 46 -17.54 -39.56 -1.22
C VAL D 46 -18.79 -39.40 -0.36
N LEU D 47 -19.18 -38.16 -0.06
CA LEU D 47 -20.37 -37.87 0.71
C LEU D 47 -21.35 -37.08 -0.15
N ALA D 48 -22.64 -37.30 0.09
CA ALA D 48 -23.69 -36.49 -0.50
C ALA D 48 -23.97 -35.27 0.38
N ALA D 49 -24.20 -34.12 -0.26
CA ALA D 49 -24.39 -32.86 0.46
C ALA D 49 -25.46 -32.96 1.55
N HIS D 50 -26.63 -33.52 1.21
CA HIS D 50 -27.70 -33.59 2.20
C HIS D 50 -27.35 -34.49 3.39
N LYS D 51 -26.38 -35.39 3.24
CA LYS D 51 -25.91 -36.23 4.33
C LYS D 51 -24.84 -35.54 5.19
N ILE D 52 -24.67 -34.23 5.05
CA ILE D 52 -23.70 -33.45 5.82
C ILE D 52 -24.47 -32.39 6.60
N MET D 53 -24.08 -32.18 7.86
CA MET D 53 -24.72 -31.17 8.67
C MET D 53 -23.66 -30.31 9.35
N ALA D 54 -23.95 -29.02 9.49
CA ALA D 54 -23.05 -28.08 10.12
C ALA D 54 -23.82 -27.20 11.09
N SER D 55 -23.19 -26.86 12.21
CA SER D 55 -23.77 -25.92 13.16
C SER D 55 -22.87 -24.70 13.26
N SER D 56 -23.49 -23.52 13.33
CA SER D 56 -22.78 -22.26 13.44
C SER D 56 -23.58 -21.35 14.37
N PRO D 57 -22.92 -20.69 15.31
CA PRO D 57 -23.64 -19.70 16.13
C PRO D 57 -24.15 -18.51 15.31
N ASP D 58 -23.39 -18.06 14.31
CA ASP D 58 -23.75 -16.90 13.49
C ASP D 58 -24.11 -17.38 12.09
N MET D 59 -25.41 -17.46 11.81
CA MET D 59 -25.88 -17.83 10.47
C MET D 59 -25.78 -16.68 9.46
N ASP D 60 -25.27 -15.52 9.87
CA ASP D 60 -25.06 -14.40 8.96
C ASP D 60 -23.71 -14.48 8.25
N LEU D 61 -22.98 -15.58 8.41
CA LEU D 61 -21.68 -15.75 7.79
C LEU D 61 -21.82 -15.99 6.29
N ALA D 62 -20.72 -15.76 5.57
CA ALA D 62 -20.69 -16.02 4.13
C ALA D 62 -20.62 -17.51 3.83
N THR D 63 -19.73 -18.22 4.53
CA THR D 63 -19.62 -19.67 4.37
C THR D 63 -20.93 -20.36 4.72
N VAL D 64 -21.64 -19.86 5.75
CA VAL D 64 -22.92 -20.44 6.12
C VAL D 64 -23.94 -20.25 5.00
N SER D 65 -23.80 -19.19 4.22
CA SER D 65 -24.68 -18.98 3.07
C SER D 65 -24.30 -19.91 1.92
N ALA D 66 -22.99 -20.03 1.62
CA ALA D 66 -22.55 -20.90 0.55
C ALA D 66 -22.90 -22.36 0.83
N LEU D 67 -22.72 -22.81 2.08
CA LEU D 67 -23.01 -24.18 2.45
C LEU D 67 -24.48 -24.53 2.18
N ARG D 68 -25.39 -23.62 2.52
CA ARG D 68 -26.81 -23.87 2.26
C ARG D 68 -27.09 -24.06 0.77
N LYS D 69 -26.49 -23.21 -0.07
CA LYS D 69 -26.65 -23.37 -1.52
C LYS D 69 -26.17 -24.73 -2.00
N MET D 70 -25.12 -25.27 -1.38
CA MET D 70 -24.63 -26.61 -1.68
C MET D 70 -25.65 -27.70 -1.37
N GLY D 71 -26.60 -27.43 -0.48
CA GLY D 71 -27.50 -28.45 0.01
C GLY D 71 -27.13 -29.05 1.35
N VAL D 72 -26.20 -28.42 2.07
CA VAL D 72 -25.78 -28.90 3.39
C VAL D 72 -26.82 -28.47 4.41
N LYS D 73 -27.34 -29.43 5.18
CA LYS D 73 -28.25 -29.07 6.27
C LYS D 73 -27.50 -28.25 7.31
N LEU D 74 -28.13 -27.15 7.73
CA LEU D 74 -27.54 -26.27 8.74
C LEU D 74 -28.46 -26.20 9.94
N THR D 75 -27.85 -26.07 11.12
CA THR D 75 -28.59 -25.98 12.37
C THR D 75 -27.85 -25.04 13.30
N PRO D 76 -28.56 -24.35 14.21
CA PRO D 76 -27.86 -23.56 15.21
C PRO D 76 -27.34 -24.37 16.38
N HIS D 77 -27.85 -25.57 16.58
CA HIS D 77 -27.59 -26.37 17.78
C HIS D 77 -26.51 -27.39 17.50
N ASN D 78 -25.38 -27.27 18.20
CA ASN D 78 -24.32 -28.27 18.10
C ASN D 78 -24.82 -29.64 18.51
N LYS D 79 -25.73 -29.72 19.48
CA LYS D 79 -26.27 -31.01 19.91
C LYS D 79 -27.03 -31.69 18.78
N GLU D 80 -27.63 -30.90 17.88
CA GLU D 80 -28.28 -31.49 16.71
C GLU D 80 -27.24 -32.11 15.77
N THR D 81 -26.17 -31.37 15.48
CA THR D 81 -25.09 -31.91 14.64
C THR D 81 -24.52 -33.20 15.22
N VAL D 82 -24.36 -33.27 16.53
CA VAL D 82 -23.81 -34.48 17.15
C VAL D 82 -24.77 -35.65 16.97
N GLN D 83 -26.07 -35.40 17.13
CA GLN D 83 -27.03 -36.50 17.06
C GLN D 83 -27.08 -37.13 15.67
N HIS D 84 -26.89 -36.34 14.61
CA HIS D 84 -27.08 -36.86 13.26
C HIS D 84 -25.77 -37.10 12.52
N SER D 85 -24.67 -37.29 13.25
CA SER D 85 -23.37 -37.51 12.63
C SER D 85 -22.71 -38.75 13.21
N ASP D 86 -21.95 -39.44 12.37
CA ASP D 86 -21.06 -40.53 12.79
C ASP D 86 -19.63 -40.05 12.96
N VAL D 87 -19.10 -39.38 11.95
CA VAL D 87 -17.81 -38.69 12.00
C VAL D 87 -18.10 -37.23 12.27
N LEU D 88 -17.51 -36.69 13.34
CA LEU D 88 -17.81 -35.34 13.81
C LEU D 88 -16.55 -34.49 13.70
N PHE D 89 -16.55 -33.55 12.76
CA PHE D 89 -15.43 -32.61 12.61
C PHE D 89 -15.63 -31.42 13.53
N LEU D 90 -14.58 -31.07 14.26
CA LEU D 90 -14.56 -29.88 15.11
C LEU D 90 -13.80 -28.79 14.35
N ALA D 91 -14.54 -27.89 13.71
CA ALA D 91 -13.90 -26.86 12.89
C ALA D 91 -14.12 -25.49 13.49
N VAL D 92 -13.68 -25.31 14.74
CA VAL D 92 -13.82 -24.03 15.44
C VAL D 92 -12.46 -23.65 15.99
N LYS D 93 -12.32 -22.35 16.30
CA LYS D 93 -11.10 -21.78 16.86
C LYS D 93 -10.70 -22.58 18.10
N PRO D 94 -9.40 -22.64 18.42
CA PRO D 94 -8.97 -23.53 19.53
C PRO D 94 -9.58 -23.17 20.86
N HIS D 95 -9.82 -21.87 21.11
CA HIS D 95 -10.28 -21.47 22.43
C HIS D 95 -11.73 -21.86 22.68
N ILE D 96 -12.51 -22.13 21.62
CA ILE D 96 -13.89 -22.53 21.80
C ILE D 96 -14.02 -24.02 22.11
N ILE D 97 -13.00 -24.81 21.77
CA ILE D 97 -13.13 -26.27 21.83
C ILE D 97 -13.50 -26.78 23.22
N PRO D 98 -12.83 -26.38 24.31
CA PRO D 98 -13.26 -26.86 25.63
C PRO D 98 -14.67 -26.43 25.99
N PHE D 99 -15.11 -25.25 25.54
CA PHE D 99 -16.49 -24.85 25.78
C PHE D 99 -17.47 -25.71 25.00
N ILE D 100 -17.03 -26.27 23.88
CA ILE D 100 -17.88 -27.15 23.08
C ILE D 100 -17.85 -28.59 23.61
N LEU D 101 -16.68 -29.05 24.08
CA LEU D 101 -16.62 -30.37 24.69
C LEU D 101 -17.46 -30.43 25.96
N ASP D 102 -17.65 -29.30 26.64
CA ASP D 102 -18.55 -29.27 27.80
C ASP D 102 -20.01 -29.18 27.37
N GLU D 103 -20.28 -28.59 26.21
CA GLU D 103 -21.66 -28.45 25.74
C GLU D 103 -22.22 -29.77 25.25
N ILE D 104 -21.55 -30.40 24.28
CA ILE D 104 -22.06 -31.61 23.65
C ILE D 104 -21.39 -32.88 24.19
N GLY D 105 -20.58 -32.76 25.25
CA GLY D 105 -19.81 -33.90 25.73
C GLY D 105 -20.68 -35.07 26.14
N ALA D 106 -21.83 -34.79 26.77
CA ALA D 106 -22.74 -35.86 27.17
C ALA D 106 -23.46 -36.51 26.00
N ASP D 107 -23.41 -35.91 24.80
CA ASP D 107 -24.01 -36.51 23.61
C ASP D 107 -23.05 -37.36 22.80
N ILE D 108 -21.75 -37.33 23.10
CA ILE D 108 -20.83 -38.23 22.43
C ILE D 108 -21.13 -39.67 22.83
N GLU D 109 -21.15 -40.57 21.85
CA GLU D 109 -21.50 -41.96 22.08
C GLU D 109 -20.40 -42.85 21.51
N ASP D 110 -20.55 -44.15 21.75
CA ASP D 110 -19.55 -45.12 21.31
C ASP D 110 -19.30 -45.02 19.81
N ARG D 111 -20.35 -44.74 19.02
CA ARG D 111 -20.23 -44.74 17.56
C ARG D 111 -19.55 -43.50 17.00
N HIS D 112 -19.37 -42.45 17.80
CA HIS D 112 -18.80 -41.22 17.27
C HIS D 112 -17.30 -41.36 17.07
N ILE D 113 -16.83 -40.91 15.91
CA ILE D 113 -15.42 -40.57 15.72
C ILE D 113 -15.33 -39.05 15.73
N VAL D 114 -14.61 -38.50 16.70
CA VAL D 114 -14.44 -37.07 16.85
C VAL D 114 -13.12 -36.68 16.19
N VAL D 115 -13.22 -35.89 15.13
CA VAL D 115 -12.06 -35.45 14.37
C VAL D 115 -11.83 -33.98 14.68
N SER D 116 -10.75 -33.69 15.39
CA SER D 116 -10.45 -32.33 15.81
C SER D 116 -9.60 -31.65 14.75
N CYS D 117 -10.10 -30.52 14.24
CA CYS D 117 -9.36 -29.72 13.27
C CYS D 117 -8.75 -28.44 13.85
N ALA D 118 -9.18 -28.03 15.05
CA ALA D 118 -8.61 -26.84 15.69
C ALA D 118 -7.10 -26.98 15.82
N ALA D 119 -6.37 -25.93 15.45
CA ALA D 119 -4.91 -25.99 15.54
C ALA D 119 -4.47 -26.00 16.99
N GLY D 120 -3.46 -26.80 17.29
CA GLY D 120 -2.87 -26.81 18.61
C GLY D 120 -3.55 -27.74 19.60
N VAL D 121 -4.85 -27.96 19.45
CA VAL D 121 -5.62 -28.69 20.46
C VAL D 121 -5.19 -30.15 20.47
N THR D 122 -4.65 -30.59 21.60
CA THR D 122 -4.06 -31.92 21.65
C THR D 122 -5.12 -33.01 21.82
N ILE D 123 -4.77 -34.23 21.39
CA ILE D 123 -5.64 -35.38 21.63
C ILE D 123 -5.87 -35.57 23.12
N SER D 124 -4.81 -35.44 23.92
CA SER D 124 -4.94 -35.60 25.36
C SER D 124 -6.03 -34.69 25.93
N SER D 125 -6.02 -33.41 25.54
CA SER D 125 -6.99 -32.49 26.10
C SER D 125 -8.42 -32.87 25.74
N ILE D 126 -8.66 -33.31 24.51
CA ILE D 126 -10.01 -33.69 24.09
C ILE D 126 -10.44 -34.96 24.81
N GLU D 127 -9.56 -35.96 24.87
CA GLU D 127 -9.89 -37.20 25.55
C GLU D 127 -10.15 -36.98 27.02
N LYS D 128 -9.41 -36.07 27.65
CA LYS D 128 -9.63 -35.81 29.08
C LYS D 128 -11.04 -35.27 29.31
N LYS D 129 -11.47 -34.31 28.48
CA LYS D 129 -12.80 -33.75 28.66
C LYS D 129 -13.89 -34.78 28.36
N LEU D 130 -13.74 -35.57 27.29
CA LEU D 130 -14.81 -36.50 26.92
C LEU D 130 -14.78 -37.79 27.74
N SER D 131 -13.61 -38.18 28.27
CA SER D 131 -13.54 -39.36 29.12
C SER D 131 -14.33 -39.20 30.41
N ALA D 132 -14.60 -37.97 30.83
CA ALA D 132 -15.44 -37.76 32.00
C ALA D 132 -16.89 -38.15 31.73
N PHE D 133 -17.32 -38.19 30.46
CA PHE D 133 -18.65 -38.66 30.10
C PHE D 133 -18.62 -40.15 29.80
N ARG D 134 -18.23 -40.53 28.59
CA ARG D 134 -18.08 -41.96 28.32
C ARG D 134 -16.60 -42.35 28.34
N PRO D 135 -16.27 -43.60 28.66
CA PRO D 135 -14.87 -43.92 29.00
C PRO D 135 -13.90 -43.95 27.82
N ALA D 136 -14.33 -44.39 26.64
CA ALA D 136 -13.39 -44.65 25.54
C ALA D 136 -13.72 -43.84 24.29
N PRO D 137 -13.66 -42.50 24.36
CA PRO D 137 -14.01 -41.69 23.18
C PRO D 137 -12.99 -41.86 22.07
N ARG D 138 -13.49 -42.03 20.85
CA ARG D 138 -12.64 -42.22 19.68
C ARG D 138 -12.31 -40.85 19.11
N VAL D 139 -11.04 -40.44 19.21
CA VAL D 139 -10.61 -39.10 18.82
C VAL D 139 -9.50 -39.23 17.80
N ILE D 140 -9.54 -38.36 16.78
CA ILE D 140 -8.48 -38.23 15.80
C ILE D 140 -8.15 -36.76 15.69
N ARG D 141 -6.85 -36.45 15.62
CA ARG D 141 -6.41 -35.08 15.43
C ARG D 141 -5.94 -34.90 13.99
N CYS D 142 -6.29 -33.78 13.42
CA CYS D 142 -6.21 -33.57 11.98
C CYS D 142 -5.63 -32.17 11.73
N MET D 143 -4.68 -32.08 10.79
CA MET D 143 -4.24 -30.80 10.24
C MET D 143 -4.39 -30.87 8.73
N THR D 144 -5.39 -30.18 8.20
CA THR D 144 -5.62 -30.08 6.78
C THR D 144 -5.46 -28.61 6.39
N ASN D 145 -5.86 -28.27 5.17
CA ASN D 145 -5.74 -26.90 4.70
C ASN D 145 -6.84 -26.66 3.67
N THR D 146 -6.97 -25.41 3.24
CA THR D 146 -8.16 -25.07 2.46
C THR D 146 -8.18 -25.66 1.04
N PRO D 147 -7.02 -25.96 0.37
CA PRO D 147 -7.12 -26.53 -0.98
C PRO D 147 -7.82 -27.90 -1.09
N VAL D 148 -8.32 -28.45 0.03
CA VAL D 148 -9.27 -29.56 -0.10
C VAL D 148 -10.47 -29.13 -0.94
N VAL D 149 -10.76 -27.82 -0.99
CA VAL D 149 -11.90 -27.35 -1.75
C VAL D 149 -11.74 -27.66 -3.23
N VAL D 150 -10.50 -27.77 -3.72
CA VAL D 150 -10.23 -28.22 -5.09
C VAL D 150 -9.57 -29.59 -5.09
N ARG D 151 -9.74 -30.34 -3.99
CA ARG D 151 -9.26 -31.72 -3.88
C ARG D 151 -7.75 -31.80 -4.05
N GLU D 152 -7.04 -30.80 -3.53
CA GLU D 152 -5.58 -30.82 -3.55
C GLU D 152 -5.02 -30.42 -2.20
N GLY D 153 -5.71 -30.85 -1.15
CA GLY D 153 -5.30 -30.57 0.20
C GLY D 153 -4.07 -31.35 0.61
N ALA D 154 -3.50 -30.93 1.74
CA ALA D 154 -2.41 -31.63 2.39
C ALA D 154 -2.86 -31.91 3.81
N THR D 155 -3.02 -33.17 4.15
CA THR D 155 -3.63 -33.57 5.41
C THR D 155 -2.75 -34.57 6.14
N VAL D 156 -2.59 -34.37 7.44
CA VAL D 156 -2.04 -35.41 8.30
C VAL D 156 -3.02 -35.63 9.44
N TYR D 157 -2.95 -36.81 10.04
CA TYR D 157 -3.77 -37.11 11.20
C TYR D 157 -2.99 -37.99 12.15
N ALA D 158 -3.29 -37.87 13.44
CA ALA D 158 -2.83 -38.82 14.46
C ALA D 158 -4.04 -39.44 15.15
N THR D 159 -3.95 -40.73 15.44
CA THR D 159 -5.03 -41.46 16.09
C THR D 159 -4.85 -41.42 17.60
N GLY D 160 -5.96 -41.28 18.32
CA GLY D 160 -5.95 -41.21 19.76
C GLY D 160 -5.97 -42.59 20.41
N THR D 161 -6.08 -42.57 21.74
CA THR D 161 -5.95 -43.78 22.55
C THR D 161 -6.95 -44.85 22.14
N HIS D 162 -8.21 -44.47 21.94
CA HIS D 162 -9.29 -45.42 21.79
C HIS D 162 -9.75 -45.56 20.35
N ALA D 163 -9.05 -44.93 19.40
CA ALA D 163 -9.37 -45.11 17.99
C ALA D 163 -9.06 -46.53 17.56
N GLN D 164 -10.02 -47.20 16.92
CA GLN D 164 -9.80 -48.55 16.45
C GLN D 164 -9.05 -48.54 15.12
N VAL D 165 -8.59 -49.73 14.69
CA VAL D 165 -7.77 -49.82 13.49
C VAL D 165 -8.53 -49.27 12.29
N GLU D 166 -9.81 -49.61 12.16
CA GLU D 166 -10.63 -49.11 11.05
C GLU D 166 -10.77 -47.60 11.08
N ASP D 167 -10.65 -46.97 12.26
CA ASP D 167 -10.87 -45.53 12.37
C ASP D 167 -9.80 -44.74 11.62
N GLY D 168 -8.52 -45.07 11.86
CA GLY D 168 -7.47 -44.49 11.05
C GLY D 168 -7.66 -44.79 9.58
N ARG D 169 -8.09 -46.02 9.26
CA ARG D 169 -8.28 -46.40 7.87
C ARG D 169 -9.40 -45.59 7.22
N LEU D 170 -10.52 -45.41 7.93
CA LEU D 170 -11.62 -44.63 7.40
C LEU D 170 -11.20 -43.18 7.20
N MET D 171 -10.46 -42.63 8.15
CA MET D 171 -10.00 -41.25 8.05
C MET D 171 -9.06 -41.08 6.86
N GLU D 172 -8.17 -42.06 6.65
CA GLU D 172 -7.22 -41.99 5.54
C GLU D 172 -7.93 -42.00 4.19
N GLN D 173 -8.94 -42.86 4.02
CA GLN D 173 -9.64 -42.89 2.74
C GLN D 173 -10.46 -41.62 2.51
N LEU D 174 -11.15 -41.13 3.54
CA LEU D 174 -11.94 -39.90 3.41
C LEU D 174 -11.06 -38.71 3.03
N LEU D 175 -9.99 -38.47 3.80
CA LEU D 175 -9.18 -37.29 3.56
C LEU D 175 -8.35 -37.42 2.28
N SER D 176 -8.06 -38.66 1.85
CA SER D 176 -7.37 -38.86 0.59
C SER D 176 -8.24 -38.51 -0.60
N SER D 177 -9.56 -38.50 -0.44
CA SER D 177 -10.41 -38.11 -1.55
C SER D 177 -10.28 -36.62 -1.92
N VAL D 178 -9.63 -35.81 -1.07
CA VAL D 178 -9.54 -34.37 -1.33
C VAL D 178 -8.10 -33.89 -1.26
N GLY D 179 -7.14 -34.80 -1.36
CA GLY D 179 -5.74 -34.40 -1.44
C GLY D 179 -4.84 -35.44 -0.82
N PHE D 180 -3.59 -35.04 -0.62
CA PHE D 180 -2.62 -35.90 0.05
C PHE D 180 -3.03 -36.11 1.50
N CYS D 181 -2.84 -37.32 2.00
CA CYS D 181 -3.15 -37.63 3.38
C CYS D 181 -2.24 -38.74 3.90
N THR D 182 -1.70 -38.56 5.10
CA THR D 182 -0.92 -39.63 5.71
C THR D 182 -1.01 -39.52 7.23
N GLU D 183 -0.75 -40.63 7.88
CA GLU D 183 -0.72 -40.65 9.33
C GLU D 183 0.65 -40.20 9.82
N VAL D 184 0.67 -39.44 10.92
CA VAL D 184 1.90 -39.03 11.59
C VAL D 184 1.71 -39.21 13.09
N GLU D 185 2.83 -39.21 13.81
CA GLU D 185 2.78 -39.03 15.26
C GLU D 185 2.30 -37.62 15.59
N GLU D 186 1.54 -37.51 16.68
CA GLU D 186 0.90 -36.25 17.00
C GLU D 186 1.91 -35.12 17.22
N ASP D 187 3.11 -35.44 17.72
CA ASP D 187 4.07 -34.39 18.03
C ASP D 187 4.59 -33.68 16.79
N LEU D 188 4.33 -34.20 15.58
CA LEU D 188 4.69 -33.49 14.36
C LEU D 188 3.63 -32.50 13.89
N ILE D 189 2.42 -32.52 14.46
CA ILE D 189 1.32 -31.78 13.85
C ILE D 189 1.52 -30.27 13.97
N ASP D 190 2.11 -29.80 15.06
CA ASP D 190 2.41 -28.38 15.15
C ASP D 190 3.31 -27.93 13.99
N ALA D 191 4.35 -28.73 13.69
CA ALA D 191 5.25 -28.42 12.58
C ALA D 191 4.55 -28.49 11.23
N VAL D 192 3.62 -29.44 11.07
CA VAL D 192 2.88 -29.53 9.82
C VAL D 192 1.99 -28.30 9.64
N THR D 193 1.41 -27.79 10.74
CA THR D 193 0.63 -26.55 10.67
C THR D 193 1.46 -25.42 10.07
N GLY D 194 2.68 -25.24 10.57
CA GLY D 194 3.51 -24.16 10.08
C GLY D 194 3.93 -24.31 8.64
N LEU D 195 3.96 -25.54 8.13
CA LEU D 195 4.38 -25.82 6.76
C LEU D 195 3.17 -25.87 5.83
N SER D 196 2.39 -26.95 5.91
CA SER D 196 1.30 -27.08 4.96
C SER D 196 -0.02 -26.51 5.46
N GLY D 197 -0.23 -26.40 6.77
CA GLY D 197 -1.44 -25.73 7.26
C GLY D 197 -1.48 -24.26 6.89
N SER D 198 -0.42 -23.52 7.22
CA SER D 198 -0.30 -22.12 6.84
C SER D 198 0.19 -21.94 5.41
N GLY D 199 0.76 -23.00 4.81
CA GLY D 199 1.36 -22.95 3.49
C GLY D 199 0.59 -22.21 2.39
N PRO D 200 -0.71 -22.46 2.27
CA PRO D 200 -1.43 -21.78 1.18
C PRO D 200 -1.41 -20.27 1.33
N ALA D 201 -1.43 -19.76 2.57
CA ALA D 201 -1.37 -18.31 2.74
C ALA D 201 -0.03 -17.74 2.26
N TYR D 202 1.08 -18.45 2.52
CA TYR D 202 2.36 -18.02 1.98
C TYR D 202 2.30 -17.96 0.46
N ALA D 203 1.70 -18.99 -0.14
CA ALA D 203 1.58 -19.03 -1.60
C ALA D 203 0.73 -17.88 -2.13
N PHE D 204 -0.37 -17.53 -1.45
CA PHE D 204 -1.21 -16.43 -1.95
C PHE D 204 -0.50 -15.09 -1.89
N THR D 205 0.21 -14.83 -0.79
CA THR D 205 1.12 -13.68 -0.68
C THR D 205 2.11 -13.68 -1.84
N ALA D 206 2.78 -14.81 -2.05
CA ALA D 206 3.77 -14.91 -3.10
C ALA D 206 3.18 -14.61 -4.48
N LEU D 207 1.97 -15.13 -4.75
CA LEU D 207 1.32 -14.91 -6.06
C LEU D 207 0.93 -13.45 -6.23
N ASP D 208 0.35 -12.82 -5.20
CA ASP D 208 0.04 -11.40 -5.28
C ASP D 208 1.30 -10.59 -5.62
N ALA D 209 2.42 -10.90 -4.97
CA ALA D 209 3.66 -10.16 -5.19
C ALA D 209 4.25 -10.45 -6.57
N LEU D 210 4.22 -11.71 -7.01
CA LEU D 210 4.70 -12.07 -8.34
C LEU D 210 3.87 -11.40 -9.42
N ALA D 211 2.55 -11.31 -9.22
CA ALA D 211 1.74 -10.61 -10.20
C ALA D 211 2.07 -9.11 -10.20
N ASP D 212 2.31 -8.52 -9.01
CA ASP D 212 2.73 -7.11 -8.94
C ASP D 212 4.01 -6.88 -9.75
N GLY D 213 4.97 -7.80 -9.65
CA GLY D 213 6.18 -7.69 -10.44
C GLY D 213 5.90 -7.81 -11.92
N GLY D 214 5.00 -8.73 -12.30
CA GLY D 214 4.61 -8.82 -13.69
C GLY D 214 4.01 -7.52 -14.17
N VAL D 215 3.12 -6.92 -13.36
CA VAL D 215 2.51 -5.65 -13.74
C VAL D 215 3.57 -4.55 -13.85
N LYS D 216 4.55 -4.54 -12.92
CA LYS D 216 5.58 -3.52 -12.97
C LYS D 216 6.33 -3.58 -14.29
N MET D 217 6.57 -4.78 -14.80
CA MET D 217 7.31 -4.96 -16.02
C MET D 217 6.42 -4.90 -17.27
N GLY D 218 5.14 -4.57 -17.14
CA GLY D 218 4.30 -4.30 -18.30
C GLY D 218 3.17 -5.29 -18.57
N LEU D 219 2.96 -6.28 -17.70
CA LEU D 219 1.88 -7.21 -18.03
C LEU D 219 0.54 -6.71 -17.49
N PRO D 220 -0.54 -6.95 -18.23
CA PRO D 220 -1.87 -6.84 -17.62
C PRO D 220 -1.99 -7.71 -16.37
N ARG D 221 -2.66 -7.17 -15.36
CA ARG D 221 -2.80 -7.83 -14.06
CA ARG D 221 -2.78 -7.84 -14.06
C ARG D 221 -3.38 -9.24 -14.18
N ARG D 222 -4.47 -9.37 -14.96
CA ARG D 222 -5.13 -10.67 -15.05
C ARG D 222 -4.20 -11.73 -15.62
N LEU D 223 -3.49 -11.40 -16.71
CA LEU D 223 -2.49 -12.31 -17.25
C LEU D 223 -1.37 -12.58 -16.26
N ALA D 224 -0.91 -11.55 -15.55
CA ALA D 224 0.17 -11.75 -14.60
C ALA D 224 -0.26 -12.72 -13.49
N VAL D 225 -1.47 -12.56 -12.95
CA VAL D 225 -1.99 -13.48 -11.95
C VAL D 225 -2.02 -14.90 -12.48
N ARG D 226 -2.66 -15.10 -13.64
CA ARG D 226 -2.79 -16.44 -14.24
C ARG D 226 -1.42 -17.08 -14.46
N LEU D 227 -0.48 -16.33 -15.06
CA LEU D 227 0.85 -16.88 -15.35
C LEU D 227 1.61 -17.23 -14.07
N GLY D 228 1.55 -16.37 -13.06
CA GLY D 228 2.24 -16.68 -11.81
C GLY D 228 1.68 -17.92 -11.16
N ALA D 229 0.35 -18.06 -11.14
CA ALA D 229 -0.26 -19.22 -10.52
C ALA D 229 0.08 -20.51 -11.27
N GLN D 230 0.04 -20.46 -12.62
CA GLN D 230 0.38 -21.63 -13.41
C GLN D 230 1.84 -22.04 -13.20
N ALA D 231 2.73 -21.04 -13.06
CA ALA D 231 4.14 -21.34 -12.79
C ALA D 231 4.32 -22.10 -11.47
N LEU D 232 3.69 -21.62 -10.39
CA LEU D 232 3.77 -22.29 -9.10
CA LEU D 232 3.79 -22.29 -9.10
C LEU D 232 3.17 -23.68 -9.16
N LEU D 233 1.97 -23.81 -9.74
CA LEU D 233 1.33 -25.11 -9.87
C LEU D 233 2.23 -26.09 -10.63
N GLY D 234 2.69 -25.69 -11.81
CA GLY D 234 3.58 -26.55 -12.58
C GLY D 234 4.85 -26.92 -11.85
N ALA D 235 5.49 -25.96 -11.18
CA ALA D 235 6.74 -26.27 -10.49
C ALA D 235 6.50 -27.26 -9.35
N ALA D 236 5.44 -27.06 -8.56
CA ALA D 236 5.12 -28.00 -7.49
C ALA D 236 4.82 -29.39 -8.05
N LYS D 237 3.97 -29.48 -9.09
CA LYS D 237 3.68 -30.78 -9.67
C LYS D 237 4.96 -31.43 -10.17
N MET D 238 5.81 -30.63 -10.82
CA MET D 238 7.08 -31.12 -11.32
C MET D 238 7.93 -31.72 -10.19
N LEU D 239 8.04 -30.99 -9.07
CA LEU D 239 8.78 -31.52 -7.93
C LEU D 239 8.15 -32.81 -7.43
N LEU D 240 6.81 -32.84 -7.31
CA LEU D 240 6.14 -34.02 -6.77
C LEU D 240 6.36 -35.24 -7.64
N HIS D 241 6.46 -35.06 -8.96
CA HIS D 241 6.67 -36.16 -9.91
C HIS D 241 8.14 -36.48 -10.15
N SER D 242 9.06 -35.72 -9.58
CA SER D 242 10.48 -35.96 -9.76
C SER D 242 11.04 -36.74 -8.58
N GLU D 243 12.04 -37.57 -8.85
CA GLU D 243 12.82 -38.13 -7.75
C GLU D 243 13.80 -37.10 -7.18
N GLN D 244 13.88 -35.91 -7.75
CA GLN D 244 15.06 -35.08 -7.62
C GLN D 244 14.90 -34.00 -6.57
N HIS D 245 16.04 -33.63 -6.01
CA HIS D 245 16.09 -32.60 -5.00
C HIS D 245 15.68 -31.25 -5.60
N PRO D 246 14.92 -30.44 -4.87
CA PRO D 246 14.58 -29.08 -5.35
C PRO D 246 15.78 -28.31 -5.90
N GLY D 247 16.94 -28.39 -5.23
CA GLY D 247 18.12 -27.71 -5.75
C GLY D 247 18.52 -28.21 -7.13
N GLN D 248 18.45 -29.53 -7.36
CA GLN D 248 18.82 -30.05 -8.67
C GLN D 248 17.88 -29.53 -9.75
N LEU D 249 16.59 -29.40 -9.44
CA LEU D 249 15.65 -28.86 -10.42
C LEU D 249 15.94 -27.38 -10.68
N LYS D 250 16.26 -26.62 -9.62
CA LYS D 250 16.74 -25.24 -9.78
C LYS D 250 17.96 -25.21 -10.70
N ASP D 251 18.95 -26.07 -10.43
CA ASP D 251 20.14 -26.12 -11.27
C ASP D 251 19.82 -26.44 -12.73
N ASN D 252 18.87 -27.35 -12.97
CA ASN D 252 18.55 -27.75 -14.35
C ASN D 252 18.01 -26.59 -15.17
N VAL D 253 17.22 -25.71 -14.55
CA VAL D 253 16.54 -24.66 -15.30
C VAL D 253 17.28 -23.33 -15.28
N SER D 254 18.48 -23.28 -14.69
CA SER D 254 19.27 -22.06 -14.57
C SER D 254 20.40 -22.06 -15.60
N SER D 255 20.17 -21.40 -16.73
CA SER D 255 21.20 -21.32 -17.76
C SER D 255 22.36 -20.42 -17.32
N PRO D 256 23.61 -20.77 -17.66
CA PRO D 256 24.74 -19.90 -17.32
C PRO D 256 24.54 -18.47 -17.85
N GLY D 257 24.71 -17.48 -16.96
CA GLY D 257 24.58 -16.09 -17.33
C GLY D 257 23.17 -15.59 -17.58
N GLY D 258 22.15 -16.44 -17.36
CA GLY D 258 20.82 -16.17 -17.84
C GLY D 258 19.94 -15.35 -16.91
N ALA D 259 18.73 -15.09 -17.38
CA ALA D 259 17.77 -14.29 -16.63
C ALA D 259 17.43 -14.95 -15.29
N THR D 260 17.24 -16.28 -15.29
CA THR D 260 16.77 -16.93 -14.08
C THR D 260 17.82 -16.87 -12.96
N ILE D 261 19.08 -17.14 -13.28
CA ILE D 261 20.11 -17.09 -12.25
C ILE D 261 20.30 -15.67 -11.73
N HIS D 262 20.04 -14.66 -12.59
CA HIS D 262 20.11 -13.28 -12.12
C HIS D 262 19.00 -12.99 -11.12
N ALA D 263 17.80 -13.53 -11.37
CA ALA D 263 16.70 -13.34 -10.42
C ALA D 263 16.93 -14.09 -9.13
N LEU D 264 17.46 -15.32 -9.20
CA LEU D 264 17.75 -16.06 -7.96
C LEU D 264 18.72 -15.28 -7.09
N HIS D 265 19.70 -14.62 -7.71
CA HIS D 265 20.63 -13.84 -6.91
C HIS D 265 19.90 -12.78 -6.10
N VAL D 266 18.96 -12.03 -6.72
CA VAL D 266 18.31 -11.00 -5.92
C VAL D 266 17.39 -11.60 -4.86
N LEU D 267 16.83 -12.80 -5.09
CA LEU D 267 16.13 -13.49 -3.99
C LEU D 267 17.11 -13.82 -2.86
N GLU D 268 18.29 -14.36 -3.21
CA GLU D 268 19.27 -14.71 -2.19
C GLU D 268 19.69 -13.47 -1.39
N SER D 269 19.85 -12.32 -2.06
CA SER D 269 20.34 -11.13 -1.36
C SER D 269 19.32 -10.61 -0.34
N GLY D 270 18.03 -10.88 -0.53
CA GLY D 270 17.10 -10.51 0.53
C GLY D 270 16.87 -11.57 1.59
N GLY D 271 17.62 -12.67 1.59
CA GLY D 271 17.36 -13.76 2.54
C GLY D 271 15.98 -14.39 2.36
N PHE D 272 15.48 -14.45 1.12
CA PHE D 272 14.24 -15.15 0.76
C PHE D 272 14.06 -16.50 1.45
N ARG D 273 15.10 -17.35 1.45
CA ARG D 273 14.98 -18.65 2.08
C ARG D 273 14.73 -18.51 3.58
N SER D 274 15.48 -17.63 4.25
CA SER D 274 15.28 -17.47 5.68
C SER D 274 13.88 -16.96 6.03
N LEU D 275 13.26 -16.18 5.15
CA LEU D 275 11.92 -15.70 5.46
C LEU D 275 10.92 -16.85 5.50
N LEU D 276 11.01 -17.78 4.56
CA LEU D 276 10.11 -18.93 4.61
C LEU D 276 10.40 -19.82 5.81
N ILE D 277 11.68 -20.00 6.15
CA ILE D 277 12.01 -20.74 7.37
C ILE D 277 11.41 -20.02 8.58
N ASN D 278 11.65 -18.70 8.67
CA ASN D 278 11.03 -17.89 9.72
C ASN D 278 9.52 -18.11 9.78
N ALA D 279 8.86 -18.15 8.62
CA ALA D 279 7.41 -18.29 8.61
C ALA D 279 6.98 -19.63 9.17
N VAL D 280 7.57 -20.72 8.68
CA VAL D 280 7.22 -22.04 9.19
C VAL D 280 7.42 -22.08 10.70
N GLU D 281 8.56 -21.56 11.15
CA GLU D 281 8.88 -21.54 12.57
C GLU D 281 7.85 -20.74 13.36
N ALA D 282 7.49 -19.54 12.87
CA ALA D 282 6.62 -18.67 13.65
C ALA D 282 5.22 -19.23 13.77
N SER D 283 4.72 -19.87 12.70
CA SER D 283 3.39 -20.46 12.74
C SER D 283 3.38 -21.68 13.67
N CYS D 284 4.40 -22.54 13.55
CA CYS D 284 4.54 -23.68 14.47
C CYS D 284 4.60 -23.23 15.93
N ILE D 285 5.40 -22.20 16.22
CA ILE D 285 5.53 -21.76 17.61
C ILE D 285 4.21 -21.16 18.12
N ARG D 286 3.52 -20.38 17.27
CA ARG D 286 2.21 -19.89 17.66
C ARG D 286 1.23 -21.04 17.93
N THR D 287 1.27 -22.09 17.10
CA THR D 287 0.44 -23.26 17.34
C THR D 287 0.74 -23.87 18.71
N ARG D 288 2.03 -23.98 19.07
CA ARG D 288 2.38 -24.48 20.40
C ARG D 288 1.85 -23.57 21.51
N GLU D 289 1.91 -22.24 21.30
CA GLU D 289 1.34 -21.31 22.29
C GLU D 289 -0.17 -21.50 22.45
N LEU D 290 -0.89 -21.72 21.34
CA LEU D 290 -2.34 -21.89 21.43
C LEU D 290 -2.72 -23.17 22.19
N GLN D 291 -1.86 -24.19 22.17
CA GLN D 291 -2.12 -25.37 22.99
C GLN D 291 -1.92 -25.04 24.48
N SER D 292 -0.75 -24.50 24.82
CA SER D 292 -0.46 -24.07 26.18
C SER D 292 -1.23 -22.79 26.56
N SER E 22 19.30 55.70 8.83
CA SER E 22 18.46 56.59 8.03
C SER E 22 18.46 56.20 6.56
N MET E 23 18.44 54.91 6.28
CA MET E 23 18.51 54.36 4.94
C MET E 23 17.21 53.62 4.59
N SER E 24 17.07 53.31 3.31
CA SER E 24 15.84 52.77 2.74
C SER E 24 16.07 51.34 2.28
N VAL E 25 15.25 50.41 2.75
CA VAL E 25 15.39 49.00 2.44
C VAL E 25 14.12 48.52 1.73
N GLY E 26 14.31 47.72 0.68
CA GLY E 26 13.21 47.13 -0.05
C GLY E 26 13.33 45.63 -0.11
N PHE E 27 12.19 44.96 -0.17
CA PHE E 27 12.14 43.52 -0.41
C PHE E 27 11.33 43.25 -1.65
N ILE E 28 11.88 42.47 -2.57
CA ILE E 28 11.13 41.85 -3.64
C ILE E 28 10.84 40.42 -3.18
N GLY E 29 9.56 40.10 -3.03
CA GLY E 29 9.16 38.91 -2.30
C GLY E 29 8.67 39.30 -0.91
N ALA E 30 7.51 38.79 -0.50
CA ALA E 30 6.97 39.11 0.81
C ALA E 30 6.58 37.84 1.54
N GLY E 31 7.41 36.82 1.42
CA GLY E 31 7.19 35.52 2.00
C GLY E 31 7.90 35.37 3.34
N GLN E 32 8.20 34.11 3.69
CA GLN E 32 8.68 33.82 5.03
C GLN E 32 10.00 34.52 5.34
N LEU E 33 10.89 34.65 4.34
CA LEU E 33 12.20 35.23 4.61
C LEU E 33 12.15 36.74 4.74
N ALA E 34 11.38 37.41 3.89
CA ALA E 34 11.29 38.87 3.95
C ALA E 34 10.64 39.33 5.25
N PHE E 35 9.61 38.61 5.71
CA PHE E 35 9.02 38.92 7.00
C PHE E 35 10.01 38.71 8.12
N ALA E 36 10.71 37.57 8.12
CA ALA E 36 11.66 37.26 9.18
C ALA E 36 12.71 38.35 9.30
N LEU E 37 13.31 38.73 8.17
CA LEU E 37 14.31 39.81 8.15
C LEU E 37 13.71 41.13 8.60
N ALA E 38 12.55 41.50 8.03
CA ALA E 38 11.93 42.77 8.41
C ALA E 38 11.52 42.80 9.87
N LYS E 39 10.94 41.72 10.37
CA LYS E 39 10.59 41.66 11.80
C LYS E 39 11.84 41.68 12.66
N GLY E 40 12.91 40.99 12.23
CA GLY E 40 14.16 41.07 12.97
C GLY E 40 14.79 42.45 12.94
N PHE E 41 14.79 43.09 11.77
CA PHE E 41 15.41 44.41 11.64
C PHE E 41 14.73 45.42 12.55
N THR E 42 13.39 45.46 12.51
CA THR E 42 12.67 46.45 13.31
C THR E 42 12.72 46.12 14.80
N ALA E 43 12.75 44.84 15.16
CA ALA E 43 12.97 44.46 16.55
C ALA E 43 14.35 44.92 17.01
N ALA E 44 15.36 44.83 16.15
CA ALA E 44 16.70 45.24 16.53
C ALA E 44 16.82 46.74 16.72
N GLY E 45 15.95 47.52 16.09
CA GLY E 45 16.03 48.96 16.16
C GLY E 45 17.01 49.59 15.22
N VAL E 46 17.63 48.81 14.32
CA VAL E 46 18.50 49.40 13.29
C VAL E 46 17.72 49.95 12.12
N LEU E 47 16.40 49.80 12.13
CA LEU E 47 15.59 50.12 10.97
C LEU E 47 14.16 50.30 11.45
N ALA E 48 13.54 51.41 11.06
CA ALA E 48 12.15 51.64 11.39
C ALA E 48 11.30 51.04 10.27
N ALA E 49 10.17 50.45 10.66
CA ALA E 49 9.35 49.73 9.69
C ALA E 49 8.95 50.61 8.51
N HIS E 50 8.86 51.93 8.71
CA HIS E 50 8.45 52.84 7.66
C HIS E 50 9.54 53.10 6.63
N LYS E 51 10.78 52.68 6.90
CA LYS E 51 11.86 52.76 5.94
C LYS E 51 12.02 51.44 5.17
N ILE E 52 11.02 50.56 5.26
CA ILE E 52 11.04 49.26 4.58
C ILE E 52 9.83 49.18 3.66
N MET E 53 10.05 48.64 2.45
CA MET E 53 8.99 48.39 1.49
C MET E 53 9.15 46.98 0.94
N ALA E 54 8.01 46.29 0.74
CA ALA E 54 8.03 44.94 0.21
C ALA E 54 6.99 44.83 -0.90
N SER E 55 7.35 44.04 -1.92
CA SER E 55 6.46 43.75 -3.04
C SER E 55 6.21 42.25 -3.12
N SER E 56 5.01 41.88 -3.55
CA SER E 56 4.64 40.49 -3.69
C SER E 56 3.69 40.37 -4.87
N PRO E 57 3.67 39.22 -5.55
CA PRO E 57 2.66 39.00 -6.61
C PRO E 57 1.28 38.72 -6.04
N ASP E 58 1.25 38.03 -4.90
CA ASP E 58 0.01 37.69 -4.21
C ASP E 58 -0.08 38.51 -2.93
N MET E 59 -0.99 39.47 -2.90
CA MET E 59 -1.15 40.31 -1.71
C MET E 59 -1.99 39.64 -0.62
N ASP E 60 -2.68 38.53 -0.92
CA ASP E 60 -3.52 37.86 0.05
C ASP E 60 -2.73 36.95 0.99
N LEU E 61 -1.40 36.97 0.91
CA LEU E 61 -0.58 36.08 1.72
C LEU E 61 -0.62 36.48 3.18
N ALA E 62 -0.37 35.50 4.07
CA ALA E 62 -0.34 35.79 5.49
C ALA E 62 0.81 36.73 5.83
N THR E 63 1.98 36.54 5.19
CA THR E 63 3.13 37.37 5.49
C THR E 63 2.94 38.81 5.02
N VAL E 64 2.15 39.02 3.96
CA VAL E 64 1.89 40.38 3.48
C VAL E 64 1.01 41.15 4.46
N SER E 65 0.08 40.47 5.12
CA SER E 65 -0.73 41.14 6.14
C SER E 65 0.09 41.44 7.38
N ALA E 66 0.91 40.48 7.80
CA ALA E 66 1.77 40.70 8.97
C ALA E 66 2.68 41.90 8.78
N LEU E 67 3.29 42.02 7.59
CA LEU E 67 4.13 43.18 7.30
C LEU E 67 3.34 44.48 7.34
N ARG E 68 2.05 44.44 7.00
CA ARG E 68 1.23 45.65 7.05
C ARG E 68 1.06 46.11 8.50
N LYS E 69 0.76 45.19 9.42
CA LYS E 69 0.55 45.55 10.81
C LYS E 69 1.80 46.16 11.45
N MET E 70 2.99 45.74 11.00
CA MET E 70 4.26 46.21 11.56
C MET E 70 4.60 47.63 11.15
N GLY E 71 3.99 48.16 10.09
CA GLY E 71 4.35 49.45 9.57
C GLY E 71 5.16 49.41 8.29
N VAL E 72 5.36 48.23 7.71
CA VAL E 72 6.05 48.11 6.43
C VAL E 72 5.11 48.55 5.32
N LYS E 73 5.64 49.33 4.40
CA LYS E 73 4.88 49.74 3.22
C LYS E 73 4.83 48.58 2.23
N LEU E 74 3.64 48.30 1.70
CA LEU E 74 3.44 47.23 0.75
C LEU E 74 3.10 47.81 -0.62
N THR E 75 3.32 46.98 -1.65
CA THR E 75 3.03 47.34 -3.05
C THR E 75 3.06 46.06 -3.87
N PRO E 76 2.25 45.96 -4.94
CA PRO E 76 2.38 44.82 -5.86
C PRO E 76 3.40 45.06 -6.97
N HIS E 77 3.96 46.27 -7.05
CA HIS E 77 4.84 46.65 -8.16
C HIS E 77 6.29 46.59 -7.70
N ASN E 78 7.03 45.62 -8.23
CA ASN E 78 8.44 45.49 -7.91
C ASN E 78 9.20 46.77 -8.23
N LYS E 79 8.69 47.56 -9.18
CA LYS E 79 9.36 48.80 -9.57
C LYS E 79 9.24 49.86 -8.48
N GLU E 80 8.08 49.94 -7.84
CA GLU E 80 7.93 50.90 -6.73
C GLU E 80 8.89 50.56 -5.59
N THR E 81 9.08 49.27 -5.33
CA THR E 81 10.04 48.86 -4.29
C THR E 81 11.46 49.28 -4.65
N VAL E 82 11.84 49.16 -5.92
CA VAL E 82 13.17 49.57 -6.35
C VAL E 82 13.34 51.09 -6.25
N GLN E 83 12.38 51.84 -6.77
CA GLN E 83 12.46 53.30 -6.73
C GLN E 83 12.50 53.85 -5.31
N HIS E 84 12.03 53.07 -4.33
CA HIS E 84 12.05 53.47 -2.93
C HIS E 84 13.35 53.09 -2.22
N SER E 85 13.92 51.93 -2.54
CA SER E 85 14.96 51.34 -1.71
C SER E 85 16.35 51.85 -2.09
N ASP E 86 17.23 51.87 -1.10
CA ASP E 86 18.68 51.94 -1.30
C ASP E 86 19.29 50.54 -1.31
N VAL E 87 19.03 49.76 -0.26
CA VAL E 87 19.39 48.36 -0.20
C VAL E 87 18.18 47.54 -0.61
N LEU E 88 18.36 46.71 -1.63
CA LEU E 88 17.28 45.91 -2.20
C LEU E 88 17.57 44.44 -1.96
N PHE E 89 16.73 43.79 -1.17
CA PHE E 89 16.81 42.36 -0.93
C PHE E 89 15.97 41.61 -1.97
N LEU E 90 16.55 40.57 -2.54
CA LEU E 90 15.83 39.67 -3.40
C LEU E 90 15.44 38.45 -2.57
N ALA E 91 14.18 38.38 -2.19
CA ALA E 91 13.75 37.25 -1.37
C ALA E 91 12.67 36.49 -2.12
N VAL E 92 13.04 35.90 -3.25
CA VAL E 92 12.12 35.12 -4.06
C VAL E 92 12.80 33.79 -4.38
N LYS E 93 11.97 32.83 -4.81
CA LYS E 93 12.49 31.53 -5.20
C LYS E 93 13.47 31.68 -6.35
N PRO E 94 14.52 30.85 -6.39
CA PRO E 94 15.60 31.06 -7.37
C PRO E 94 15.16 31.11 -8.82
N HIS E 95 14.14 30.34 -9.21
CA HIS E 95 13.72 30.36 -10.61
C HIS E 95 13.01 31.66 -10.98
N ILE E 96 12.53 32.42 -9.98
CA ILE E 96 11.92 33.72 -10.26
C ILE E 96 12.97 34.81 -10.47
N ILE E 97 14.19 34.62 -9.96
CA ILE E 97 15.18 35.71 -9.97
C ILE E 97 15.49 36.22 -11.38
N PRO E 98 15.72 35.38 -12.38
CA PRO E 98 16.00 35.93 -13.73
C PRO E 98 14.84 36.70 -14.33
N PHE E 99 13.60 36.27 -14.07
CA PHE E 99 12.45 37.05 -14.53
C PHE E 99 12.37 38.38 -13.80
N ILE E 100 12.75 38.41 -12.51
CA ILE E 100 12.71 39.65 -11.74
C ILE E 100 13.78 40.61 -12.23
N LEU E 101 14.97 40.10 -12.50
CA LEU E 101 16.03 40.96 -13.03
C LEU E 101 15.66 41.51 -14.40
N ASP E 102 14.86 40.77 -15.17
CA ASP E 102 14.38 41.31 -16.43
C ASP E 102 13.45 42.50 -16.20
N GLU E 103 12.57 42.41 -15.20
CA GLU E 103 11.55 43.43 -15.01
C GLU E 103 12.10 44.70 -14.36
N ILE E 104 13.07 44.57 -13.47
CA ILE E 104 13.56 45.69 -12.67
C ILE E 104 14.93 46.19 -13.10
N GLY E 105 15.59 45.49 -14.04
CA GLY E 105 17.00 45.77 -14.32
C GLY E 105 17.24 47.18 -14.80
N ALA E 106 16.33 47.72 -15.63
CA ALA E 106 16.45 49.08 -16.10
C ALA E 106 16.24 50.12 -15.00
N ASP E 107 15.79 49.70 -13.82
CA ASP E 107 15.54 50.62 -12.71
C ASP E 107 16.67 50.69 -11.71
N ILE E 108 17.68 49.81 -11.81
CA ILE E 108 18.82 49.84 -10.91
C ILE E 108 19.61 51.12 -11.16
N GLU E 109 20.09 51.73 -10.08
CA GLU E 109 20.85 52.97 -10.15
C GLU E 109 22.20 52.78 -9.48
N ASP E 110 23.06 53.79 -9.65
CA ASP E 110 24.38 53.75 -9.03
C ASP E 110 24.26 53.55 -7.52
N ARG E 111 23.23 54.13 -6.90
CA ARG E 111 23.13 54.10 -5.44
C ARG E 111 22.76 52.72 -4.90
N HIS E 112 22.23 51.83 -5.73
CA HIS E 112 21.62 50.60 -5.24
C HIS E 112 22.66 49.59 -4.81
N ILE E 113 22.35 48.85 -3.76
CA ILE E 113 23.03 47.60 -3.42
C ILE E 113 21.99 46.51 -3.51
N VAL E 114 22.21 45.54 -4.39
CA VAL E 114 21.29 44.42 -4.59
C VAL E 114 21.81 43.25 -3.77
N VAL E 115 21.00 42.81 -2.81
CA VAL E 115 21.36 41.71 -1.92
C VAL E 115 20.50 40.53 -2.30
N SER E 116 21.09 39.51 -2.91
CA SER E 116 20.34 38.35 -3.34
C SER E 116 20.30 37.31 -2.23
N CYS E 117 19.11 36.97 -1.77
CA CYS E 117 18.95 35.88 -0.82
C CYS E 117 18.56 34.56 -1.49
N ALA E 118 18.32 34.56 -2.80
CA ALA E 118 17.85 33.34 -3.44
C ALA E 118 18.91 32.25 -3.34
N ALA E 119 18.47 31.02 -3.06
CA ALA E 119 19.39 29.93 -2.81
C ALA E 119 20.13 29.56 -4.08
N GLY E 120 21.45 29.43 -3.98
CA GLY E 120 22.24 28.97 -5.10
C GLY E 120 22.45 29.96 -6.24
N VAL E 121 21.63 31.02 -6.34
CA VAL E 121 21.78 32.00 -7.42
C VAL E 121 23.10 32.75 -7.25
N THR E 122 23.97 32.62 -8.22
CA THR E 122 25.34 33.09 -8.09
C THR E 122 25.45 34.59 -8.39
N ILE E 123 26.48 35.20 -7.81
CA ILE E 123 26.74 36.62 -8.06
C ILE E 123 26.95 36.84 -9.54
N SER E 124 27.58 35.87 -10.21
CA SER E 124 27.91 36.00 -11.62
C SER E 124 26.66 36.15 -12.46
N SER E 125 25.66 35.30 -12.22
CA SER E 125 24.43 35.36 -13.02
C SER E 125 23.64 36.64 -12.78
N ILE E 126 23.68 37.18 -11.55
CA ILE E 126 23.01 38.45 -11.28
C ILE E 126 23.74 39.60 -11.94
N GLU E 127 25.06 39.62 -11.85
CA GLU E 127 25.83 40.70 -12.46
C GLU E 127 25.72 40.69 -13.97
N LYS E 128 25.59 39.52 -14.59
CA LYS E 128 25.45 39.49 -16.05
C LYS E 128 24.09 40.04 -16.48
N LYS E 129 23.01 39.60 -15.80
CA LYS E 129 21.67 40.10 -16.10
C LYS E 129 21.57 41.61 -15.90
N LEU E 130 22.09 42.11 -14.79
CA LEU E 130 21.97 43.54 -14.49
C LEU E 130 22.91 44.39 -15.36
N SER E 131 24.11 43.89 -15.68
CA SER E 131 25.06 44.71 -16.44
C SER E 131 24.56 45.02 -17.85
N ALA E 132 23.59 44.26 -18.36
CA ALA E 132 22.99 44.61 -19.64
C ALA E 132 22.29 45.96 -19.59
N PHE E 133 21.89 46.42 -18.40
CA PHE E 133 21.21 47.70 -18.24
C PHE E 133 22.16 48.81 -17.79
N ARG E 134 22.88 48.61 -16.68
CA ARG E 134 23.79 49.64 -16.14
C ARG E 134 25.08 48.99 -15.68
N PRO E 135 26.25 49.54 -16.06
CA PRO E 135 27.47 48.71 -16.17
C PRO E 135 28.01 48.13 -14.88
N ALA E 136 27.93 48.82 -13.74
CA ALA E 136 28.60 48.37 -12.52
C ALA E 136 27.62 48.12 -11.39
N PRO E 137 26.74 47.12 -11.52
CA PRO E 137 25.78 46.85 -10.45
C PRO E 137 26.47 46.35 -9.20
N ARG E 138 26.02 46.86 -8.04
CA ARG E 138 26.61 46.53 -6.75
C ARG E 138 25.79 45.40 -6.13
N VAL E 139 26.33 44.18 -6.22
CA VAL E 139 25.62 42.95 -5.86
C VAL E 139 26.32 42.30 -4.69
N ILE E 140 25.54 41.79 -3.74
CA ILE E 140 26.02 41.02 -2.60
C ILE E 140 25.17 39.76 -2.50
N ARG E 141 25.82 38.62 -2.31
CA ARG E 141 25.09 37.37 -2.12
C ARG E 141 25.02 37.02 -0.65
N CYS E 142 23.83 36.56 -0.23
CA CYS E 142 23.53 36.36 1.18
C CYS E 142 22.98 34.95 1.40
N MET E 143 23.45 34.27 2.46
CA MET E 143 22.79 33.04 2.92
C MET E 143 22.46 33.24 4.39
N THR E 144 21.19 33.44 4.69
CA THR E 144 20.72 33.67 6.04
C THR E 144 19.68 32.58 6.34
N ASN E 145 18.91 32.75 7.42
CA ASN E 145 17.95 31.72 7.80
C ASN E 145 16.87 32.37 8.66
N THR E 146 15.80 31.60 8.92
CA THR E 146 14.60 32.25 9.44
C THR E 146 14.70 32.70 10.90
N PRO E 147 15.61 32.13 11.76
CA PRO E 147 15.75 32.69 13.12
C PRO E 147 16.23 34.15 13.21
N VAL E 148 16.47 34.81 12.08
CA VAL E 148 16.62 36.27 12.14
C VAL E 148 15.37 36.89 12.72
N VAL E 149 14.23 36.19 12.63
CA VAL E 149 12.97 36.70 13.16
C VAL E 149 13.01 36.85 14.67
N VAL E 150 13.89 36.14 15.36
CA VAL E 150 14.11 36.33 16.79
C VAL E 150 15.53 36.85 17.03
N ARG E 151 16.14 37.44 16.00
CA ARG E 151 17.48 38.02 16.07
C ARG E 151 18.53 37.00 16.48
N GLU E 152 18.35 35.75 16.06
CA GLU E 152 19.38 34.73 16.29
C GLU E 152 19.70 33.99 15.01
N GLY E 153 19.63 34.67 13.88
CA GLY E 153 19.98 34.06 12.62
C GLY E 153 21.46 33.77 12.52
N ALA E 154 21.80 33.02 11.47
CA ALA E 154 23.19 32.78 11.08
C ALA E 154 23.31 33.20 9.62
N THR E 155 24.18 34.15 9.33
CA THR E 155 24.26 34.76 8.01
C THR E 155 25.70 34.79 7.53
N VAL E 156 25.91 34.41 6.27
CA VAL E 156 27.14 34.73 5.58
C VAL E 156 26.78 35.55 4.34
N TYR E 157 27.77 36.31 3.86
CA TYR E 157 27.61 37.09 2.64
C TYR E 157 28.93 37.09 1.87
N ALA E 158 28.84 37.16 0.54
CA ALA E 158 29.99 37.41 -0.33
C ALA E 158 29.72 38.64 -1.18
N THR E 159 30.72 39.50 -1.32
CA THR E 159 30.58 40.73 -2.07
C THR E 159 30.91 40.51 -3.55
N GLY E 160 30.15 41.17 -4.42
CA GLY E 160 30.32 41.02 -5.85
C GLY E 160 31.42 41.90 -6.41
N THR E 161 31.55 41.83 -7.73
CA THR E 161 32.63 42.49 -8.47
C THR E 161 32.73 43.98 -8.17
N HIS E 162 31.59 44.67 -8.11
CA HIS E 162 31.59 46.12 -8.00
C HIS E 162 31.14 46.61 -6.63
N ALA E 163 30.84 45.69 -5.71
CA ALA E 163 30.54 46.08 -4.34
C ALA E 163 31.70 46.88 -3.77
N GLN E 164 31.42 48.08 -3.31
CA GLN E 164 32.41 48.89 -2.62
C GLN E 164 32.70 48.29 -1.23
N VAL E 165 33.80 48.74 -0.63
CA VAL E 165 34.20 48.18 0.66
C VAL E 165 33.17 48.53 1.74
N GLU E 166 32.70 49.78 1.74
CA GLU E 166 31.66 50.18 2.68
C GLU E 166 30.40 49.33 2.51
N ASP E 167 30.16 48.80 1.31
CA ASP E 167 28.97 47.99 1.07
C ASP E 167 29.00 46.71 1.90
N GLY E 168 30.17 46.06 1.96
CA GLY E 168 30.31 44.89 2.81
C GLY E 168 30.17 45.23 4.28
N ARG E 169 30.71 46.39 4.68
CA ARG E 169 30.61 46.81 6.08
C ARG E 169 29.18 47.20 6.45
N LEU E 170 28.47 47.87 5.54
CA LEU E 170 27.05 48.14 5.80
C LEU E 170 26.25 46.85 5.88
N MET E 171 26.49 45.91 4.97
CA MET E 171 25.82 44.63 5.01
C MET E 171 26.08 43.92 6.33
N GLU E 172 27.36 43.83 6.73
CA GLU E 172 27.68 43.15 7.98
C GLU E 172 27.03 43.85 9.17
N GLN E 173 27.04 45.18 9.18
CA GLN E 173 26.42 45.89 10.29
C GLN E 173 24.91 45.60 10.35
N LEU E 174 24.23 45.66 9.20
CA LEU E 174 22.79 45.40 9.20
C LEU E 174 22.46 43.96 9.64
N LEU E 175 23.22 42.97 9.16
CA LEU E 175 22.83 41.59 9.44
C LEU E 175 23.35 41.05 10.76
N SER E 176 24.42 41.64 11.31
CA SER E 176 24.83 41.34 12.68
C SER E 176 23.77 41.73 13.69
N SER E 177 22.88 42.68 13.35
CA SER E 177 21.87 43.09 14.31
C SER E 177 20.83 42.01 14.57
N VAL E 178 20.73 41.00 13.70
CA VAL E 178 19.72 39.95 13.80
C VAL E 178 20.35 38.56 13.92
N GLY E 179 21.63 38.47 14.28
CA GLY E 179 22.28 37.19 14.49
C GLY E 179 23.76 37.25 14.14
N PHE E 180 24.38 36.08 14.11
CA PHE E 180 25.77 35.97 13.65
C PHE E 180 25.87 36.35 12.17
N CYS E 181 26.93 37.07 11.82
CA CYS E 181 27.19 37.43 10.44
C CYS E 181 28.69 37.50 10.18
N THR E 182 29.12 36.95 9.05
CA THR E 182 30.50 37.11 8.64
C THR E 182 30.58 36.97 7.13
N GLU E 183 31.65 37.51 6.58
CA GLU E 183 31.90 37.42 5.16
C GLU E 183 32.59 36.10 4.84
N VAL E 184 32.23 35.51 3.70
CA VAL E 184 32.89 34.32 3.18
C VAL E 184 33.15 34.50 1.69
N GLU E 185 34.05 33.68 1.17
CA GLU E 185 34.15 33.50 -0.27
C GLU E 185 32.87 32.87 -0.80
N GLU E 186 32.42 33.32 -1.97
CA GLU E 186 31.14 32.86 -2.51
C GLU E 186 31.12 31.35 -2.66
N ASP E 187 32.27 30.73 -2.87
CA ASP E 187 32.28 29.28 -3.06
C ASP E 187 31.94 28.49 -1.79
N LEU E 188 31.80 29.14 -0.64
CA LEU E 188 31.37 28.44 0.58
C LEU E 188 29.86 28.48 0.82
N ILE E 189 29.11 29.23 0.02
CA ILE E 189 27.73 29.53 0.39
C ILE E 189 26.84 28.31 0.22
N ASP E 190 27.10 27.51 -0.80
CA ASP E 190 26.32 26.28 -0.95
C ASP E 190 26.50 25.37 0.27
N ALA E 191 27.71 25.27 0.81
CA ALA E 191 27.92 24.47 2.02
C ALA E 191 27.23 25.10 3.23
N VAL E 192 27.31 26.44 3.37
CA VAL E 192 26.63 27.10 4.47
C VAL E 192 25.12 26.85 4.40
N THR E 193 24.57 26.85 3.18
CA THR E 193 23.15 26.52 2.99
C THR E 193 22.83 25.15 3.60
N GLY E 194 23.70 24.17 3.38
CA GLY E 194 23.42 22.84 3.91
C GLY E 194 23.50 22.77 5.42
N LEU E 195 24.25 23.69 6.04
CA LEU E 195 24.50 23.69 7.47
C LEU E 195 23.55 24.63 8.21
N SER E 196 23.74 25.95 8.09
CA SER E 196 22.84 26.85 8.80
C SER E 196 21.62 27.28 8.00
N GLY E 197 21.67 27.25 6.66
CA GLY E 197 20.48 27.53 5.85
C GLY E 197 19.33 26.58 6.16
N SER E 198 19.59 25.29 6.00
CA SER E 198 18.63 24.22 6.29
C SER E 198 18.61 23.80 7.74
N GLY E 199 19.64 24.19 8.51
CA GLY E 199 19.77 23.75 9.89
C GLY E 199 18.55 23.93 10.79
N PRO E 200 17.84 25.06 10.71
CA PRO E 200 16.64 25.17 11.57
C PRO E 200 15.67 24.02 11.36
N ALA E 201 15.46 23.60 10.11
CA ALA E 201 14.53 22.50 9.83
C ALA E 201 15.00 21.20 10.47
N TYR E 202 16.32 20.93 10.44
CA TYR E 202 16.86 19.78 11.17
C TYR E 202 16.51 19.88 12.65
N ALA E 203 16.66 21.07 13.22
CA ALA E 203 16.34 21.26 14.62
C ALA E 203 14.84 21.08 14.90
N PHE E 204 13.96 21.57 13.99
CA PHE E 204 12.52 21.42 14.23
C PHE E 204 12.12 19.95 14.18
N THR E 205 12.69 19.19 13.25
CA THR E 205 12.48 17.74 13.21
C THR E 205 12.98 17.08 14.49
N ALA E 206 14.17 17.47 14.96
CA ALA E 206 14.69 16.90 16.19
C ALA E 206 13.77 17.20 17.37
N LEU E 207 13.28 18.44 17.47
CA LEU E 207 12.46 18.82 18.61
C LEU E 207 11.13 18.09 18.60
N ASP E 208 10.52 17.93 17.43
CA ASP E 208 9.29 17.16 17.35
C ASP E 208 9.52 15.72 17.84
N ALA E 209 10.59 15.09 17.35
CA ALA E 209 10.98 13.74 17.77
C ALA E 209 11.26 13.66 19.25
N LEU E 210 12.06 14.60 19.79
CA LEU E 210 12.37 14.59 21.21
C LEU E 210 11.12 14.75 22.05
N ALA E 211 10.18 15.58 21.58
CA ALA E 211 8.93 15.73 22.31
C ALA E 211 8.14 14.42 22.26
N ASP E 212 8.10 13.75 21.10
CA ASP E 212 7.44 12.46 21.03
C ASP E 212 8.04 11.51 22.06
N GLY E 213 9.36 11.55 22.23
CA GLY E 213 10.00 10.68 23.21
C GLY E 213 9.62 11.03 24.63
N GLY E 214 9.59 12.33 24.96
CA GLY E 214 9.10 12.74 26.25
C GLY E 214 7.68 12.28 26.51
N VAL E 215 6.81 12.44 25.50
CA VAL E 215 5.43 11.99 25.64
C VAL E 215 5.37 10.47 25.83
N LYS E 216 6.16 9.71 25.07
CA LYS E 216 6.16 8.25 25.26
C LYS E 216 6.51 7.87 26.69
N MET E 217 7.42 8.62 27.31
CA MET E 217 7.84 8.30 28.67
C MET E 217 6.95 8.94 29.73
N GLY E 218 5.84 9.61 29.34
CA GLY E 218 4.86 10.09 30.28
C GLY E 218 4.75 11.61 30.45
N LEU E 219 5.47 12.43 29.68
CA LEU E 219 5.35 13.88 29.84
C LEU E 219 4.15 14.40 29.03
N PRO E 220 3.42 15.40 29.54
CA PRO E 220 2.51 16.15 28.68
C PRO E 220 3.25 16.75 27.49
N ARG E 221 2.55 16.82 26.35
CA ARG E 221 3.14 17.33 25.12
C ARG E 221 3.69 18.74 25.30
N ARG E 222 2.89 19.64 25.87
CA ARG E 222 3.34 21.03 26.01
C ARG E 222 4.62 21.11 26.82
N LEU E 223 4.70 20.41 27.95
CA LEU E 223 5.94 20.39 28.73
C LEU E 223 7.10 19.74 27.95
N ALA E 224 6.83 18.68 27.19
CA ALA E 224 7.93 18.03 26.48
C ALA E 224 8.51 18.92 25.39
N VAL E 225 7.66 19.65 24.66
CA VAL E 225 8.16 20.59 23.65
C VAL E 225 9.03 21.67 24.29
N ARG E 226 8.53 22.26 25.37
CA ARG E 226 9.26 23.31 26.06
C ARG E 226 10.60 22.80 26.60
N LEU E 227 10.60 21.62 27.23
CA LEU E 227 11.84 21.08 27.78
C LEU E 227 12.84 20.78 26.67
N GLY E 228 12.39 20.16 25.57
CA GLY E 228 13.33 19.81 24.52
C GLY E 228 13.95 21.04 23.88
N ALA E 229 13.11 22.05 23.59
CA ALA E 229 13.60 23.29 22.99
C ALA E 229 14.57 23.99 23.92
N GLN E 230 14.20 24.13 25.20
CA GLN E 230 15.08 24.77 26.16
C GLN E 230 16.42 24.04 26.24
N ALA E 231 16.40 22.70 26.20
CA ALA E 231 17.63 21.92 26.23
C ALA E 231 18.52 22.22 25.02
N LEU E 232 17.94 22.23 23.80
CA LEU E 232 18.74 22.54 22.62
C LEU E 232 19.24 23.99 22.66
N LEU E 233 18.39 24.93 23.11
CA LEU E 233 18.85 26.31 23.25
C LEU E 233 20.06 26.39 24.17
N GLY E 234 19.89 25.92 25.42
CA GLY E 234 20.98 26.03 26.38
C GLY E 234 22.26 25.35 25.90
N ALA E 235 22.14 24.15 25.32
CA ALA E 235 23.33 23.45 24.85
C ALA E 235 24.03 24.24 23.76
N ALA E 236 23.27 24.78 22.80
CA ALA E 236 23.87 25.58 21.75
C ALA E 236 24.55 26.81 22.31
N LYS E 237 23.91 27.47 23.29
CA LYS E 237 24.54 28.63 23.90
C LYS E 237 25.82 28.23 24.63
N MET E 238 25.81 27.09 25.31
CA MET E 238 26.99 26.65 26.03
C MET E 238 28.19 26.49 25.10
N LEU E 239 27.95 25.88 23.93
CA LEU E 239 29.02 25.69 22.97
C LEU E 239 29.49 27.04 22.41
N LEU E 240 28.56 27.98 22.18
CA LEU E 240 28.95 29.29 21.66
C LEU E 240 29.82 30.05 22.66
N HIS E 241 29.55 29.90 23.96
CA HIS E 241 30.30 30.58 25.00
C HIS E 241 31.54 29.82 25.48
N SER E 242 31.81 28.65 24.92
CA SER E 242 32.93 27.82 25.33
C SER E 242 34.01 27.83 24.24
N GLU E 243 35.25 27.73 24.68
CA GLU E 243 36.31 27.43 23.72
C GLU E 243 36.45 25.93 23.48
N GLN E 244 35.59 25.12 24.09
CA GLN E 244 35.82 23.69 24.16
C GLN E 244 35.14 22.97 23.01
N HIS E 245 35.78 21.89 22.57
CA HIS E 245 35.24 21.04 21.52
C HIS E 245 33.89 20.48 21.94
N PRO E 246 32.93 20.34 21.01
CA PRO E 246 31.64 19.73 21.40
C PRO E 246 31.78 18.34 21.97
N GLY E 247 32.85 17.61 21.63
CA GLY E 247 33.07 16.31 22.25
C GLY E 247 33.47 16.42 23.71
N GLN E 248 34.30 17.41 24.04
CA GLN E 248 34.67 17.67 25.43
C GLN E 248 33.46 18.02 26.26
N LEU E 249 32.53 18.81 25.71
CA LEU E 249 31.33 19.15 26.47
C LEU E 249 30.44 17.93 26.65
N LYS E 250 30.32 17.12 25.60
CA LYS E 250 29.66 15.81 25.72
C LYS E 250 30.28 14.99 26.85
N ASP E 251 31.62 14.88 26.87
CA ASP E 251 32.31 14.13 27.93
C ASP E 251 31.99 14.71 29.30
N ASN E 252 32.10 16.06 29.43
CA ASN E 252 31.84 16.72 30.69
C ASN E 252 30.51 16.34 31.32
N VAL E 253 29.47 16.08 30.50
CA VAL E 253 28.13 15.91 31.05
C VAL E 253 27.67 14.45 31.13
N SER E 254 28.48 13.49 30.67
CA SER E 254 28.13 12.06 30.74
C SER E 254 28.83 11.42 31.94
N SER E 255 28.12 11.27 33.05
CA SER E 255 28.71 10.60 34.19
C SER E 255 28.83 9.08 33.93
N PRO E 256 29.85 8.43 34.50
CA PRO E 256 30.06 6.99 34.25
C PRO E 256 28.84 6.16 34.60
N GLY E 257 28.52 5.21 33.72
CA GLY E 257 27.39 4.33 33.91
C GLY E 257 26.02 4.98 33.83
N GLY E 258 25.94 6.29 33.60
CA GLY E 258 24.73 7.06 33.81
C GLY E 258 23.72 7.00 32.66
N ALA E 259 22.64 7.77 32.84
CA ALA E 259 21.54 7.74 31.89
C ALA E 259 21.96 8.31 30.55
N THR E 260 22.70 9.41 30.58
CA THR E 260 23.07 10.11 29.36
C THR E 260 23.95 9.25 28.45
N ILE E 261 24.94 8.55 29.03
CA ILE E 261 25.84 7.73 28.21
C ILE E 261 25.10 6.52 27.63
N HIS E 262 24.08 6.00 28.36
CA HIS E 262 23.24 4.96 27.76
C HIS E 262 22.49 5.49 26.55
N ALA E 263 22.05 6.74 26.58
CA ALA E 263 21.26 7.26 25.47
C ALA E 263 22.14 7.61 24.29
N LEU E 264 23.36 8.10 24.56
CA LEU E 264 24.31 8.35 23.49
C LEU E 264 24.60 7.07 22.72
N HIS E 265 24.69 5.94 23.44
CA HIS E 265 24.95 4.68 22.77
C HIS E 265 23.85 4.37 21.75
N VAL E 266 22.58 4.53 22.13
CA VAL E 266 21.54 4.18 21.17
C VAL E 266 21.52 5.15 20.01
N LEU E 267 21.90 6.42 20.23
CA LEU E 267 22.10 7.33 19.10
C LEU E 267 23.20 6.81 18.16
N GLU E 268 24.35 6.44 18.75
CA GLU E 268 25.47 5.91 17.97
C GLU E 268 25.08 4.67 17.18
N SER E 269 24.23 3.80 17.76
CA SER E 269 23.89 2.55 17.08
C SER E 269 23.00 2.77 15.87
N GLY E 270 22.26 3.87 15.83
CA GLY E 270 21.54 4.22 14.62
C GLY E 270 22.33 5.06 13.64
N GLY E 271 23.63 5.29 13.86
CA GLY E 271 24.35 6.17 12.97
C GLY E 271 23.86 7.62 12.99
N PHE E 272 23.36 8.10 14.13
CA PHE E 272 22.89 9.48 14.29
C PHE E 272 23.80 10.50 13.64
N ARG E 273 25.11 10.41 13.93
CA ARG E 273 26.07 11.38 13.40
C ARG E 273 26.02 11.40 11.88
N SER E 274 26.07 10.22 11.27
CA SER E 274 26.11 10.15 9.82
C SER E 274 24.82 10.65 9.17
N LEU E 275 23.70 10.63 9.89
CA LEU E 275 22.48 11.15 9.26
C LEU E 275 22.59 12.66 9.08
N LEU E 276 23.11 13.36 10.08
CA LEU E 276 23.28 14.80 9.99
C LEU E 276 24.33 15.17 8.96
N ILE E 277 25.43 14.41 8.88
CA ILE E 277 26.38 14.61 7.78
C ILE E 277 25.67 14.43 6.43
N ASN E 278 24.92 13.33 6.28
CA ASN E 278 24.12 13.12 5.07
C ASN E 278 23.25 14.34 4.78
N ALA E 279 22.64 14.91 5.81
CA ALA E 279 21.71 16.01 5.62
C ALA E 279 22.42 17.25 5.06
N VAL E 280 23.48 17.68 5.74
CA VAL E 280 24.27 18.81 5.25
C VAL E 280 24.70 18.58 3.81
N GLU E 281 25.20 17.37 3.52
CA GLU E 281 25.68 17.06 2.18
C GLU E 281 24.55 17.16 1.16
N ALA E 282 23.39 16.58 1.47
CA ALA E 282 22.28 16.58 0.51
C ALA E 282 21.78 17.98 0.22
N SER E 283 21.67 18.83 1.24
CA SER E 283 21.23 20.21 1.03
C SER E 283 22.24 20.99 0.19
N CYS E 284 23.53 20.92 0.56
CA CYS E 284 24.56 21.56 -0.25
C CYS E 284 24.53 21.08 -1.71
N ILE E 285 24.43 19.78 -1.92
CA ILE E 285 24.46 19.24 -3.29
C ILE E 285 23.22 19.68 -4.08
N ARG E 286 22.05 19.69 -3.44
CA ARG E 286 20.87 20.21 -4.11
C ARG E 286 21.02 21.70 -4.44
N THR E 287 21.66 22.46 -3.54
CA THR E 287 21.90 23.87 -3.83
C THR E 287 22.74 24.04 -5.09
N ARG E 288 23.78 23.22 -5.27
CA ARG E 288 24.58 23.33 -6.50
C ARG E 288 23.77 22.94 -7.73
N GLU E 289 22.92 21.91 -7.62
CA GLU E 289 22.02 21.59 -8.73
C GLU E 289 21.13 22.77 -9.11
N LEU E 290 20.55 23.44 -8.12
CA LEU E 290 19.76 24.63 -8.40
C LEU E 290 20.61 25.72 -9.07
N GLN E 291 21.87 25.86 -8.66
CA GLN E 291 22.75 26.82 -9.33
C GLN E 291 23.10 26.35 -10.74
N SER E 292 23.42 25.08 -10.91
CA SER E 292 23.71 24.55 -12.24
C SER E 292 22.48 24.67 -13.14
N MET E 293 21.31 24.27 -12.64
CA MET E 293 20.08 24.37 -13.43
C MET E 293 19.78 25.79 -13.84
N ALA E 294 20.23 26.77 -13.04
CA ALA E 294 20.01 28.17 -13.40
C ALA E 294 20.57 28.47 -14.79
N ASP E 295 21.75 27.94 -15.10
CA ASP E 295 22.48 28.31 -16.30
C ASP E 295 22.40 27.23 -17.39
S SO4 F . -4.16 6.94 23.31
O1 SO4 F . -5.07 6.31 24.25
O2 SO4 F . -2.87 6.28 23.27
O3 SO4 F . -4.79 6.80 21.98
O4 SO4 F . -3.99 8.36 23.65
C01 ZRI G . -0.78 4.80 -12.80
C02 ZRI G . -1.10 6.24 -12.38
C03 ZRI G . -0.17 7.34 -12.77
C04 ZRI G . -1.51 7.19 -13.53
C05 ZRI G . -2.83 7.95 -13.53
C06 ZRI G . -3.35 8.47 -14.73
C07 ZRI G . -4.55 9.10 -14.68
C08 ZRI G . -5.21 9.22 -13.51
C09 ZRI G . -4.71 8.69 -12.35
N01 ZRI G . -3.52 8.04 -12.33
O01 ZRI G . -1.64 4.14 -13.46
O02 ZRI G . 0.31 4.27 -12.46
S SO4 H . -0.84 4.81 -12.83
O1 SO4 H . 0.53 4.63 -12.35
O2 SO4 H . -1.60 5.59 -11.85
O3 SO4 H . -0.79 5.49 -14.13
O4 SO4 H . -1.48 3.50 -12.94
S SO4 I . -4.74 -20.73 11.08
O1 SO4 I . -5.13 -21.55 12.21
O2 SO4 I . -3.85 -19.66 11.53
O3 SO4 I . -5.91 -20.11 10.44
O4 SO4 I . -4.05 -21.57 10.11
S SO4 J . 19.33 -26.52 -22.40
O1 SO4 J . 19.83 -25.26 -21.84
O2 SO4 J . 19.72 -27.60 -21.50
O3 SO4 J . 19.93 -26.71 -23.74
O4 SO4 J . 17.87 -26.46 -22.53
S SO4 K . 16.99 -18.94 -18.26
O1 SO4 K . 17.67 -18.00 -17.37
O2 SO4 K . 17.64 -20.25 -18.12
O3 SO4 K . 17.06 -18.49 -19.65
O4 SO4 K . 15.59 -19.03 -17.87
S SO4 L . 23.91 11.80 33.60
O1 SO4 L . 23.38 11.55 34.92
O2 SO4 L . 25.32 12.23 33.64
O3 SO4 L . 23.85 10.57 32.83
O4 SO4 L . 23.15 12.87 32.95
#